data_2OE8
# 
_entry.id   2OE8 
# 
_audit_conform.dict_name       mmcif_pdbx.dic 
_audit_conform.dict_version    5.377 
_audit_conform.dict_location   http://mmcif.pdb.org/dictionaries/ascii/mmcif_pdbx.dic 
# 
loop_
_database_2.database_id 
_database_2.database_code 
_database_2.pdbx_database_accession 
_database_2.pdbx_DOI 
PDB   2OE8         pdb_00002oe8 10.2210/pdb2oe8/pdb 
NDB   DR0036       ?            ?                   
RCSB  RCSB041024   ?            ?                   
WWPDB D_1000041024 ?            ?                   
# 
loop_
_pdbx_database_related.db_name 
_pdbx_database_related.db_id 
_pdbx_database_related.details 
_pdbx_database_related.content_type 
PDB 2OE5 
;1.5 A X-ray crystal structure of Apramycin complex with RNA fragment GGCGUCGCUAGUACCG/GGUACUAAAAGUCGCCC containing the human ribosomal decoding A site: RNA construct with 3'-overhang
;
unspecified 
PDB 2OE6 
;2.4 A X-ray crystal structure of unliganded RNA fragment    
GGGCGUCGCUAGUACC/CGGUACUAAAAGUCGCC    
containing the human ribosomal decoding A site: RNA construct with 5'-overhang
;
unspecified 
# 
_pdbx_database_status.status_code                     REL 
_pdbx_database_status.entry_id                        2OE8 
_pdbx_database_status.recvd_initial_deposition_date   2006-12-28 
_pdbx_database_status.deposit_site                    RCSB 
_pdbx_database_status.process_site                    RCSB 
_pdbx_database_status.status_code_sf                  REL 
_pdbx_database_status.status_code_mr                  ? 
_pdbx_database_status.SG_entry                        ? 
_pdbx_database_status.pdb_format_compatible           Y 
_pdbx_database_status.status_code_cs                  ? 
_pdbx_database_status.status_code_nmr_data            ? 
_pdbx_database_status.methods_development_category    ? 
# 
loop_
_audit_author.name 
_audit_author.pdbx_ordinal 
'Hermann, T.'  1 
'Tereshko, V.' 2 
'Skripkin, E.' 3 
'Patel, D.J.'  4 
# 
_citation.id                        primary 
_citation.title                     'Apramycin recognition by the human ribosomal decoding site.' 
_citation.journal_abbrev            'Blood Cells Mol.Dis.' 
_citation.journal_volume            38 
_citation.page_first                193 
_citation.page_last                 198 
_citation.year                      2007 
_citation.journal_id_ASTM           ? 
_citation.country                   US 
_citation.journal_id_ISSN           1079-9796 
_citation.journal_id_CSD            ? 
_citation.book_publisher            ? 
_citation.pdbx_database_id_PubMed   17258916 
_citation.pdbx_database_id_DOI      10.1016/j.bcmd.2006.11.006 
# 
loop_
_citation_author.citation_id 
_citation_author.name 
_citation_author.ordinal 
_citation_author.identifier_ORCID 
primary 'Hermann, T.'  1 ? 
primary 'Tereshko, V.' 2 ? 
primary 'Skripkin, E.' 3 ? 
primary 'Patel, D.J.'  4 ? 
# 
_cell.entry_id           2OE8 
_cell.length_a           27.858 
_cell.length_b           37.259 
_cell.length_c           85.586 
_cell.angle_alpha        90.00 
_cell.angle_beta         90.00 
_cell.angle_gamma        90.00 
_cell.Z_PDB              4 
_cell.pdbx_unique_axis   ? 
_cell.length_a_esd       ? 
_cell.length_b_esd       ? 
_cell.length_c_esd       ? 
_cell.angle_alpha_esd    ? 
_cell.angle_beta_esd     ? 
_cell.angle_gamma_esd    ? 
# 
_symmetry.entry_id                         2OE8 
_symmetry.space_group_name_H-M             'P 21 21 21' 
_symmetry.pdbx_full_space_group_name_H-M   ? 
_symmetry.cell_setting                     ? 
_symmetry.Int_Tables_number                19 
_symmetry.space_group_name_Hall            ? 
# 
loop_
_entity.id 
_entity.type 
_entity.src_method 
_entity.pdbx_description 
_entity.formula_weight 
_entity.pdbx_number_of_molecules 
_entity.pdbx_ec 
_entity.pdbx_mutation 
_entity.pdbx_fragment 
_entity.details 
1 polymer     syn 
;RNA (5'-R(*GP*GP*GP*CP*GP*UP*CP*GP*CP*UP*AP*GP*UP*AP*CP*C)-3')
;
5129.095 1   ? ? ? ? 
2 polymer     syn 
;RNA (5'-R(*CP*GP*GP*UP*AP*CP*UP*AP*AP*AP*AP*GP*UP*CP*GP*CP*C)-3')
;
5426.301 1   ? ? ? ? 
3 non-polymer syn APRAMYCIN                                                           539.577  1   ? ? ? ? 
4 water       nat water                                                               18.015   151 ? ? ? ? 
# 
loop_
_entity_poly.entity_id 
_entity_poly.type 
_entity_poly.nstd_linkage 
_entity_poly.nstd_monomer 
_entity_poly.pdbx_seq_one_letter_code 
_entity_poly.pdbx_seq_one_letter_code_can 
_entity_poly.pdbx_strand_id 
_entity_poly.pdbx_target_identifier 
1 polyribonucleotide no no GGGCGUCGCUAGUACC  GGGCGUCGCUAGUACC  A ? 
2 polyribonucleotide no no CGGUACUAAAAGUCGCC CGGUACUAAAAGUCGCC B ? 
# 
loop_
_entity_poly_seq.entity_id 
_entity_poly_seq.num 
_entity_poly_seq.mon_id 
_entity_poly_seq.hetero 
1 1  G n 
1 2  G n 
1 3  G n 
1 4  C n 
1 5  G n 
1 6  U n 
1 7  C n 
1 8  G n 
1 9  C n 
1 10 U n 
1 11 A n 
1 12 G n 
1 13 U n 
1 14 A n 
1 15 C n 
1 16 C n 
2 1  C n 
2 2  G n 
2 3  G n 
2 4  U n 
2 5  A n 
2 6  C n 
2 7  U n 
2 8  A n 
2 9  A n 
2 10 A n 
2 11 A n 
2 12 G n 
2 13 U n 
2 14 C n 
2 15 G n 
2 16 C n 
2 17 C n 
# 
loop_
_pdbx_entity_src_syn.entity_id 
_pdbx_entity_src_syn.pdbx_src_id 
_pdbx_entity_src_syn.pdbx_alt_source_flag 
_pdbx_entity_src_syn.pdbx_beg_seq_num 
_pdbx_entity_src_syn.pdbx_end_seq_num 
_pdbx_entity_src_syn.organism_scientific 
_pdbx_entity_src_syn.organism_common_name 
_pdbx_entity_src_syn.ncbi_taxonomy_id 
_pdbx_entity_src_syn.details 
1 1 sample ? ? ? ? ? 'chemically synthesized' 
2 1 sample ? ? ? ? ? 'chemically synthesized' 
# 
loop_
_struct_ref.id 
_struct_ref.entity_id 
_struct_ref.db_name 
_struct_ref.db_code 
_struct_ref.pdbx_db_accession 
_struct_ref.pdbx_db_isoform 
_struct_ref.pdbx_seq_one_letter_code 
_struct_ref.pdbx_align_begin 
1 1 PDB 2OE8 2OE8 ? ? ? 
2 2 PDB 2OE8 2OE8 ? ? ? 
# 
loop_
_struct_ref_seq.align_id 
_struct_ref_seq.ref_id 
_struct_ref_seq.pdbx_PDB_id_code 
_struct_ref_seq.pdbx_strand_id 
_struct_ref_seq.seq_align_beg 
_struct_ref_seq.pdbx_seq_align_beg_ins_code 
_struct_ref_seq.seq_align_end 
_struct_ref_seq.pdbx_seq_align_end_ins_code 
_struct_ref_seq.pdbx_db_accession 
_struct_ref_seq.db_align_beg 
_struct_ref_seq.pdbx_db_align_beg_ins_code 
_struct_ref_seq.db_align_end 
_struct_ref_seq.pdbx_db_align_end_ins_code 
_struct_ref_seq.pdbx_auth_seq_align_beg 
_struct_ref_seq.pdbx_auth_seq_align_end 
1 1 2OE8 A 1 ? 16 ? 2OE8 1  ? 16 ? 1  16 
2 2 2OE8 B 1 ? 17 ? 2OE8 83 ? 99 ? 83 99 
# 
loop_
_chem_comp.id 
_chem_comp.type 
_chem_comp.mon_nstd_flag 
_chem_comp.name 
_chem_comp.pdbx_synonyms 
_chem_comp.formula 
_chem_comp.formula_weight 
A   'RNA linking' y "ADENOSINE-5'-MONOPHOSPHATE" ? 'C10 H14 N5 O7 P' 347.221 
AM2 non-polymer   . APRAMYCIN                    
;NEBRAMYCIN II; 4-O-(3ALPHA-AMINO-6ALPHA-((4-AMINO-4-DEOXY-ALPHA-D-GLUCOPYRANOSYL)OXY)-2,3,4,5ABETA,6,7,8,8AALPHA-OCTAHYDRO-8BETA-HYDROXY-7BETA-(METHYLAMINO)PYRANO(3,2-B)PYRAN-2ALPHA-YL)-2-DEOXY-D-STREPTAMINE
;
'C21 H41 N5 O11'  539.577 
C   'RNA linking' y "CYTIDINE-5'-MONOPHOSPHATE"  ? 'C9 H14 N3 O8 P'  323.197 
G   'RNA linking' y "GUANOSINE-5'-MONOPHOSPHATE" ? 'C10 H14 N5 O8 P' 363.221 
HOH non-polymer   . WATER                        ? 'H2 O'            18.015  
U   'RNA linking' y "URIDINE-5'-MONOPHOSPHATE"   ? 'C9 H13 N2 O9 P'  324.181 
# 
_exptl.entry_id          2OE8 
_exptl.method            'X-RAY DIFFRACTION' 
_exptl.crystals_number   1 
# 
_exptl_crystal.id                    1 
_exptl_crystal.density_meas          ? 
_exptl_crystal.density_Matthews      2.10 
_exptl_crystal.density_percent_sol   41.54 
_exptl_crystal.description           ? 
_exptl_crystal.F_000                 ? 
_exptl_crystal.preparation           ? 
# 
_exptl_crystal_grow.crystal_id      1 
_exptl_crystal_grow.method          'VAPOR DIFFUSION, HANGING DROP' 
_exptl_crystal_grow.temp            298 
_exptl_crystal_grow.temp_details    ? 
_exptl_crystal_grow.pH              5.6 
_exptl_crystal_grow.pdbx_details    
'0.05M MES BUFFER, 15-20% MPD, 0.02-0.04M MAGNESIUM ACETATE, pH 6, VAPOR DIFFUSION, HANGING DROP, temperature 298K, pH 5.6' 
_exptl_crystal_grow.pdbx_pH_range   . 
# 
loop_
_exptl_crystal_grow_comp.crystal_id 
_exptl_crystal_grow_comp.id 
_exptl_crystal_grow_comp.sol_id 
_exptl_crystal_grow_comp.name 
_exptl_crystal_grow_comp.volume 
_exptl_crystal_grow_comp.conc 
_exptl_crystal_grow_comp.details 
1 1 1 'MES BUFFER'        ? ? ? 
1 2 1 MPD                 ? ? ? 
1 3 1 'MAGNESIUM ACETATE' ? ? ? 
1 4 2 MPD                 ? ? ? 
1 5 2 'MAGNESIUM ACETATE' ? ? ? 
# 
_diffrn.id                     1 
_diffrn.ambient_temp           100 
_diffrn.ambient_temp_details   ? 
_diffrn.crystal_id             1 
# 
_diffrn_detector.diffrn_id              1 
_diffrn_detector.detector               CCD 
_diffrn_detector.type                   'ADSC QUANTUM 4' 
_diffrn_detector.pdbx_collection_date   2000-04-01 
_diffrn_detector.details                ? 
# 
_diffrn_radiation.diffrn_id                        1 
_diffrn_radiation.wavelength_id                    1 
_diffrn_radiation.pdbx_monochromatic_or_laue_m_l   M 
_diffrn_radiation.monochromator                    ? 
_diffrn_radiation.pdbx_diffrn_protocol             'SINGLE WAVELENGTH' 
_diffrn_radiation.pdbx_scattering_type             x-ray 
# 
_diffrn_radiation_wavelength.id           1 
_diffrn_radiation_wavelength.wavelength   1.0000 
_diffrn_radiation_wavelength.wt           1.0 
# 
_diffrn_source.diffrn_id                   1 
_diffrn_source.source                      SYNCHROTRON 
_diffrn_source.type                        'NSLS BEAMLINE X9A' 
_diffrn_source.pdbx_synchrotron_site       NSLS 
_diffrn_source.pdbx_synchrotron_beamline   X9A 
_diffrn_source.pdbx_wavelength             ? 
_diffrn_source.pdbx_wavelength_list        1.0000 
# 
_reflns.entry_id                     2OE8 
_reflns.observed_criterion_sigma_F   0 
_reflns.observed_criterion_sigma_I   0 
_reflns.d_resolution_high            1.8 
_reflns.d_resolution_low             20 
_reflns.number_all                   8704 
_reflns.number_obs                   8704 
_reflns.percent_possible_obs         99.44 
_reflns.pdbx_Rmerge_I_obs            ? 
_reflns.pdbx_Rsym_value              ? 
_reflns.pdbx_netI_over_sigmaI        ? 
_reflns.B_iso_Wilson_estimate        ? 
_reflns.pdbx_redundancy              ? 
_reflns.R_free_details               ? 
_reflns.pdbx_chi_squared             ? 
_reflns.pdbx_scaling_rejects         ? 
_reflns.pdbx_ordinal                 1 
_reflns.pdbx_diffrn_id               1 
# 
_refine.entry_id                                 2OE8 
_refine.ls_number_reflns_obs                     8264 
_refine.ls_number_reflns_all                     ? 
_refine.pdbx_ls_sigma_I                          ? 
_refine.pdbx_ls_sigma_F                          ? 
_refine.pdbx_data_cutoff_high_absF               ? 
_refine.pdbx_data_cutoff_low_absF                ? 
_refine.pdbx_data_cutoff_high_rms_absF           ? 
_refine.ls_d_res_low                             20.00 
_refine.ls_d_res_high                            1.80 
_refine.ls_percent_reflns_obs                    99.44 
_refine.ls_R_factor_obs                          0.20984 
_refine.ls_R_factor_all                          ? 
_refine.ls_R_factor_R_work                       0.20836 
_refine.ls_R_factor_R_free                       0.23611 
_refine.ls_R_factor_R_free_error                 ? 
_refine.ls_R_factor_R_free_error_details         ? 
_refine.ls_percent_reflns_R_free                 5.1 
_refine.ls_number_reflns_R_free                  440 
_refine.ls_number_parameters                     ? 
_refine.ls_number_restraints                     ? 
_refine.occupancy_min                            ? 
_refine.occupancy_max                            ? 
_refine.correlation_coeff_Fo_to_Fc               0.963 
_refine.correlation_coeff_Fo_to_Fc_free          0.952 
_refine.B_iso_mean                               24.678 
_refine.aniso_B[1][1]                            -1.77 
_refine.aniso_B[2][2]                            2.83 
_refine.aniso_B[3][3]                            -1.05 
_refine.aniso_B[1][2]                            0.00 
_refine.aniso_B[1][3]                            0.00 
_refine.aniso_B[2][3]                            0.00 
_refine.solvent_model_details                    'BABINET MODEL WITH MASK' 
_refine.solvent_model_param_ksol                 ? 
_refine.solvent_model_param_bsol                 ? 
_refine.pdbx_solvent_vdw_probe_radii             1.40 
_refine.pdbx_solvent_ion_probe_radii             0.80 
_refine.pdbx_solvent_shrinkage_radii             0.80 
_refine.pdbx_ls_cross_valid_method               THROUGHOUT 
_refine.details                                  'HYDROGENS HAVE BEEN ADDED IN THE RIDING POSITIONS' 
_refine.pdbx_starting_model                      2OE5 
_refine.pdbx_method_to_determine_struct          'MOLECULAR REPLACEMENT' 
_refine.pdbx_isotropic_thermal_model             ? 
_refine.pdbx_stereochemistry_target_values       'MAXIMUM LIKELIHOOD' 
_refine.pdbx_stereochem_target_val_spec_case     ? 
_refine.pdbx_R_Free_selection_details            RANDOM 
_refine.pdbx_overall_ESU_R                       0.166 
_refine.pdbx_overall_ESU_R_Free                  0.142 
_refine.overall_SU_ML                            0.094 
_refine.overall_SU_B                             3.144 
_refine.ls_redundancy_reflns_obs                 ? 
_refine.overall_SU_R_Cruickshank_DPI             ? 
_refine.overall_SU_R_free                        ? 
_refine.ls_wR_factor_R_free                      ? 
_refine.ls_wR_factor_R_work                      ? 
_refine.overall_FOM_free_R_set                   ? 
_refine.overall_FOM_work_R_set                   ? 
_refine.pdbx_refine_id                           'X-RAY DIFFRACTION' 
_refine.pdbx_TLS_residual_ADP_flag               'LIKELY RESIDUAL' 
_refine.pdbx_diffrn_id                           1 
_refine.pdbx_overall_phase_error                 ? 
_refine.pdbx_overall_SU_R_free_Cruickshank_DPI   ? 
_refine.pdbx_overall_SU_R_Blow_DPI               ? 
_refine.pdbx_overall_SU_R_free_Blow_DPI          ? 
# 
_refine_hist.pdbx_refine_id                   'X-RAY DIFFRACTION' 
_refine_hist.cycle_id                         LAST 
_refine_hist.pdbx_number_atoms_protein        0 
_refine_hist.pdbx_number_atoms_nucleic_acid   698 
_refine_hist.pdbx_number_atoms_ligand         37 
_refine_hist.number_atoms_solvent             151 
_refine_hist.number_atoms_total               886 
_refine_hist.d_res_high                       1.80 
_refine_hist.d_res_low                        20.00 
# 
loop_
_refine_ls_restr.type 
_refine_ls_restr.dev_ideal 
_refine_ls_restr.dev_ideal_target 
_refine_ls_restr.weight 
_refine_ls_restr.number 
_refine_ls_restr.pdbx_refine_id 
_refine_ls_restr.pdbx_restraint_function 
r_bond_refined_d             0.013 0.021 ? 819  'X-RAY DIFFRACTION' ? 
r_bond_other_d               0.005 0.020 ? 297  'X-RAY DIFFRACTION' ? 
r_angle_refined_deg          1.817 3.000 ? 1271 'X-RAY DIFFRACTION' ? 
r_angle_other_deg            1.909 3.000 ? 779  'X-RAY DIFFRACTION' ? 
r_dihedral_angle_1_deg       ?     ?     ? ?    'X-RAY DIFFRACTION' ? 
r_dihedral_angle_2_deg       ?     ?     ? ?    'X-RAY DIFFRACTION' ? 
r_dihedral_angle_3_deg       ?     ?     ? ?    'X-RAY DIFFRACTION' ? 
r_dihedral_angle_4_deg       ?     ?     ? ?    'X-RAY DIFFRACTION' ? 
r_chiral_restr               0.623 0.200 ? 149  'X-RAY DIFFRACTION' ? 
r_gen_planes_refined         0.012 0.020 ? 344  'X-RAY DIFFRACTION' ? 
r_gen_planes_other           0.003 0.020 ? 1    'X-RAY DIFFRACTION' ? 
r_nbd_refined                0.112 0.300 ? 101  'X-RAY DIFFRACTION' ? 
r_nbd_other                  0.220 0.300 ? 379  'X-RAY DIFFRACTION' ? 
r_nbtor_refined              ?     ?     ? ?    'X-RAY DIFFRACTION' ? 
r_nbtor_other                ?     ?     ? ?    'X-RAY DIFFRACTION' ? 
r_xyhbond_nbd_refined        0.186 0.500 ? 104  'X-RAY DIFFRACTION' ? 
r_xyhbond_nbd_other          0.050 0.500 ? 4    'X-RAY DIFFRACTION' ? 
r_metal_ion_refined          ?     ?     ? ?    'X-RAY DIFFRACTION' ? 
r_metal_ion_other            ?     ?     ? ?    'X-RAY DIFFRACTION' ? 
r_symmetry_vdw_refined       0.098 0.300 ? 13   'X-RAY DIFFRACTION' ? 
r_symmetry_vdw_other         0.187 0.300 ? 20   'X-RAY DIFFRACTION' ? 
r_symmetry_hbond_refined     0.147 0.500 ? 7    'X-RAY DIFFRACTION' ? 
r_symmetry_hbond_other       ?     ?     ? ?    'X-RAY DIFFRACTION' ? 
r_symmetry_metal_ion_refined ?     ?     ? ?    'X-RAY DIFFRACTION' ? 
r_symmetry_metal_ion_other   ?     ?     ? ?    'X-RAY DIFFRACTION' ? 
r_mcbond_it                  ?     ?     ? ?    'X-RAY DIFFRACTION' ? 
r_mcbond_other               ?     ?     ? ?    'X-RAY DIFFRACTION' ? 
r_mcangle_it                 ?     ?     ? ?    'X-RAY DIFFRACTION' ? 
r_scbond_it                  1.855 3.000 ? 819  'X-RAY DIFFRACTION' ? 
r_scangle_it                 2.546 4.500 ? 1271 'X-RAY DIFFRACTION' ? 
r_rigid_bond_restr           ?     ?     ? ?    'X-RAY DIFFRACTION' ? 
r_sphericity_free            ?     ?     ? ?    'X-RAY DIFFRACTION' ? 
r_sphericity_bonded          ?     ?     ? ?    'X-RAY DIFFRACTION' ? 
# 
_refine_ls_shell.pdbx_total_number_of_bins_used   20 
_refine_ls_shell.d_res_high                       1.800 
_refine_ls_shell.d_res_low                        1.846 
_refine_ls_shell.number_reflns_R_work             594 
_refine_ls_shell.R_factor_R_work                  0.291 
_refine_ls_shell.percent_reflns_obs               ? 
_refine_ls_shell.R_factor_R_free                  0.437 
_refine_ls_shell.R_factor_R_free_error            ? 
_refine_ls_shell.percent_reflns_R_free            ? 
_refine_ls_shell.number_reflns_R_free             33 
_refine_ls_shell.number_reflns_all                ? 
_refine_ls_shell.R_factor_all                     ? 
_refine_ls_shell.number_reflns_obs                ? 
_refine_ls_shell.redundancy_reflns_obs            ? 
_refine_ls_shell.pdbx_refine_id                   'X-RAY DIFFRACTION' 
# 
_struct.entry_id                  2OE8 
_struct.title                     
;1.8 A X-ray crystal structure of Apramycin complex with RNA fragment GGGCGUCGCUAGUACC/CGGUACUAAAAGUCGCC containing the human ribosomal decoding A site: RNA construct with 5'-overhang
;
_struct.pdbx_model_details        ? 
_struct.pdbx_CASP_flag            ? 
_struct.pdbx_model_type_details   ? 
# 
_struct_keywords.entry_id        2OE8 
_struct_keywords.pdbx_keywords   RNA 
_struct_keywords.text            
'Aminoglycoside antibiotics, Apramycin, Ribosomal decoding site, A site, Homo sapiens, RNA duplex, RNA' 
# 
loop_
_struct_asym.id 
_struct_asym.pdbx_blank_PDB_chainid_flag 
_struct_asym.pdbx_modified 
_struct_asym.entity_id 
_struct_asym.details 
A N N 1 ? 
B N N 2 ? 
C N N 3 ? 
D N N 4 ? 
E N N 4 ? 
# 
_struct_biol.id   1 
# 
loop_
_struct_conn.id 
_struct_conn.conn_type_id 
_struct_conn.pdbx_leaving_atom_flag 
_struct_conn.pdbx_PDB_id 
_struct_conn.ptnr1_label_asym_id 
_struct_conn.ptnr1_label_comp_id 
_struct_conn.ptnr1_label_seq_id 
_struct_conn.ptnr1_label_atom_id 
_struct_conn.pdbx_ptnr1_label_alt_id 
_struct_conn.pdbx_ptnr1_PDB_ins_code 
_struct_conn.pdbx_ptnr1_standard_comp_id 
_struct_conn.ptnr1_symmetry 
_struct_conn.ptnr2_label_asym_id 
_struct_conn.ptnr2_label_comp_id 
_struct_conn.ptnr2_label_seq_id 
_struct_conn.ptnr2_label_atom_id 
_struct_conn.pdbx_ptnr2_label_alt_id 
_struct_conn.pdbx_ptnr2_PDB_ins_code 
_struct_conn.ptnr1_auth_asym_id 
_struct_conn.ptnr1_auth_comp_id 
_struct_conn.ptnr1_auth_seq_id 
_struct_conn.ptnr2_auth_asym_id 
_struct_conn.ptnr2_auth_comp_id 
_struct_conn.ptnr2_auth_seq_id 
_struct_conn.ptnr2_symmetry 
_struct_conn.pdbx_ptnr3_label_atom_id 
_struct_conn.pdbx_ptnr3_label_seq_id 
_struct_conn.pdbx_ptnr3_label_comp_id 
_struct_conn.pdbx_ptnr3_label_asym_id 
_struct_conn.pdbx_ptnr3_label_alt_id 
_struct_conn.pdbx_ptnr3_PDB_ins_code 
_struct_conn.details 
_struct_conn.pdbx_dist_value 
_struct_conn.pdbx_value_order 
_struct_conn.pdbx_role 
hydrog1  hydrog ? ? A G 2  N1 ? ? ? 1_555 B C 17 N3 ? ? A G 2    B C 99   1_555 ? ? ? ? ? ? WATSON-CRICK  ? ? ? 
hydrog2  hydrog ? ? A G 2  N2 ? ? ? 1_555 B C 17 O2 ? ? A G 2    B C 99   1_555 ? ? ? ? ? ? WATSON-CRICK  ? ? ? 
hydrog3  hydrog ? ? A G 2  O6 ? ? ? 1_555 B C 17 N4 ? ? A G 2    B C 99   1_555 ? ? ? ? ? ? WATSON-CRICK  ? ? ? 
hydrog4  hydrog ? ? A G 3  N1 ? ? ? 1_555 B C 16 N3 ? ? A G 3    B C 98   1_555 ? ? ? ? ? ? WATSON-CRICK  ? ? ? 
hydrog5  hydrog ? ? A G 3  N2 ? ? ? 1_555 B C 16 O2 ? ? A G 3    B C 98   1_555 ? ? ? ? ? ? WATSON-CRICK  ? ? ? 
hydrog6  hydrog ? ? A G 3  O6 ? ? ? 1_555 B C 16 N4 ? ? A G 3    B C 98   1_555 ? ? ? ? ? ? WATSON-CRICK  ? ? ? 
hydrog7  hydrog ? ? A C 4  N3 ? ? ? 1_555 B G 15 N1 ? ? A C 1404 B G 1497 1_555 ? ? ? ? ? ? WATSON-CRICK  ? ? ? 
hydrog8  hydrog ? ? A C 4  N4 ? ? ? 1_555 B G 15 O6 ? ? A C 1404 B G 1497 1_555 ? ? ? ? ? ? WATSON-CRICK  ? ? ? 
hydrog9  hydrog ? ? A C 4  O2 ? ? ? 1_555 B G 15 N2 ? ? A C 1404 B G 1497 1_555 ? ? ? ? ? ? WATSON-CRICK  ? ? ? 
hydrog10 hydrog ? ? A G 5  N1 ? ? ? 1_555 B C 14 N3 ? ? A G 1405 B C 1496 1_555 ? ? ? ? ? ? WATSON-CRICK  ? ? ? 
hydrog11 hydrog ? ? A G 5  N2 ? ? ? 1_555 B C 14 O2 ? ? A G 1405 B C 1496 1_555 ? ? ? ? ? ? WATSON-CRICK  ? ? ? 
hydrog12 hydrog ? ? A G 5  O6 ? ? ? 1_555 B C 14 N4 ? ? A G 1405 B C 1496 1_555 ? ? ? ? ? ? WATSON-CRICK  ? ? ? 
hydrog13 hydrog ? ? A U 6  N3 ? ? ? 1_555 B U 13 O2 ? ? A U 1406 B U 1495 1_555 ? ? ? ? ? ? TYPE_16_PAIR  ? ? ? 
hydrog14 hydrog ? ? A U 6  O4 ? ? ? 1_555 B U 13 N3 ? ? A U 1406 B U 1495 1_555 ? ? ? ? ? ? TYPE_16_PAIR  ? ? ? 
hydrog15 hydrog ? ? A C 7  N3 ? ? ? 1_555 B G 12 N1 ? ? A C 1407 B G 1494 1_555 ? ? ? ? ? ? WATSON-CRICK  ? ? ? 
hydrog16 hydrog ? ? A C 7  N4 ? ? ? 1_555 B G 12 O6 ? ? A C 1407 B G 1494 1_555 ? ? ? ? ? ? WATSON-CRICK  ? ? ? 
hydrog17 hydrog ? ? A C 7  O2 ? ? ? 1_555 B G 12 N2 ? ? A C 1407 B G 1494 1_555 ? ? ? ? ? ? WATSON-CRICK  ? ? ? 
hydrog18 hydrog ? ? A G 8  N2 ? ? ? 1_555 B A 11 N7 ? ? A G 1408 B A 1493 1_555 ? ? ? ? ? ? 'G-A MISPAIR' ? ? ? 
hydrog19 hydrog ? ? A C 9  N4 ? ? ? 1_555 B A 10 N3 ? ? A C 1409 B A 1492 1_555 ? ? ? ? ? ? 'C-A MISPAIR' ? ? ? 
hydrog20 hydrog ? ? A U 10 N3 ? ? ? 1_555 B A 8  N1 ? ? A U 1410 B A 1490 1_555 ? ? ? ? ? ? WATSON-CRICK  ? ? ? 
hydrog21 hydrog ? ? A U 10 O4 ? ? ? 1_555 B A 8  N6 ? ? A U 1410 B A 1490 1_555 ? ? ? ? ? ? WATSON-CRICK  ? ? ? 
hydrog22 hydrog ? ? A A 11 N1 ? ? ? 1_555 B U 7  N3 ? ? A A 1411 B U 1489 1_555 ? ? ? ? ? ? WATSON-CRICK  ? ? ? 
hydrog23 hydrog ? ? A A 11 N6 ? ? ? 1_555 B U 7  O4 ? ? A A 1411 B U 1489 1_555 ? ? ? ? ? ? WATSON-CRICK  ? ? ? 
hydrog24 hydrog ? ? A G 12 N1 ? ? ? 1_555 B C 6  N3 ? ? A G 1412 B C 1488 1_555 ? ? ? ? ? ? WATSON-CRICK  ? ? ? 
hydrog25 hydrog ? ? A G 12 N2 ? ? ? 1_555 B C 6  O2 ? ? A G 1412 B C 1488 1_555 ? ? ? ? ? ? WATSON-CRICK  ? ? ? 
hydrog26 hydrog ? ? A G 12 O6 ? ? ? 1_555 B C 6  N4 ? ? A G 1412 B C 1488 1_555 ? ? ? ? ? ? WATSON-CRICK  ? ? ? 
hydrog27 hydrog ? ? A U 13 N3 ? ? ? 1_555 B A 5  N1 ? ? A U 1413 B A 1487 1_555 ? ? ? ? ? ? WATSON-CRICK  ? ? ? 
hydrog28 hydrog ? ? A U 13 O4 ? ? ? 1_555 B A 5  N6 ? ? A U 1413 B A 1487 1_555 ? ? ? ? ? ? WATSON-CRICK  ? ? ? 
hydrog29 hydrog ? ? A A 14 N1 ? ? ? 1_555 B U 4  N3 ? ? A A 14   B U 86   1_555 ? ? ? ? ? ? WATSON-CRICK  ? ? ? 
hydrog30 hydrog ? ? A A 14 N6 ? ? ? 1_555 B U 4  O4 ? ? A A 14   B U 86   1_555 ? ? ? ? ? ? WATSON-CRICK  ? ? ? 
hydrog31 hydrog ? ? A C 15 N3 ? ? ? 1_555 B G 3  N1 ? ? A C 15   B G 85   1_555 ? ? ? ? ? ? WATSON-CRICK  ? ? ? 
hydrog32 hydrog ? ? A C 15 N4 ? ? ? 1_555 B G 3  O6 ? ? A C 15   B G 85   1_555 ? ? ? ? ? ? WATSON-CRICK  ? ? ? 
hydrog33 hydrog ? ? A C 15 O2 ? ? ? 1_555 B G 3  N2 ? ? A C 15   B G 85   1_555 ? ? ? ? ? ? WATSON-CRICK  ? ? ? 
hydrog34 hydrog ? ? A C 16 N3 ? ? ? 1_555 B G 2  N1 ? ? A C 16   B G 84   1_555 ? ? ? ? ? ? WATSON-CRICK  ? ? ? 
hydrog35 hydrog ? ? A C 16 N4 ? ? ? 1_555 B G 2  O6 ? ? A C 16   B G 84   1_555 ? ? ? ? ? ? WATSON-CRICK  ? ? ? 
hydrog36 hydrog ? ? A C 16 O2 ? ? ? 1_555 B G 2  N2 ? ? A C 16   B G 84   1_555 ? ? ? ? ? ? WATSON-CRICK  ? ? ? 
# 
_struct_conn_type.id          hydrog 
_struct_conn_type.criteria    ? 
_struct_conn_type.reference   ? 
# 
loop_
_struct_site.id 
_struct_site.pdbx_evidence_code 
_struct_site.pdbx_auth_asym_id 
_struct_site.pdbx_auth_comp_id 
_struct_site.pdbx_auth_seq_id 
_struct_site.pdbx_auth_ins_code 
_struct_site.pdbx_num_residues 
_struct_site.details 
AC1 Software B AM2 101 ? 25 'BINDING SITE FOR RESIDUE AM2 B 101' 
1   ?        ? ?   ?   ? ?  ?                                    
# 
loop_
_struct_site_gen.id 
_struct_site_gen.site_id 
_struct_site_gen.pdbx_num_res 
_struct_site_gen.label_comp_id 
_struct_site_gen.label_asym_id 
_struct_site_gen.label_seq_id 
_struct_site_gen.pdbx_auth_ins_code 
_struct_site_gen.auth_comp_id 
_struct_site_gen.auth_asym_id 
_struct_site_gen.auth_seq_id 
_struct_site_gen.label_atom_id 
_struct_site_gen.label_alt_id 
_struct_site_gen.symmetry 
_struct_site_gen.details 
1  AC1 25 HOH D .  ? HOH A 103  . ? 1_555 ? 
2  AC1 25 HOH D .  ? HOH A 126  . ? 1_555 ? 
3  AC1 25 HOH D .  ? HOH A 136  . ? 1_555 ? 
4  AC1 25 HOH D .  ? HOH A 140  . ? 1_555 ? 
5  AC1 25 HOH D .  ? HOH A 175  . ? 1_555 ? 
6  AC1 25 G   A 8  ? G   A 1408 . ? 1_555 ? 
7  AC1 25 C   A 9  ? C   A 1409 . ? 1_555 ? 
8  AC1 25 U   A 10 ? U   A 1410 . ? 1_555 ? 
9  AC1 25 A   A 11 ? A   A 1411 . ? 1_555 ? 
10 AC1 25 G   A 12 ? G   A 1412 . ? 1_555 ? 
11 AC1 25 U   A 13 ? U   A 1413 . ? 1_555 ? 
12 AC1 25 C   B 1  ? C   B 83   . ? 1_555 ? 
13 AC1 25 G   B 2  ? G   B 84   . ? 1_555 ? 
14 AC1 25 G   B 3  ? G   B 85   . ? 1_555 ? 
15 AC1 25 U   B 4  ? U   B 86   . ? 1_555 ? 
16 AC1 25 HOH E .  ? HOH B 104  . ? 1_555 ? 
17 AC1 25 HOH E .  ? HOH B 107  . ? 1_555 ? 
18 AC1 25 HOH E .  ? HOH B 120  . ? 1_555 ? 
19 AC1 25 HOH E .  ? HOH B 157  . ? 1_555 ? 
20 AC1 25 HOH E .  ? HOH B 178  . ? 1_555 ? 
21 AC1 25 HOH E .  ? HOH B 183  . ? 1_555 ? 
22 AC1 25 HOH E .  ? HOH B 218  . ? 1_555 ? 
23 AC1 25 A   B 5  ? A   B 1487 . ? 1_555 ? 
24 AC1 25 C   B 6  ? C   B 1488 . ? 1_555 ? 
25 AC1 25 U   B 7  ? U   B 1489 . ? 1_555 ? 
# 
_atom_sites.entry_id                    2OE8 
_atom_sites.fract_transf_matrix[1][1]   0.02903775 
_atom_sites.fract_transf_matrix[1][2]   0.00858159 
_atom_sites.fract_transf_matrix[1][3]   0.01927922 
_atom_sites.fract_transf_matrix[2][1]   -0.01176773 
_atom_sites.fract_transf_matrix[2][2]   0.02291861 
_atom_sites.fract_transf_matrix[2][3]   0.00752261 
_atom_sites.fract_transf_matrix[3][1]   -0.00457575 
_atom_sites.fract_transf_matrix[3][2]   -0.00540062 
_atom_sites.fract_transf_matrix[3][3]   0.00929579 
_atom_sites.fract_transf_vector[1]      0.652863 
_atom_sites.fract_transf_vector[2]      -0.046162 
_atom_sites.fract_transf_vector[3]      0.495471 
# 
loop_
_atom_type.symbol 
C 
N 
O 
P 
# 
loop_
_atom_site.group_PDB 
_atom_site.id 
_atom_site.type_symbol 
_atom_site.label_atom_id 
_atom_site.label_alt_id 
_atom_site.label_comp_id 
_atom_site.label_asym_id 
_atom_site.label_entity_id 
_atom_site.label_seq_id 
_atom_site.pdbx_PDB_ins_code 
_atom_site.Cartn_x 
_atom_site.Cartn_y 
_atom_site.Cartn_z 
_atom_site.occupancy 
_atom_site.B_iso_or_equiv 
_atom_site.pdbx_formal_charge 
_atom_site.auth_seq_id 
_atom_site.auth_comp_id 
_atom_site.auth_asym_id 
_atom_site.auth_atom_id 
_atom_site.pdbx_PDB_model_num 
ATOM   1   O "O5'" . G   A 1 1  ? 6.049   16.651  -9.533  1.00 48.63 ? 1    G   A "O5'" 1 
ATOM   2   C "C5'" . G   A 1 1  ? 5.117   17.723  -9.604  1.00 48.98 ? 1    G   A "C5'" 1 
ATOM   3   C "C4'" . G   A 1 1  ? 4.413   17.831  -10.945 1.00 48.83 ? 1    G   A "C4'" 1 
ATOM   4   O "O4'" . G   A 1 1  ? 5.373   18.065  -12.005 1.00 48.59 ? 1    G   A "O4'" 1 
ATOM   5   C "C3'" . G   A 1 1  ? 3.679   16.577  -11.394 1.00 49.74 ? 1    G   A "C3'" 1 
ATOM   6   O "O3'" . G   A 1 1  ? 2.358   16.520  -10.846 1.00 50.59 ? 1    G   A "O3'" 1 
ATOM   7   C "C2'" . G   A 1 1  ? 3.669   16.737  -12.908 1.00 48.48 ? 1    G   A "C2'" 1 
ATOM   8   O "O2'" . G   A 1 1  ? 2.634   17.594  -13.337 1.00 49.79 ? 1    G   A "O2'" 1 
ATOM   9   C "C1'" . G   A 1 1  ? 5.027   17.357  -13.180 1.00 46.67 ? 1    G   A "C1'" 1 
ATOM   10  N N9    . G   A 1 1  ? 6.055   16.342  -13.400 1.00 43.46 ? 1    G   A N9    1 
ATOM   11  C C8    . G   A 1 1  ? 7.115   16.083  -12.564 1.00 42.92 ? 1    G   A C8    1 
ATOM   12  N N7    . G   A 1 1  ? 7.870   15.097  -12.963 1.00 42.29 ? 1    G   A N7    1 
ATOM   13  C C5    . G   A 1 1  ? 7.258   14.682  -14.149 1.00 42.42 ? 1    G   A C5    1 
ATOM   14  C C6    . G   A 1 1  ? 7.629   13.653  -15.031 1.00 41.91 ? 1    G   A C6    1 
ATOM   15  O O6    . G   A 1 1  ? 8.600   12.887  -14.941 1.00 44.81 ? 1    G   A O6    1 
ATOM   16  N N1    . G   A 1 1  ? 6.758   13.560  -16.108 1.00 41.70 ? 1    G   A N1    1 
ATOM   17  C C2    . G   A 1 1  ? 5.661   14.354  -16.304 1.00 41.38 ? 1    G   A C2    1 
ATOM   18  N N2    . G   A 1 1  ? 4.936   14.083  -17.402 1.00 41.87 ? 1    G   A N2    1 
ATOM   19  N N3    . G   A 1 1  ? 5.291   15.326  -15.476 1.00 41.08 ? 1    G   A N3    1 
ATOM   20  C C4    . G   A 1 1  ? 6.143   15.434  -14.432 1.00 41.39 ? 1    G   A C4    1 
ATOM   21  P P     . G   A 1 2  ? 1.688   15.093  -10.516 1.00 50.00 ? 2    G   A P     1 
ATOM   22  O OP1   . G   A 1 2  ? 0.361   15.393  -9.954  1.00 51.75 ? 2    G   A OP1   1 
ATOM   23  O OP2   . G   A 1 2  ? 2.667   14.304  -9.739  1.00 51.90 ? 2    G   A OP2   1 
ATOM   24  O "O5'" . G   A 1 2  ? 1.483   14.417  -11.953 1.00 48.67 ? 2    G   A "O5'" 1 
ATOM   25  C "C5'" . G   A 1 2  ? 0.507   14.958  -12.839 1.00 45.55 ? 2    G   A "C5'" 1 
ATOM   26  C "C4'" . G   A 1 2  ? 0.344   14.075  -14.050 1.00 44.94 ? 2    G   A "C4'" 1 
ATOM   27  O "O4'" . G   A 1 2  ? 1.575   14.124  -14.808 1.00 43.15 ? 2    G   A "O4'" 1 
ATOM   28  C "C3'" . G   A 1 2  ? 0.139   12.594  -13.785 1.00 44.41 ? 2    G   A "C3'" 1 
ATOM   29  O "O3'" . G   A 1 2  ? -1.203  12.267  -13.454 1.00 45.89 ? 2    G   A "O3'" 1 
ATOM   30  C "C2'" . G   A 1 2  ? 0.586   12.014  -15.126 1.00 43.94 ? 2    G   A "C2'" 1 
ATOM   31  O "O2'" . G   A 1 2  ? -0.392  12.110  -16.154 1.00 43.62 ? 2    G   A "O2'" 1 
ATOM   32  C "C1'" . G   A 1 2  ? 1.778   12.907  -15.491 1.00 42.12 ? 2    G   A "C1'" 1 
ATOM   33  N N9    . G   A 1 2  ? 3.070   12.334  -15.092 1.00 37.87 ? 2    G   A N9    1 
ATOM   34  C C8    . G   A 1 2  ? 3.840   12.641  -13.995 1.00 35.07 ? 2    G   A C8    1 
ATOM   35  N N7    . G   A 1 2  ? 4.937   11.943  -13.921 1.00 35.05 ? 2    G   A N7    1 
ATOM   36  C C5    . G   A 1 2  ? 4.884   11.109  -15.033 1.00 36.40 ? 2    G   A C5    1 
ATOM   37  C C6    . G   A 1 2  ? 5.772   10.106  -15.492 1.00 38.51 ? 2    G   A C6    1 
ATOM   38  O O6    . G   A 1 2  ? 6.852   9.721   -15.024 1.00 38.05 ? 2    G   A O6    1 
ATOM   39  N N1    . G   A 1 2  ? 5.311   9.508   -16.668 1.00 40.13 ? 2    G   A N1    1 
ATOM   40  C C2    . G   A 1 2  ? 4.142   9.823   -17.321 1.00 39.99 ? 2    G   A C2    1 
ATOM   41  N N2    . G   A 1 2  ? 3.880   9.129   -18.449 1.00 39.99 ? 2    G   A N2    1 
ATOM   42  N N3    . G   A 1 2  ? 3.300   10.759  -16.903 1.00 37.15 ? 2    G   A N3    1 
ATOM   43  C C4    . G   A 1 2  ? 3.733   11.340  -15.760 1.00 37.17 ? 2    G   A C4    1 
ATOM   44  P P     . G   A 1 3  ? -1.545  10.898  -12.671 1.00 43.72 ? 3    G   A P     1 
ATOM   45  O OP1   . G   A 1 3  ? -3.002  10.894  -12.475 1.00 47.04 ? 3    G   A OP1   1 
ATOM   46  O OP2   . G   A 1 3  ? -0.673  10.768  -11.486 1.00 43.37 ? 3    G   A OP2   1 
ATOM   47  O "O5'" . G   A 1 3  ? -1.218  9.798   -13.756 1.00 42.93 ? 3    G   A "O5'" 1 
ATOM   48  C "C5'" . G   A 1 3  ? -2.008  9.766   -14.901 1.00 44.93 ? 3    G   A "C5'" 1 
ATOM   49  C "C4'" . G   A 1 3  ? -1.567  8.604   -15.732 1.00 45.75 ? 3    G   A "C4'" 1 
ATOM   50  O "O4'" . G   A 1 3  ? -0.275  8.895   -16.305 1.00 45.78 ? 3    G   A "O4'" 1 
ATOM   51  C "C3'" . G   A 1 3  ? -1.327  7.352   -14.913 1.00 45.57 ? 3    G   A "C3'" 1 
ATOM   52  O "O3'" . G   A 1 3  ? -2.540  6.708   -14.588 1.00 45.02 ? 3    G   A "O3'" 1 
ATOM   53  C "C2'" . G   A 1 3  ? -0.434  6.604   -15.876 1.00 44.94 ? 3    G   A "C2'" 1 
ATOM   54  O "O2'" . G   A 1 3  ? -1.134  6.106   -16.997 1.00 45.50 ? 3    G   A "O2'" 1 
ATOM   55  C "C1'" . G   A 1 3  ? 0.491   7.710   -16.349 1.00 45.39 ? 3    G   A "C1'" 1 
ATOM   56  N N9    . G   A 1 3  ? 1.652   7.877   -15.491 1.00 43.44 ? 3    G   A N9    1 
ATOM   57  C C8    . G   A 1 3  ? 1.796   8.735   -14.433 1.00 42.05 ? 3    G   A C8    1 
ATOM   58  N N7    . G   A 1 3  ? 2.952   8.640   -13.838 1.00 42.31 ? 3    G   A N7    1 
ATOM   59  C C5    . G   A 1 3  ? 3.606   7.646   -14.558 1.00 42.59 ? 3    G   A C5    1 
ATOM   60  C C6    . G   A 1 3  ? 4.886   7.098   -14.386 1.00 41.69 ? 3    G   A C6    1 
ATOM   61  O O6    . G   A 1 3  ? 5.723   7.402   -13.537 1.00 42.91 ? 3    G   A O6    1 
ATOM   62  N N1    . G   A 1 3  ? 5.155   6.112   -15.314 1.00 42.59 ? 3    G   A N1    1 
ATOM   63  C C2    . G   A 1 3  ? 4.298   5.688   -16.299 1.00 42.74 ? 3    G   A C2    1 
ATOM   64  N N2    . G   A 1 3  ? 4.721   4.714   -17.113 1.00 42.76 ? 3    G   A N2    1 
ATOM   65  N N3    . G   A 1 3  ? 3.089   6.187   -16.476 1.00 42.48 ? 3    G   A N3    1 
ATOM   66  C C4    . G   A 1 3  ? 2.821   7.161   -15.572 1.00 42.66 ? 3    G   A C4    1 
ATOM   67  P P     . C   A 1 4  ? -2.714  5.816   -13.252 1.00 45.93 ? 1404 C   A P     1 
ATOM   68  O OP1   . C   A 1 4  ? -4.115  5.305   -13.302 1.00 44.26 ? 1404 C   A OP1   1 
ATOM   69  O OP2   . C   A 1 4  ? -2.229  6.430   -12.009 1.00 42.48 ? 1404 C   A OP2   1 
ATOM   70  O "O5'" . C   A 1 4  ? -1.717  4.627   -13.544 1.00 40.41 ? 1404 C   A "O5'" 1 
ATOM   71  C "C5'" . C   A 1 4  ? -2.043  3.818   -14.649 1.00 38.70 ? 1404 C   A "C5'" 1 
ATOM   72  C "C4'" . C   A 1 4  ? -0.930  2.840   -14.871 1.00 37.65 ? 1404 C   A "C4'" 1 
ATOM   73  O "O4'" . C   A 1 4  ? 0.243   3.582   -15.283 1.00 34.58 ? 1404 C   A "O4'" 1 
ATOM   74  C "C3'" . C   A 1 4  ? -0.497  2.036   -13.645 1.00 34.27 ? 1404 C   A "C3'" 1 
ATOM   75  O "O3'" . C   A 1 4  ? -1.325  0.889   -13.411 1.00 31.51 ? 1404 C   A "O3'" 1 
ATOM   76  C "C2'" . C   A 1 4  ? 0.879   1.639   -14.115 1.00 33.77 ? 1404 C   A "C2'" 1 
ATOM   77  O "O2'" . C   A 1 4  ? 0.767   0.615   -15.069 1.00 33.85 ? 1404 C   A "O2'" 1 
ATOM   78  C "C1'" . C   A 1 4  ? 1.390   2.915   -14.803 1.00 33.26 ? 1404 C   A "C1'" 1 
ATOM   79  N N1    . C   A 1 4  ? 2.141   3.746   -13.827 1.00 29.59 ? 1404 C   A N1    1 
ATOM   80  C C2    . C   A 1 4  ? 3.482   3.426   -13.610 1.00 31.49 ? 1404 C   A C2    1 
ATOM   81  O O2    . C   A 1 4  ? 3.980   2.507   -14.288 1.00 25.48 ? 1404 C   A O2    1 
ATOM   82  N N3    . C   A 1 4  ? 4.202   4.160   -12.704 1.00 27.27 ? 1404 C   A N3    1 
ATOM   83  C C4    . C   A 1 4  ? 3.603   5.123   -12.016 1.00 29.66 ? 1404 C   A C4    1 
ATOM   84  N N4    . C   A 1 4  ? 4.332   5.795   -11.116 1.00 24.88 ? 1404 C   A N4    1 
ATOM   85  C C5    . C   A 1 4  ? 2.225   5.438   -12.222 1.00 30.62 ? 1404 C   A C5    1 
ATOM   86  C C6    . C   A 1 4  ? 1.534   4.732   -13.116 1.00 30.33 ? 1404 C   A C6    1 
ATOM   87  P P     . G   A 1 5  ? -1.462  0.298   -11.967 1.00 34.61 ? 1405 G   A P     1 
ATOM   88  O OP1   . G   A 1 5  ? -2.571  -0.721  -11.987 1.00 37.39 ? 1405 G   A OP1   1 
ATOM   89  O OP2   . G   A 1 5  ? -1.522  1.359   -10.969 1.00 34.23 ? 1405 G   A OP2   1 
ATOM   90  O "O5'" . G   A 1 5  ? -0.077  -0.518  -11.734 1.00 29.47 ? 1405 G   A "O5'" 1 
ATOM   91  C "C5'" . G   A 1 5  ? 0.177   -1.722  -12.397 1.00 28.96 ? 1405 G   A "C5'" 1 
ATOM   92  C "C4'" . G   A 1 5  ? 1.628   -2.146  -12.250 1.00 26.80 ? 1405 G   A "C4'" 1 
ATOM   93  O "O4'" . G   A 1 5  ? 2.496   -1.093  -12.801 1.00 26.70 ? 1405 G   A "O4'" 1 
ATOM   94  C "C3'" . G   A 1 5  ? 2.104   -2.356  -10.830 1.00 26.82 ? 1405 G   A "C3'" 1 
ATOM   95  O "O3'" . G   A 1 5  ? 1.732   -3.634  -10.297 1.00 27.30 ? 1405 G   A "O3'" 1 
ATOM   96  C "C2'" . G   A 1 5  ? 3.591   -2.241  -11.039 1.00 24.51 ? 1405 G   A "C2'" 1 
ATOM   97  O "O2'" . G   A 1 5  ? 4.137   -3.377  -11.633 1.00 23.17 ? 1405 G   A "O2'" 1 
ATOM   98  C "C1'" . G   A 1 5  ? 3.692   -1.079  -12.042 1.00 25.57 ? 1405 G   A "C1'" 1 
ATOM   99  N N9    . G   A 1 5  ? 3.789   0.179   -11.316 1.00 24.60 ? 1405 G   A N9    1 
ATOM   100 C C8    . G   A 1 5  ? 2.812   1.121   -11.125 1.00 22.78 ? 1405 G   A C8    1 
ATOM   101 N N7    . G   A 1 5  ? 3.208   2.141   -10.409 1.00 27.37 ? 1405 G   A N7    1 
ATOM   102 C C5    . G   A 1 5  ? 4.556   1.827   -10.092 1.00 25.05 ? 1405 G   A C5    1 
ATOM   103 C C6    . G   A 1 5  ? 5.539   2.520   -9.313  1.00 23.68 ? 1405 G   A C6    1 
ATOM   104 O O6    . G   A 1 5  ? 5.455   3.607   -8.697  1.00 22.15 ? 1405 G   A O6    1 
ATOM   105 N N1    . G   A 1 5  ? 6.723   1.811   -9.248  1.00 23.43 ? 1405 G   A N1    1 
ATOM   106 C C2    . G   A 1 5  ? 6.949   0.601   -9.843  1.00 23.92 ? 1405 G   A C2    1 
ATOM   107 N N2    . G   A 1 5  ? 8.162   0.075   -9.658  1.00 23.54 ? 1405 G   A N2    1 
ATOM   108 N N3    . G   A 1 5  ? 6.064   -0.044  -10.594 1.00 23.36 ? 1405 G   A N3    1 
ATOM   109 C C4    . G   A 1 5  ? 4.891   0.612   -10.646 1.00 23.93 ? 1405 G   A C4    1 
ATOM   110 P P     . U   A 1 6  ? 1.565   -3.793  -8.717  1.00 28.15 ? 1406 U   A P     1 
ATOM   111 O OP1   . U   A 1 6  ? 0.980   -5.147  -8.625  1.00 29.75 ? 1406 U   A OP1   1 
ATOM   112 O OP2   . U   A 1 6  ? 0.883   -2.683  -8.070  1.00 25.42 ? 1406 U   A OP2   1 
ATOM   113 O "O5'" . U   A 1 6  ? 3.057   -3.730  -8.104  1.00 24.75 ? 1406 U   A "O5'" 1 
ATOM   114 C "C5'" . U   A 1 6  ? 4.039   -4.616  -8.557  1.00 22.96 ? 1406 U   A "C5'" 1 
ATOM   115 C "C4'" . U   A 1 6  ? 5.346   -4.356  -7.879  1.00 23.08 ? 1406 U   A "C4'" 1 
ATOM   116 O "O4'" . U   A 1 6  ? 5.883   -3.091  -8.335  1.00 22.64 ? 1406 U   A "O4'" 1 
ATOM   117 C "C3'" . U   A 1 6  ? 5.376   -4.216  -6.350  1.00 21.14 ? 1406 U   A "C3'" 1 
ATOM   118 O "O3'" . U   A 1 6  ? 5.289   -5.445  -5.679  1.00 20.31 ? 1406 U   A "O3'" 1 
ATOM   119 C "C2'" . U   A 1 6  ? 6.740   -3.587  -6.196  1.00 23.55 ? 1406 U   A "C2'" 1 
ATOM   120 O "O2'" . U   A 1 6  ? 7.774   -4.516  -6.397  1.00 24.21 ? 1406 U   A "O2'" 1 
ATOM   121 C "C1'" . U   A 1 6  ? 6.764   -2.621  -7.336  1.00 24.98 ? 1406 U   A "C1'" 1 
ATOM   122 N N1    . U   A 1 6  ? 6.389   -1.263  -6.914  1.00 22.44 ? 1406 U   A N1    1 
ATOM   123 C C2    . U   A 1 6  ? 7.361   -0.547  -6.260  1.00 22.30 ? 1406 U   A C2    1 
ATOM   124 O O2    . U   A 1 6  ? 8.446   -1.013  -6.006  1.00 21.73 ? 1406 U   A O2    1 
ATOM   125 N N3    . U   A 1 6  ? 6.976   0.709   -5.895  1.00 23.70 ? 1406 U   A N3    1 
ATOM   126 C C4    . U   A 1 6  ? 5.749   1.313   -6.121  1.00 26.56 ? 1406 U   A C4    1 
ATOM   127 O O4    . U   A 1 6  ? 5.565   2.475   -5.736  1.00 27.43 ? 1406 U   A O4    1 
ATOM   128 C C5    . U   A 1 6  ? 4.796   0.497   -6.795  1.00 27.27 ? 1406 U   A C5    1 
ATOM   129 C C6    . U   A 1 6  ? 5.138   -0.738  -7.153  1.00 22.57 ? 1406 U   A C6    1 
ATOM   130 P P     . C   A 1 7  ? 4.400   -5.605  -4.356  1.00 20.92 ? 1407 C   A P     1 
ATOM   131 O OP1   . C   A 1 7  ? 4.295   -7.056  -4.074  1.00 22.30 ? 1407 C   A OP1   1 
ATOM   132 O OP2   . C   A 1 7  ? 3.125   -4.807  -4.477  1.00 20.65 ? 1407 C   A OP2   1 
ATOM   133 O "O5'" . C   A 1 7  ? 5.278   -5.003  -3.199  1.00 20.31 ? 1407 C   A "O5'" 1 
ATOM   134 C "C5'" . C   A 1 7  ? 6.527   -5.587  -2.882  1.00 20.95 ? 1407 C   A "C5'" 1 
ATOM   135 C "C4'" . C   A 1 7  ? 7.393   -4.612  -2.110  1.00 22.03 ? 1407 C   A "C4'" 1 
ATOM   136 O "O4'" . C   A 1 7  ? 7.688   -3.505  -2.980  1.00 20.18 ? 1407 C   A "O4'" 1 
ATOM   137 C "C3'" . C   A 1 7  ? 6.769   -3.955  -0.888  1.00 20.90 ? 1407 C   A "C3'" 1 
ATOM   138 O "O3'" . C   A 1 7  ? 6.865   -4.777  0.264   1.00 22.81 ? 1407 C   A "O3'" 1 
ATOM   139 C "C2'" . C   A 1 7  ? 7.672   -2.751  -0.763  1.00 19.99 ? 1407 C   A "C2'" 1 
ATOM   140 O "O2'" . C   A 1 7  ? 8.963   -3.097  -0.294  1.00 21.65 ? 1407 C   A "O2'" 1 
ATOM   141 C "C1'" . C   A 1 7  ? 7.766   -2.328  -2.198  1.00 20.66 ? 1407 C   A "C1'" 1 
ATOM   142 N N1    . C   A 1 7  ? 6.659   -1.372  -2.536  1.00 19.11 ? 1407 C   A N1    1 
ATOM   143 C C2    . C   A 1 7  ? 6.827   -0.014  -2.252  1.00 22.75 ? 1407 C   A C2    1 
ATOM   144 O O2    . C   A 1 7  ? 7.852   0.348   -1.671  1.00 24.08 ? 1407 C   A O2    1 
ATOM   145 N N3    . C   A 1 7  ? 5.817   0.844   -2.540  1.00 21.27 ? 1407 C   A N3    1 
ATOM   146 C C4    . C   A 1 7  ? 4.697   0.416   -3.114  1.00 21.35 ? 1407 C   A C4    1 
ATOM   147 N N4    . C   A 1 7  ? 3.720   1.329   -3.342  1.00 20.28 ? 1407 C   A N4    1 
ATOM   148 C C5    . C   A 1 7  ? 4.524   -0.960  -3.452  1.00 22.23 ? 1407 C   A C5    1 
ATOM   149 C C6    . C   A 1 7  ? 5.524   -1.807  -3.164  1.00 19.65 ? 1407 C   A C6    1 
ATOM   150 P P     . G   A 1 8  ? 5.744   -4.563  1.424   1.00 25.12 ? 1408 G   A P     1 
ATOM   151 O OP1   . G   A 1 8  ? 6.008   -5.567  2.458   1.00 27.44 ? 1408 G   A OP1   1 
ATOM   152 O OP2   . G   A 1 8  ? 4.405   -4.383  0.876   1.00 24.94 ? 1408 G   A OP2   1 
ATOM   153 O "O5'" . G   A 1 8  ? 6.070   -3.170  2.075   1.00 24.68 ? 1408 G   A "O5'" 1 
ATOM   154 C "C5'" . G   A 1 8  ? 7.330   -2.921  2.724   1.00 24.10 ? 1408 G   A "C5'" 1 
ATOM   155 C "C4'" . G   A 1 8  ? 7.427   -1.460  3.095   1.00 25.26 ? 1408 G   A "C4'" 1 
ATOM   156 O "O4'" . G   A 1 8  ? 7.338   -0.628  1.922   1.00 25.24 ? 1408 G   A "O4'" 1 
ATOM   157 C "C3'" . G   A 1 8  ? 6.346   -0.891  3.990   1.00 26.11 ? 1408 G   A "C3'" 1 
ATOM   158 O "O3'" . G   A 1 8  ? 6.666   -1.176  5.327   1.00 28.46 ? 1408 G   A "O3'" 1 
ATOM   159 C "C2'" . G   A 1 8  ? 6.438   0.585   3.687   1.00 25.95 ? 1408 G   A "C2'" 1 
ATOM   160 O "O2'" . G   A 1 8  ? 7.530   1.212   4.304   1.00 28.25 ? 1408 G   A "O2'" 1 
ATOM   161 C "C1'" . G   A 1 8  ? 6.677   0.562   2.198   1.00 24.87 ? 1408 G   A "C1'" 1 
ATOM   162 N N9    . G   A 1 8  ? 5.472   0.637   1.377   1.00 23.84 ? 1408 G   A N9    1 
ATOM   163 C C8    . G   A 1 8  ? 4.912   -0.334  0.588   1.00 24.04 ? 1408 G   A C8    1 
ATOM   164 N N7    . G   A 1 8  ? 3.827   0.066   -0.051  1.00 22.46 ? 1408 G   A N7    1 
ATOM   165 C C5    . G   A 1 8  ? 3.729   1.407   0.278   1.00 23.53 ? 1408 G   A C5    1 
ATOM   166 C C6    . G   A 1 8  ? 2.793   2.389   -0.146  1.00 23.82 ? 1408 G   A C6    1 
ATOM   167 O O6    . G   A 1 8  ? 1.819   2.269   -0.923  1.00 23.98 ? 1408 G   A O6    1 
ATOM   168 N N1    . G   A 1 8  ? 3.063   3.603   0.449   1.00 22.75 ? 1408 G   A N1    1 
ATOM   169 C C2    . G   A 1 8  ? 4.071   3.889   1.327   1.00 22.54 ? 1408 G   A C2    1 
ATOM   170 N N2    . G   A 1 8  ? 4.142   5.135   1.837   1.00 23.72 ? 1408 G   A N2    1 
ATOM   171 N N3    . G   A 1 8  ? 4.974   2.971   1.715   1.00 26.25 ? 1408 G   A N3    1 
ATOM   172 C C4    . G   A 1 8  ? 4.726   1.764   1.159   1.00 23.71 ? 1408 G   A C4    1 
ATOM   173 P P     . C   A 1 9  ? 5.501   -1.255  6.417   1.00 29.16 ? 1409 C   A P     1 
ATOM   174 O OP1   . C   A 1 9  ? 6.242   -1.692  7.666   1.00 26.79 ? 1409 C   A OP1   1 
ATOM   175 O OP2   . C   A 1 9  ? 4.423   -2.059  5.902   1.00 25.21 ? 1409 C   A OP2   1 
ATOM   176 O "O5'" . C   A 1 9  ? 4.957   0.227   6.649   1.00 29.22 ? 1409 C   A "O5'" 1 
ATOM   177 C "C5'" . C   A 1 9  ? 5.796   1.259   7.162   1.00 30.56 ? 1409 C   A "C5'" 1 
ATOM   178 C "C4'" . C   A 1 9  ? 5.070   2.592   7.085   1.00 29.34 ? 1409 C   A "C4'" 1 
ATOM   179 O "O4'" . C   A 1 9  ? 4.878   2.991   5.702   1.00 26.60 ? 1409 C   A "O4'" 1 
ATOM   180 C "C3'" . C   A 1 9  ? 3.645   2.595   7.623   1.00 29.10 ? 1409 C   A "C3'" 1 
ATOM   181 O "O3'" . C   A 1 9  ? 3.600   2.607   9.020   1.00 31.93 ? 1409 C   A "O3'" 1 
ATOM   182 C "C2'" . C   A 1 9  ? 3.124   3.876   7.021   1.00 27.91 ? 1409 C   A "C2'" 1 
ATOM   183 O "O2'" . C   A 1 9  ? 3.704   5.034   7.616   1.00 30.54 ? 1409 C   A "O2'" 1 
ATOM   184 C "C1'" . C   A 1 9  ? 3.673   3.749   5.615   1.00 26.34 ? 1409 C   A "C1'" 1 
ATOM   185 N N1    . C   A 1 9  ? 2.739   3.111   4.638   1.00 24.47 ? 1409 C   A N1    1 
ATOM   186 C C2    . C   A 1 9  ? 1.757   3.916   4.066   1.00 24.64 ? 1409 C   A C2    1 
ATOM   187 O O2    . C   A 1 9  ? 1.705   5.133   4.412   1.00 28.60 ? 1409 C   A O2    1 
ATOM   188 N N3    . C   A 1 9  ? 0.919   3.391   3.144   1.00 22.22 ? 1409 C   A N3    1 
ATOM   189 C C4    . C   A 1 9  ? 1.009   2.095   2.817   1.00 21.87 ? 1409 C   A C4    1 
ATOM   190 N N4    . C   A 1 9  ? 0.125   1.655   1.922   1.00 19.10 ? 1409 C   A N4    1 
ATOM   191 C C5    . C   A 1 9  ? 1.994   1.262   3.431   1.00 20.29 ? 1409 C   A C5    1 
ATOM   192 C C6    . C   A 1 9  ? 2.837   1.790   4.306   1.00 22.29 ? 1409 C   A C6    1 
ATOM   193 P P     . U   A 1 10 ? 2.390   1.901   9.789   1.00 33.60 ? 1410 U   A P     1 
ATOM   194 O OP1   . U   A 1 10 ? 2.703   2.182   11.226  1.00 36.91 ? 1410 U   A OP1   1 
ATOM   195 O OP2   . U   A 1 10 ? 2.196   0.516   9.296   1.00 33.90 ? 1410 U   A OP2   1 
ATOM   196 O "O5'" . U   A 1 10 ? 1.095   2.738   9.431   1.00 31.86 ? 1410 U   A "O5'" 1 
ATOM   197 C "C5'" . U   A 1 10 ? 1.024   4.127   9.685   1.00 32.72 ? 1410 U   A "C5'" 1 
ATOM   198 C "C4'" . U   A 1 10 ? -0.191  4.743   9.027   1.00 32.77 ? 1410 U   A "C4'" 1 
ATOM   199 O "O4'" . U   A 1 10 ? -0.022  4.730   7.578   1.00 31.11 ? 1410 U   A "O4'" 1 
ATOM   200 C "C3'" . U   A 1 10 ? -1.511  4.038   9.249   1.00 33.36 ? 1410 U   A "C3'" 1 
ATOM   201 O "O3'" . U   A 1 10 ? -2.100  4.391   10.488  1.00 35.62 ? 1410 U   A "O3'" 1 
ATOM   202 C "C2'" . U   A 1 10 ? -2.318  4.583   8.085   1.00 32.39 ? 1410 U   A "C2'" 1 
ATOM   203 O "O2'" . U   A 1 10 ? -2.820  5.889   8.333   1.00 35.02 ? 1410 U   A "O2'" 1 
ATOM   204 C "C1'" . U   A 1 10 ? -1.285  4.623   6.961   1.00 29.36 ? 1410 U   A "C1'" 1 
ATOM   205 N N1    . U   A 1 10 ? -1.343  3.375   6.147   1.00 27.25 ? 1410 U   A N1    1 
ATOM   206 C C2    . U   A 1 10 ? -2.263  3.265   5.161   1.00 24.74 ? 1410 U   A C2    1 
ATOM   207 O O2    . U   A 1 10 ? -3.034  4.148   4.847   1.00 30.50 ? 1410 U   A O2    1 
ATOM   208 N N3    . U   A 1 10 ? -2.253  2.071   4.504   1.00 26.21 ? 1410 U   A N3    1 
ATOM   209 C C4    . U   A 1 10 ? -1.438  1.004   4.730   1.00 24.74 ? 1410 U   A C4    1 
ATOM   210 O O4    . U   A 1 10 ? -1.566  -0.018  4.056   1.00 25.39 ? 1410 U   A O4    1 
ATOM   211 C C5    . U   A 1 10 ? -0.489  1.206   5.777   1.00 25.42 ? 1410 U   A C5    1 
ATOM   212 C C6    . U   A 1 10 ? -0.490  2.350   6.445   1.00 25.86 ? 1410 U   A C6    1 
ATOM   213 P P     . A   A 1 11 ? -3.189  3.440   11.158  1.00 36.95 ? 1411 A   A P     1 
ATOM   214 O OP1   . A   A 1 11 ? -3.487  3.950   12.515  1.00 37.58 ? 1411 A   A OP1   1 
ATOM   215 O OP2   . A   A 1 11 ? -2.753  2.035   11.043  1.00 37.54 ? 1411 A   A OP2   1 
ATOM   216 O "O5'" . A   A 1 11 ? -4.481  3.635   10.244  1.00 35.02 ? 1411 A   A "O5'" 1 
ATOM   217 C "C5'" . A   A 1 11 ? -4.995  4.897   10.038  1.00 34.26 ? 1411 A   A "C5'" 1 
ATOM   218 C "C4'" . A   A 1 11 ? -6.120  4.828   9.037   1.00 34.32 ? 1411 A   A "C4'" 1 
ATOM   219 O "O4'" . A   A 1 11 ? -5.573  4.540   7.722   1.00 35.83 ? 1411 A   A "O4'" 1 
ATOM   220 C "C3'" . A   A 1 11 ? -7.112  3.705   9.313   1.00 33.01 ? 1411 A   A "C3'" 1 
ATOM   221 O "O3'" . A   A 1 11 ? -8.092  4.044   10.230  1.00 33.20 ? 1411 A   A "O3'" 1 
ATOM   222 C "C2'" . A   A 1 11 ? -7.690  3.457   7.933   1.00 34.39 ? 1411 A   A "C2'" 1 
ATOM   223 O "O2'" . A   A 1 11 ? -8.657  4.411   7.505   1.00 35.50 ? 1411 A   A "O2'" 1 
ATOM   224 C "C1'" . A   A 1 11 ? -6.463  3.626   7.064   1.00 34.49 ? 1411 A   A "C1'" 1 
ATOM   225 N N9    . A   A 1 11 ? -5.734  2.401   6.745   1.00 33.55 ? 1411 A   A N9    1 
ATOM   226 C C8    . A   A 1 11 ? -4.637  1.912   7.379   1.00 33.01 ? 1411 A   A C8    1 
ATOM   227 N N7    . A   A 1 11 ? -4.173  0.818   6.832   1.00 32.70 ? 1411 A   A N7    1 
ATOM   228 C C5    . A   A 1 11 ? -5.033  0.574   5.779   1.00 31.41 ? 1411 A   A C5    1 
ATOM   229 C C6    . A   A 1 11 ? -5.069  -0.434  4.805   1.00 29.55 ? 1411 A   A C6    1 
ATOM   230 N N6    . A   A 1 11 ? -4.190  -1.422  4.759   1.00 29.60 ? 1411 A   A N6    1 
ATOM   231 N N1    . A   A 1 11 ? -6.058  -0.389  3.888   1.00 31.23 ? 1411 A   A N1    1 
ATOM   232 C C2    . A   A 1 11 ? -6.940  0.594   3.955   1.00 30.33 ? 1411 A   A C2    1 
ATOM   233 N N3    . A   A 1 11 ? -6.985  1.619   4.816   1.00 29.34 ? 1411 A   A N3    1 
ATOM   234 C C4    . A   A 1 11 ? -5.999  1.534   5.708   1.00 30.70 ? 1411 A   A C4    1 
ATOM   235 P P     . G   A 1 12 ? -8.878  2.925   11.048  1.00 34.84 ? 1412 G   A P     1 
ATOM   236 O OP1   . G   A 1 12 ? -9.737  3.643   12.043  1.00 38.49 ? 1412 G   A OP1   1 
ATOM   237 O OP2   . G   A 1 12 ? -7.954  1.876   11.530  1.00 34.65 ? 1412 G   A OP2   1 
ATOM   238 O "O5'" . G   A 1 12 ? -9.825  2.232   9.968   1.00 35.83 ? 1412 G   A "O5'" 1 
ATOM   239 C "C5'" . G   A 1 12 ? -10.932 2.948   9.421   1.00 35.41 ? 1412 G   A "C5'" 1 
ATOM   240 C "C4'" . G   A 1 12 ? -11.615 2.111   8.347   1.00 33.86 ? 1412 G   A "C4'" 1 
ATOM   241 O "O4'" . G   A 1 12 ? -10.700 1.908   7.239   1.00 30.92 ? 1412 G   A "O4'" 1 
ATOM   242 C "C3'" . G   A 1 12 ? -12.039 0.704   8.732   1.00 33.68 ? 1412 G   A "C3'" 1 
ATOM   243 O "O3'" . G   A 1 12 ? -13.277 0.681   9.452   1.00 36.11 ? 1412 G   A "O3'" 1 
ATOM   244 C "C2'" . G   A 1 12 ? -12.190 0.063   7.361   1.00 32.01 ? 1412 G   A "C2'" 1 
ATOM   245 O "O2'" . G   A 1 12 ? -13.399 0.424   6.718   1.00 28.45 ? 1412 G   A "O2'" 1 
ATOM   246 C "C1'" . G   A 1 12 ? -11.010 0.674   6.631   1.00 31.14 ? 1412 G   A "C1'" 1 
ATOM   247 N N9    . G   A 1 12 ? -9.805  -0.142  6.753   1.00 30.80 ? 1412 G   A N9    1 
ATOM   248 C C8    . G   A 1 12 ? -8.792  0.021   7.667   1.00 28.51 ? 1412 G   A C8    1 
ATOM   249 N N7    . G   A 1 12 ? -7.817  -0.829  7.538   1.00 31.00 ? 1412 G   A N7    1 
ATOM   250 C C5    . G   A 1 12 ? -8.221  -1.623  6.453   1.00 28.74 ? 1412 G   A C5    1 
ATOM   251 C C6    . G   A 1 12 ? -7.562  -2.707  5.826   1.00 26.25 ? 1412 G   A C6    1 
ATOM   252 O O6    . G   A 1 12 ? -6.459  -3.232  6.137   1.00 23.43 ? 1412 G   A O6    1 
ATOM   253 N N1    . G   A 1 12 ? -8.329  -3.214  4.783   1.00 24.51 ? 1412 G   A N1    1 
ATOM   254 C C2    . G   A 1 12 ? -9.539  -2.696  4.354   1.00 27.88 ? 1412 G   A C2    1 
ATOM   255 N N2    . G   A 1 12 ? -10.138 -3.271  3.313   1.00 28.90 ? 1412 G   A N2    1 
ATOM   256 N N3    . G   A 1 12 ? -10.148 -1.679  4.927   1.00 29.56 ? 1412 G   A N3    1 
ATOM   257 C C4    . G   A 1 12 ? -9.436  -1.195  5.957   1.00 29.11 ? 1412 G   A C4    1 
ATOM   258 P P     . U   A 1 13 ? -13.462 -0.402  10.609  1.00 37.40 ? 1413 U   A P     1 
ATOM   259 O OP1   . U   A 1 13 ? -14.747 -0.128  11.293  1.00 37.18 ? 1413 U   A OP1   1 
ATOM   260 O OP2   . U   A 1 13 ? -12.186 -0.428  11.344  1.00 37.10 ? 1413 U   A OP2   1 
ATOM   261 O "O5'" . U   A 1 13 ? -13.601 -1.821  9.885   1.00 37.93 ? 1413 U   A "O5'" 1 
ATOM   262 C "C5'" . U   A 1 13 ? -14.695 -2.088  9.019   1.00 38.48 ? 1413 U   A "C5'" 1 
ATOM   263 C "C4'" . U   A 1 13 ? -14.403 -3.286  8.138   1.00 37.07 ? 1413 U   A "C4'" 1 
ATOM   264 O "O4'" . U   A 1 13 ? -13.247 -3.021  7.302   1.00 35.25 ? 1413 U   A "O4'" 1 
ATOM   265 C "C3'" . U   A 1 13 ? -14.033 -4.562  8.865   1.00 37.64 ? 1413 U   A "C3'" 1 
ATOM   266 O "O3'" . U   A 1 13 ? -15.152 -5.224  9.406   1.00 39.30 ? 1413 U   A "O3'" 1 
ATOM   267 C "C2'" . U   A 1 13 ? -13.392 -5.327  7.725   1.00 35.73 ? 1413 U   A "C2'" 1 
ATOM   268 O "O2'" . U   A 1 13 ? -14.336 -5.847  6.801   1.00 36.96 ? 1413 U   A "O2'" 1 
ATOM   269 C "C1'" . U   A 1 13 ? -12.569 -4.229  7.059   1.00 34.88 ? 1413 U   A "C1'" 1 
ATOM   270 N N1    . U   A 1 13 ? -11.168 -4.173  7.602   1.00 30.42 ? 1413 U   A N1    1 
ATOM   271 C C2    . U   A 1 13 ? -10.275 -5.081  7.085   1.00 29.26 ? 1413 U   A C2    1 
ATOM   272 O O2    . U   A 1 13 ? -10.628 -5.919  6.231   1.00 28.40 ? 1413 U   A O2    1 
ATOM   273 N N3    . U   A 1 13 ? -8.994  -4.987  7.611   1.00 25.82 ? 1413 U   A N3    1 
ATOM   274 C C4    . U   A 1 13 ? -8.538  -4.094  8.558   1.00 26.86 ? 1413 U   A C4    1 
ATOM   275 O O4    . U   A 1 13 ? -7.378  -4.150  8.952   1.00 23.37 ? 1413 U   A O4    1 
ATOM   276 C C5    . U   A 1 13 ? -9.556  -3.173  9.050   1.00 29.14 ? 1413 U   A C5    1 
ATOM   277 C C6    . U   A 1 13 ? -10.808 -3.253  8.556   1.00 29.62 ? 1413 U   A C6    1 
ATOM   278 P P     . A   A 1 14 ? -14.978 -6.171  10.684  1.00 41.79 ? 14   A   A P     1 
ATOM   279 O OP1   . A   A 1 14 ? -16.318 -6.676  11.085  1.00 42.38 ? 14   A   A OP1   1 
ATOM   280 O OP2   . A   A 1 14 ? -14.142 -5.473  11.684  1.00 39.07 ? 14   A   A OP2   1 
ATOM   281 O "O5'" . A   A 1 14 ? -14.169 -7.452  10.175  1.00 39.96 ? 14   A   A "O5'" 1 
ATOM   282 C "C5'" . A   A 1 14 ? -14.764 -8.372  9.321   1.00 37.89 ? 14   A   A "C5'" 1 
ATOM   283 C "C4'" . A   A 1 14 ? -13.758 -9.382  8.821   1.00 38.49 ? 14   A   A "C4'" 1 
ATOM   284 O "O4'" . A   A 1 14 ? -12.687 -8.697  8.130   1.00 37.02 ? 14   A   A "O4'" 1 
ATOM   285 C "C3'" . A   A 1 14 ? -13.041 -10.188 9.889   1.00 37.24 ? 14   A   A "C3'" 1 
ATOM   286 O "O3'" . A   A 1 14 ? -13.838 -11.263 10.335  1.00 38.10 ? 14   A   A "O3'" 1 
ATOM   287 C "C2'" . A   A 1 14 ? -11.800 -10.652 9.145   1.00 36.00 ? 14   A   A "C2'" 1 
ATOM   288 O "O2'" . A   A 1 14 ? -12.021 -11.736 8.279   1.00 37.02 ? 14   A   A "O2'" 1 
ATOM   289 C "C1'" . A   A 1 14 ? -11.466 -9.414  8.331   1.00 35.31 ? 14   A   A "C1'" 1 
ATOM   290 N N9    . A   A 1 14 ? -10.488 -8.543  8.989   1.00 29.48 ? 14   A   A N9    1 
ATOM   291 C C8    . A   A 1 14 ? -10.702 -7.364  9.656   1.00 28.06 ? 14   A   A C8    1 
ATOM   292 N N7    . A   A 1 14 ? -9.603  -6.802  10.101  1.00 27.25 ? 14   A   A N7    1 
ATOM   293 C C5    . A   A 1 14 ? -8.597  -7.677  9.688   1.00 27.13 ? 14   A   A C5    1 
ATOM   294 C C6    . A   A 1 14 ? -7.198  -7.642  9.822   1.00 26.26 ? 14   A   A C6    1 
ATOM   295 N N6    . A   A 1 14 ? -6.548  -6.663  10.445  1.00 27.03 ? 14   A   A N6    1 
ATOM   296 N N1    . A   A 1 14 ? -6.484  -8.650  9.308   1.00 25.11 ? 14   A   A N1    1 
ATOM   297 C C2    . A   A 1 14 ? -7.130  -9.632  8.643   1.00 29.74 ? 14   A   A C2    1 
ATOM   298 N N3    . A   A 1 14 ? -8.455  -9.766  8.420   1.00 28.28 ? 14   A   A N3    1 
ATOM   299 C C4    . A   A 1 14 ? -9.129  -8.740  8.981   1.00 27.87 ? 14   A   A C4    1 
ATOM   300 P P     . C   A 1 15 ? -13.726 -11.677 11.882  1.00 36.25 ? 15   C   A P     1 
ATOM   301 O OP1   . C   A 1 15 ? -15.001 -12.355 12.195  1.00 41.82 ? 15   C   A OP1   1 
ATOM   302 O OP2   . C   A 1 15 ? -13.301 -10.557 12.724  1.00 38.31 ? 15   C   A OP2   1 
ATOM   303 O "O5'" . C   A 1 15 ? -12.494 -12.706 11.933  1.00 36.41 ? 15   C   A "O5'" 1 
ATOM   304 C "C5'" . C   A 1 15 ? -12.443 -13.832 11.046  1.00 35.24 ? 15   C   A "C5'" 1 
ATOM   305 C "C4'" . C   A 1 15 ? -11.034 -14.377 10.906  1.00 34.28 ? 15   C   A "C4'" 1 
ATOM   306 O "O4'" . C   A 1 15 ? -10.185 -13.402 10.260  1.00 33.75 ? 15   C   A "O4'" 1 
ATOM   307 C "C3'" . C   A 1 15 ? -10.278 -14.694 12.176  1.00 34.21 ? 15   C   A "C3'" 1 
ATOM   308 O "O3'" . C   A 1 15 ? -10.646 -15.976 12.685  1.00 35.27 ? 15   C   A "O3'" 1 
ATOM   309 C "C2'" . C   A 1 15 ? -8.856  -14.718 11.657  1.00 33.87 ? 15   C   A "C2'" 1 
ATOM   310 O "O2'" . C   A 1 15 ? -8.588  -15.873 10.856  1.00 32.04 ? 15   C   A "O2'" 1 
ATOM   311 C "C1'" . C   A 1 15 ? -8.864  -13.525 10.755  1.00 31.69 ? 15   C   A "C1'" 1 
ATOM   312 N N1    . C   A 1 15 ? -8.490  -12.228 11.372  1.00 30.66 ? 15   C   A N1    1 
ATOM   313 C C2    . C   A 1 15 ? -7.142  -11.922 11.461  1.00 30.59 ? 15   C   A C2    1 
ATOM   314 O O2    . C   A 1 15 ? -6.345  -12.770 11.089  1.00 30.17 ? 15   C   A O2    1 
ATOM   315 N N3    . C   A 1 15 ? -6.753  -10.731 11.960  1.00 30.02 ? 15   C   A N3    1 
ATOM   316 C C4    . C   A 1 15 ? -7.661  -9.846  12.353  1.00 31.23 ? 15   C   A C4    1 
ATOM   317 N N4    . C   A 1 15 ? -7.212  -8.673  12.851  1.00 28.48 ? 15   C   A N4    1 
ATOM   318 C C5    . C   A 1 15 ? -9.057  -10.143 12.281  1.00 31.74 ? 15   C   A C5    1 
ATOM   319 C C6    . C   A 1 15 ? -9.423  -11.334 11.774  1.00 30.96 ? 15   C   A C6    1 
ATOM   320 P P     . C   A 1 16 ? -10.351 -16.312 14.230  1.00 37.42 ? 16   C   A P     1 
ATOM   321 O OP1   . C   A 1 16 ? -10.879 -17.680 14.447  1.00 36.30 ? 16   C   A OP1   1 
ATOM   322 O OP2   . C   A 1 16 ? -10.787 -15.148 15.015  1.00 36.83 ? 16   C   A OP2   1 
ATOM   323 O "O5'" . C   A 1 16 ? -8.762  -16.391 14.400  1.00 36.15 ? 16   C   A "O5'" 1 
ATOM   324 C "C5'" . C   A 1 16 ? -8.020  -17.464 13.811  1.00 37.39 ? 16   C   A "C5'" 1 
ATOM   325 C "C4'" . C   A 1 16 ? -6.526  -17.271 14.031  1.00 36.76 ? 16   C   A "C4'" 1 
ATOM   326 O "O4'" . C   A 1 16 ? -6.047  -16.089 13.337  1.00 36.26 ? 16   C   A "O4'" 1 
ATOM   327 C "C3'" . C   A 1 16 ? -6.141  -17.063 15.487  1.00 37.43 ? 16   C   A "C3'" 1 
ATOM   328 O "O3'" . C   A 1 16 ? -6.121  -18.291 16.266  1.00 36.98 ? 16   C   A "O3'" 1 
ATOM   329 C "C2'" . C   A 1 16 ? -4.808  -16.359 15.326  1.00 36.18 ? 16   C   A "C2'" 1 
ATOM   330 O "O2'" . C   A 1 16 ? -3.760  -17.239 14.990  1.00 38.16 ? 16   C   A "O2'" 1 
ATOM   331 C "C1'" . C   A 1 16 ? -5.057  -15.446 14.122  1.00 36.09 ? 16   C   A "C1'" 1 
ATOM   332 N N1    . C   A 1 16 ? -5.532  -14.072 14.523  1.00 34.02 ? 16   C   A N1    1 
ATOM   333 C C2    . C   A 1 16 ? -4.607  -13.082 14.885  1.00 35.96 ? 16   C   A C2    1 
ATOM   334 O O2    . C   A 1 16 ? -3.405  -13.371 14.842  1.00 33.68 ? 16   C   A O2    1 
ATOM   335 N N3    . C   A 1 16 ? -5.061  -11.846 15.260  1.00 33.64 ? 16   C   A N3    1 
ATOM   336 C C4    . C   A 1 16 ? -6.392  -11.624 15.276  1.00 36.27 ? 16   C   A C4    1 
ATOM   337 N N4    . C   A 1 16 ? -6.853  -10.406 15.632  1.00 36.92 ? 16   C   A N4    1 
ATOM   338 C C5    . C   A 1 16 ? -7.341  -12.631 14.909  1.00 36.00 ? 16   C   A C5    1 
ATOM   339 C C6    . C   A 1 16 ? -6.871  -13.824 14.568  1.00 35.66 ? 16   C   A C6    1 
ATOM   340 O "O5'" . C   B 2 1  ? -3.133  -0.555  19.193  1.00 48.18 ? 83   C   B "O5'" 1 
ATOM   341 C "C5'" . C   B 2 1  ? -1.927  -0.081  19.813  1.00 48.60 ? 83   C   B "C5'" 1 
ATOM   342 C "C4'" . C   B 2 1  ? -0.998  -1.230  20.179  1.00 48.24 ? 83   C   B "C4'" 1 
ATOM   343 O "O4'" . C   B 2 1  ? -1.649  -2.082  21.164  1.00 47.74 ? 83   C   B "O4'" 1 
ATOM   344 C "C3'" . C   B 2 1  ? -0.676  -2.168  19.030  1.00 48.10 ? 83   C   B "C3'" 1 
ATOM   345 O "O3'" . C   B 2 1  ? 0.409   -1.692  18.221  1.00 48.94 ? 83   C   B "O3'" 1 
ATOM   346 C "C2'" . C   B 2 1  ? -0.345  -3.461  19.765  1.00 47.33 ? 83   C   B "C2'" 1 
ATOM   347 O "O2'" . C   B 2 1  ? 1.002   -3.518  20.190  1.00 47.05 ? 83   C   B "O2'" 1 
ATOM   348 C "C1'" . C   B 2 1  ? -1.334  -3.449  20.950  1.00 46.10 ? 83   C   B "C1'" 1 
ATOM   349 N N1    . C   B 2 1  ? -2.563  -4.183  20.549  1.00 42.83 ? 83   C   B N1    1 
ATOM   350 C C2    . C   B 2 1  ? -2.505  -5.565  20.324  1.00 39.82 ? 83   C   B C2    1 
ATOM   351 O O2    . C   B 2 1  ? -1.450  -6.190  20.539  1.00 37.51 ? 83   C   B O2    1 
ATOM   352 N N3    . C   B 2 1  ? -3.624  -6.178  19.892  1.00 40.49 ? 83   C   B N3    1 
ATOM   353 C C4    . C   B 2 1  ? -4.743  -5.482  19.671  1.00 40.99 ? 83   C   B C4    1 
ATOM   354 N N4    . C   B 2 1  ? -5.813  -6.137  19.236  1.00 43.47 ? 83   C   B N4    1 
ATOM   355 C C5    . C   B 2 1  ? -4.822  -4.085  19.881  1.00 43.14 ? 83   C   B C5    1 
ATOM   356 C C6    . C   B 2 1  ? -3.709  -3.472  20.303  1.00 42.82 ? 83   C   B C6    1 
ATOM   357 P P     . G   B 2 2  ? 0.574   -2.229  16.701  1.00 49.92 ? 84   G   B P     1 
ATOM   358 O OP1   . G   B 2 2  ? 1.693   -1.428  16.126  1.00 49.02 ? 84   G   B OP1   1 
ATOM   359 O OP2   . G   B 2 2  ? -0.736  -2.294  16.005  1.00 47.14 ? 84   G   B OP2   1 
ATOM   360 O "O5'" . G   B 2 2  ? 1.041   -3.757  16.885  1.00 45.30 ? 84   G   B "O5'" 1 
ATOM   361 C "C5'" . G   B 2 2  ? 2.370   -4.033  17.286  1.00 42.94 ? 84   G   B "C5'" 1 
ATOM   362 C "C4'" . G   B 2 2  ? 2.672   -5.492  17.056  1.00 40.62 ? 84   G   B "C4'" 1 
ATOM   363 O "O4'" . G   B 2 2  ? 1.838   -6.304  17.916  1.00 38.65 ? 84   G   B "O4'" 1 
ATOM   364 C "C3'" . G   B 2 2  ? 2.362   -6.024  15.659  1.00 37.30 ? 84   G   B "C3'" 1 
ATOM   365 O "O3'" . G   B 2 2  ? 3.409   -5.751  14.767  1.00 35.92 ? 84   G   B "O3'" 1 
ATOM   366 C "C2'" . G   B 2 2  ? 2.294   -7.506  15.974  1.00 35.82 ? 84   G   B "C2'" 1 
ATOM   367 O "O2'" . G   B 2 2  ? 3.588   -8.015  16.304  1.00 28.84 ? 84   G   B "O2'" 1 
ATOM   368 C "C1'" . G   B 2 2  ? 1.466   -7.497  17.239  1.00 36.73 ? 84   G   B "C1'" 1 
ATOM   369 N N9    . G   B 2 2  ? 0.024   -7.465  17.017  1.00 35.43 ? 84   G   B N9    1 
ATOM   370 C C8    . G   B 2 2  ? -0.784  -6.370  17.135  1.00 36.41 ? 84   G   B C8    1 
ATOM   371 N N7    . G   B 2 2  ? -2.038  -6.608  16.896  1.00 36.72 ? 84   G   B N7    1 
ATOM   372 C C5    . G   B 2 2  ? -2.060  -7.946  16.569  1.00 37.45 ? 84   G   B C5    1 
ATOM   373 C C6    . G   B 2 2  ? -3.141  -8.764  16.208  1.00 37.40 ? 84   G   B C6    1 
ATOM   374 O O6    . G   B 2 2  ? -4.332  -8.445  16.102  1.00 41.92 ? 84   G   B O6    1 
ATOM   375 N N1    . G   B 2 2  ? -2.738  -10.071 15.974  1.00 36.51 ? 84   G   B N1    1 
ATOM   376 C C2    . G   B 2 2  ? -1.441  -10.522 16.066  1.00 33.78 ? 84   G   B C2    1 
ATOM   377 N N2    . G   B 2 2  ? -1.234  -11.815 15.808  1.00 30.51 ? 84   G   B N2    1 
ATOM   378 N N3    . G   B 2 2  ? -0.417  -9.760  16.398  1.00 32.95 ? 84   G   B N3    1 
ATOM   379 C C4    . G   B 2 2  ? -0.799  -8.492  16.638  1.00 36.19 ? 84   G   B C4    1 
ATOM   380 P P     . G   B 2 3  ? 3.167   -5.716  13.178  1.00 34.38 ? 85   G   B P     1 
ATOM   381 O OP1   . G   B 2 3  ? 4.464   -5.297  12.588  1.00 30.89 ? 85   G   B OP1   1 
ATOM   382 O OP2   . G   B 2 3  ? 1.917   -4.971  12.875  1.00 28.21 ? 85   G   B OP2   1 
ATOM   383 O "O5'" . G   B 2 3  ? 2.840   -7.263  12.805  1.00 28.77 ? 85   G   B "O5'" 1 
ATOM   384 C "C5'" . G   B 2 3  ? 3.842   -8.266  12.754  1.00 27.47 ? 85   G   B "C5'" 1 
ATOM   385 C "C4'" . G   B 2 3  ? 3.239   -9.639  12.423  1.00 24.06 ? 85   G   B "C4'" 1 
ATOM   386 O "O4'" . G   B 2 3  ? 2.247   -9.988  13.412  1.00 26.86 ? 85   G   B "O4'" 1 
ATOM   387 C "C3'" . G   B 2 3  ? 2.441   -9.648  11.141  1.00 23.10 ? 85   G   B "C3'" 1 
ATOM   388 O "O3'" . G   B 2 3  ? 3.289   -9.773  10.040  1.00 23.18 ? 85   G   B "O3'" 1 
ATOM   389 C "C2'" . G   B 2 3  ? 1.549   -10.852 11.348  1.00 24.31 ? 85   G   B "C2'" 1 
ATOM   390 O "O2'" . G   B 2 3  ? 2.270   -12.063 11.203  1.00 24.21 ? 85   G   B "O2'" 1 
ATOM   391 C "C1'" . G   B 2 3  ? 1.145   -10.660 12.794  1.00 26.25 ? 85   G   B "C1'" 1 
ATOM   392 N N9    . G   B 2 3  ? -0.047  -9.839  12.837  1.00 25.53 ? 85   G   B N9    1 
ATOM   393 C C8    . G   B 2 3  ? -0.095  -8.485  13.063  1.00 26.74 ? 85   G   B C8    1 
ATOM   394 N N7    . G   B 2 3  ? -1.315  -7.990  13.000  1.00 27.27 ? 85   G   B N7    1 
ATOM   395 C C5    . G   B 2 3  ? -2.118  -9.093  12.724  1.00 27.31 ? 85   G   B C5    1 
ATOM   396 C C6    . G   B 2 3  ? -3.518  -9.191  12.558  1.00 27.63 ? 85   G   B C6    1 
ATOM   397 O O6    . G   B 2 3  ? -4.370  -8.296  12.620  1.00 30.71 ? 85   G   B O6    1 
ATOM   398 N N1    . G   B 2 3  ? -3.906  -10.492 12.269  1.00 28.94 ? 85   G   B N1    1 
ATOM   399 C C2    . G   B 2 3  ? -3.081  -11.576 12.175  1.00 28.01 ? 85   G   B C2    1 
ATOM   400 N N2    . G   B 2 3  ? -3.676  -12.749 11.895  1.00 29.57 ? 85   G   B N2    1 
ATOM   401 N N3    . G   B 2 3  ? -1.757  -11.495 12.312  1.00 28.26 ? 85   G   B N3    1 
ATOM   402 C C4    . G   B 2 3  ? -1.348  -10.238 12.606  1.00 25.83 ? 85   G   B C4    1 
ATOM   403 P P     . U   B 2 4  ? 2.915   -9.065  8.649   1.00 23.58 ? 86   U   B P     1 
ATOM   404 O OP1   . U   B 2 4  ? 4.152   -9.158  7.872   1.00 21.06 ? 86   U   B OP1   1 
ATOM   405 O OP2   . U   B 2 4  ? 2.259   -7.748  8.907   1.00 22.11 ? 86   U   B OP2   1 
ATOM   406 O "O5'" . U   B 2 4  ? 1.735   -9.948  8.052   1.00 24.07 ? 86   U   B "O5'" 1 
ATOM   407 C "C5'" . U   B 2 4  ? 1.954   -11.339 7.814   1.00 24.29 ? 86   U   B "C5'" 1 
ATOM   408 C "C4'" . U   B 2 4  ? 0.635   -12.014 7.580   1.00 24.70 ? 86   U   B "C4'" 1 
ATOM   409 O "O4'" . U   B 2 4  ? -0.171  -11.860 8.767   1.00 25.74 ? 86   U   B "O4'" 1 
ATOM   410 C "C3'" . U   B 2 4  ? -0.222  -11.427 6.464   1.00 23.96 ? 86   U   B "C3'" 1 
ATOM   411 O "O3'" . U   B 2 4  ? 0.195   -11.964 5.198   1.00 24.84 ? 86   U   B "O3'" 1 
ATOM   412 C "C2'" . U   B 2 4  ? -1.600  -11.862 6.915   1.00 21.74 ? 86   U   B "C2'" 1 
ATOM   413 O "O2'" . U   B 2 4  ? -1.848  -13.230 6.702   1.00 23.26 ? 86   U   B "O2'" 1 
ATOM   414 C "C1'" . U   B 2 4  ? -1.521  -11.680 8.418   1.00 23.49 ? 86   U   B "C1'" 1 
ATOM   415 N N1    . U   B 2 4  ? -1.995  -10.360 8.831   1.00 23.09 ? 86   U   B N1    1 
ATOM   416 C C2    . U   B 2 4  ? -3.357  -10.172 8.925   1.00 23.35 ? 86   U   B C2    1 
ATOM   417 O O2    . U   B 2 4  ? -4.154  -11.070 8.664   1.00 25.06 ? 86   U   B O2    1 
ATOM   418 N N3    . U   B 2 4  ? -3.738  -8.890  9.275   1.00 26.15 ? 86   U   B N3    1 
ATOM   419 C C4    . U   B 2 4  ? -2.919  -7.815  9.543   1.00 25.29 ? 86   U   B C4    1 
ATOM   420 O O4    . U   B 2 4  ? -3.414  -6.724  9.830   1.00 25.24 ? 86   U   B O4    1 
ATOM   421 C C5    . U   B 2 4  ? -1.506  -8.099  9.419   1.00 22.92 ? 86   U   B C5    1 
ATOM   422 C C6    . U   B 2 4  ? -1.116  -9.338  9.104   1.00 22.89 ? 86   U   B C6    1 
ATOM   423 P P     . A   B 2 5  ? -0.041  -11.099 3.866   1.00 25.26 ? 1487 A   B P     1 
ATOM   424 O OP1   . A   B 2 5  ? 0.715   -11.746 2.772   1.00 23.01 ? 1487 A   B OP1   1 
ATOM   425 O OP2   . A   B 2 5  ? 0.210   -9.670  4.154   1.00 23.30 ? 1487 A   B OP2   1 
ATOM   426 O "O5'" . A   B 2 5  ? -1.622  -11.160 3.639   1.00 21.96 ? 1487 A   B "O5'" 1 
ATOM   427 C "C5'" . A   B 2 5  ? -2.237  -12.379 3.335   1.00 22.25 ? 1487 A   B "C5'" 1 
ATOM   428 C "C4'" . A   B 2 5  ? -3.708  -12.148 3.107   1.00 21.31 ? 1487 A   B "C4'" 1 
ATOM   429 O "O4'" . A   B 2 5  ? -4.422  -11.901 4.366   1.00 20.28 ? 1487 A   B "O4'" 1 
ATOM   430 C "C3'" . A   B 2 5  ? -4.032  -10.968 2.220   1.00 20.76 ? 1487 A   B "C3'" 1 
ATOM   431 O "O3'" . A   B 2 5  ? -3.912  -11.324 0.847   1.00 20.68 ? 1487 A   B "O3'" 1 
ATOM   432 C "C2'" . A   B 2 5  ? -5.472  -10.732 2.612   1.00 20.47 ? 1487 A   B "C2'" 1 
ATOM   433 O "O2'" . A   B 2 5  ? -6.353  -11.705 2.072   1.00 20.96 ? 1487 A   B "O2'" 1 
ATOM   434 C "C1'" . A   B 2 5  ? -5.407  -10.943 4.114   1.00 20.03 ? 1487 A   B "C1'" 1 
ATOM   435 N N9    . A   B 2 5  ? -5.065  -9.755  4.891   1.00 21.31 ? 1487 A   B N9    1 
ATOM   436 C C8    . A   B 2 5  ? -3.835  -9.344  5.296   1.00 23.03 ? 1487 A   B C8    1 
ATOM   437 N N7    . A   B 2 5  ? -3.864  -8.237  6.016   1.00 23.83 ? 1487 A   B N7    1 
ATOM   438 C C5    . A   B 2 5  ? -5.200  -7.902  6.055   1.00 21.23 ? 1487 A   B C5    1 
ATOM   439 C C6    . A   B 2 5  ? -5.908  -6.832  6.627   1.00 24.11 ? 1487 A   B C6    1 
ATOM   440 N N6    . A   B 2 5  ? -5.387  -5.848  7.340   1.00 25.35 ? 1487 A   B N6    1 
ATOM   441 N N1    . A   B 2 5  ? -7.244  -6.805  6.467   1.00 25.47 ? 1487 A   B N1    1 
ATOM   442 C C2    . A   B 2 5  ? -7.838  -7.802  5.775   1.00 24.18 ? 1487 A   B C2    1 
ATOM   443 N N3    . A   B 2 5  ? -7.292  -8.865  5.173   1.00 23.94 ? 1487 A   B N3    1 
ATOM   444 C C4    . A   B 2 5  ? -5.950  -8.844  5.363   1.00 22.82 ? 1487 A   B C4    1 
ATOM   445 P P     . C   B 2 6  ? -3.538  -10.197 -0.241  1.00 21.27 ? 1488 C   B P     1 
ATOM   446 O OP1   . C   B 2 6  ? -3.192  -10.933 -1.475  1.00 22.57 ? 1488 C   B OP1   1 
ATOM   447 O OP2   . C   B 2 6  ? -2.620  -9.188  0.297   1.00 19.70 ? 1488 C   B OP2   1 
ATOM   448 O "O5'" . C   B 2 6  ? -4.916  -9.401  -0.519  1.00 20.68 ? 1488 C   B "O5'" 1 
ATOM   449 C "C5'" . C   B 2 6  ? -6.072  -10.128 -1.025  1.00 22.95 ? 1488 C   B "C5'" 1 
ATOM   450 C "C4'" . C   B 2 6  ? -7.314  -9.283  -0.839  1.00 23.55 ? 1488 C   B "C4'" 1 
ATOM   451 O "O4'" . C   B 2 6  ? -7.598  -9.108  0.578   1.00 23.09 ? 1488 C   B "O4'" 1 
ATOM   452 C "C3'" . C   B 2 6  ? -7.179  -7.837  -1.323  1.00 22.71 ? 1488 C   B "C3'" 1 
ATOM   453 O "O3'" . C   B 2 6  ? -7.414  -7.737  -2.704  1.00 20.18 ? 1488 C   B "O3'" 1 
ATOM   454 C "C2'" . C   B 2 6  ? -8.297  -7.176  -0.558  1.00 22.65 ? 1488 C   B "C2'" 1 
ATOM   455 O "O2'" . C   B 2 6  ? -9.517  -7.520  -1.155  1.00 26.78 ? 1488 C   B "O2'" 1 
ATOM   456 C "C1'" . C   B 2 6  ? -8.134  -7.821  0.786   1.00 24.56 ? 1488 C   B "C1'" 1 
ATOM   457 N N1    . C   B 2 6  ? -7.239  -7.003  1.698   1.00 23.40 ? 1488 C   B N1    1 
ATOM   458 C C2    . C   B 2 6  ? -7.831  -6.024  2.458   1.00 25.31 ? 1488 C   B C2    1 
ATOM   459 O O2    . C   B 2 6  ? -9.057  -5.822  2.316   1.00 23.73 ? 1488 C   B O2    1 
ATOM   460 N N3    . C   B 2 6  ? -7.045  -5.299  3.298   1.00 24.13 ? 1488 C   B N3    1 
ATOM   461 C C4    . C   B 2 6  ? -5.720  -5.572  3.404   1.00 24.39 ? 1488 C   B C4    1 
ATOM   462 N N4    . C   B 2 6  ? -5.008  -4.818  4.286   1.00 20.18 ? 1488 C   B N4    1 
ATOM   463 C C5    . C   B 2 6  ? -5.107  -6.569  2.606   1.00 21.20 ? 1488 C   B C5    1 
ATOM   464 C C6    . C   B 2 6  ? -5.891  -7.279  1.786   1.00 22.88 ? 1488 C   B C6    1 
ATOM   465 P P     . U   B 2 7  ? -6.766  -6.572  -3.560  1.00 23.19 ? 1489 U   B P     1 
ATOM   466 O OP1   . U   B 2 7  ? -7.097  -6.790  -4.994  1.00 23.66 ? 1489 U   B OP1   1 
ATOM   467 O OP2   . U   B 2 7  ? -5.345  -6.354  -3.208  1.00 22.01 ? 1489 U   B OP2   1 
ATOM   468 O "O5'" . U   B 2 7  ? -7.536  -5.250  -3.038  1.00 23.77 ? 1489 U   B "O5'" 1 
ATOM   469 C "C5'" . U   B 2 7  ? -8.921  -5.089  -3.358  1.00 25.97 ? 1489 U   B "C5'" 1 
ATOM   470 C "C4'" . U   B 2 7  ? -9.488  -3.895  -2.632  1.00 25.62 ? 1489 U   B "C4'" 1 
ATOM   471 O "O4'" . U   B 2 7  ? -9.422  -4.136  -1.203  1.00 25.95 ? 1489 U   B "O4'" 1 
ATOM   472 C "C3'" . U   B 2 7  ? -8.727  -2.592  -2.849  1.00 25.52 ? 1489 U   B "C3'" 1 
ATOM   473 O "O3'" . U   B 2 7  ? -9.106  -1.980  -4.083  1.00 25.86 ? 1489 U   B "O3'" 1 
ATOM   474 C "C2'" . U   B 2 7  ? -9.237  -1.839  -1.652  1.00 26.92 ? 1489 U   B "C2'" 1 
ATOM   475 O "O2'" . U   B 2 7  ? -10.568 -1.429  -1.871  1.00 26.31 ? 1489 U   B "O2'" 1 
ATOM   476 C "C1'" . U   B 2 7  ? -9.204  -2.900  -0.560  1.00 25.60 ? 1489 U   B "C1'" 1 
ATOM   477 N N1    . U   B 2 7  ? -7.880  -2.902  0.144   1.00 26.41 ? 1489 U   B N1    1 
ATOM   478 C C2    . U   B 2 7  ? -7.703  -1.988  1.175   1.00 26.33 ? 1489 U   B C2    1 
ATOM   479 O O2    . U   B 2 7  ? -8.575  -1.206  1.503   1.00 28.37 ? 1489 U   B O2    1 
ATOM   480 N N3    . U   B 2 7  ? -6.484  -2.028  1.784   1.00 26.03 ? 1489 U   B N3    1 
ATOM   481 C C4    . U   B 2 7  ? -5.455  -2.876  1.487   1.00 25.52 ? 1489 U   B C4    1 
ATOM   482 O O4    . U   B 2 7  ? -4.424  -2.772  2.083   1.00 24.70 ? 1489 U   B O4    1 
ATOM   483 C C5    . U   B 2 7  ? -5.695  -3.800  0.404   1.00 26.59 ? 1489 U   B C5    1 
ATOM   484 C C6    . U   B 2 7  ? -6.897  -3.772  -0.199  1.00 27.53 ? 1489 U   B C6    1 
ATOM   485 P P     . A   B 2 8  ? -8.128  -1.026  -4.882  1.00 28.90 ? 1490 A   B P     1 
ATOM   486 O OP1   . A   B 2 8  ? -8.663  -0.754  -6.202  1.00 29.32 ? 1490 A   B OP1   1 
ATOM   487 O OP2   . A   B 2 8  ? -6.729  -1.564  -4.727  1.00 28.83 ? 1490 A   B OP2   1 
ATOM   488 O "O5'" . A   B 2 8  ? -8.153  0.336   -4.018  1.00 26.78 ? 1490 A   B "O5'" 1 
ATOM   489 C "C5'" . A   B 2 8  ? -9.377  0.989   -3.820  1.00 28.18 ? 1490 A   B "C5'" 1 
ATOM   490 C "C4'" . A   B 2 8  ? -9.220  2.166   -2.878  1.00 29.15 ? 1490 A   B "C4'" 1 
ATOM   491 O "O4'" . A   B 2 8  ? -8.981  1.687   -1.539  1.00 29.33 ? 1490 A   B "O4'" 1 
ATOM   492 C "C3'" . A   B 2 8  ? -8.062  3.101   -3.160  1.00 29.15 ? 1490 A   B "C3'" 1 
ATOM   493 O "O3'" . A   B 2 8  ? -8.448  4.047   -4.158  1.00 29.95 ? 1490 A   B "O3'" 1 
ATOM   494 C "C2'" . A   B 2 8  ? -7.900  3.753   -1.799  1.00 30.45 ? 1490 A   B "C2'" 1 
ATOM   495 O "O2'" . A   B 2 8  ? -8.909  4.743   -1.581  1.00 29.56 ? 1490 A   B "O2'" 1 
ATOM   496 C "C1'" . A   B 2 8  ? -8.105  2.567   -0.874  1.00 28.72 ? 1490 A   B "C1'" 1 
ATOM   497 N N9    . A   B 2 8  ? -6.917  1.772   -0.534  1.00 28.35 ? 1490 A   B N9    1 
ATOM   498 C C8    . A   B 2 8  ? -6.461  0.672   -1.212  1.00 26.76 ? 1490 A   B C8    1 
ATOM   499 N N7    . A   B 2 8  ? -5.405  0.123   -0.691  1.00 28.12 ? 1490 A   B N7    1 
ATOM   500 C C5    . A   B 2 8  ? -5.139  0.929   0.426   1.00 27.03 ? 1490 A   B C5    1 
ATOM   501 C C6    . A   B 2 8  ? -4.147  0.890   1.415   1.00 27.18 ? 1490 A   B C6    1 
ATOM   502 N N6    . A   B 2 8  ? -3.160  -0.009  1.498   1.00 22.10 ? 1490 A   B N6    1 
ATOM   503 N N1    . A   B 2 8  ? -4.192  1.871   2.362   1.00 25.12 ? 1490 A   B N1    1 
ATOM   504 C C2    . A   B 2 8  ? -5.146  2.781   2.320   1.00 29.01 ? 1490 A   B C2    1 
ATOM   505 N N3    . A   B 2 8  ? -6.138  2.920   1.459   1.00 30.08 ? 1490 A   B N3    1 
ATOM   506 C C4    . A   B 2 8  ? -6.071  1.946   0.528   1.00 27.47 ? 1490 A   B C4    1 
ATOM   507 P P     . A   B 2 9  ? -7.389  4.968   -4.924  1.00 29.99 ? 1491 A   B P     1 
ATOM   508 O OP1   . A   B 2 9  ? -7.991  5.302   -6.249  1.00 28.60 ? 1491 A   B OP1   1 
ATOM   509 O OP2   . A   B 2 9  ? -6.075  4.303   -4.899  1.00 28.86 ? 1491 A   B OP2   1 
ATOM   510 O "O5'" . A   B 2 9  ? -7.342  6.277   -3.983  1.00 29.42 ? 1491 A   B "O5'" 1 
ATOM   511 C "C5'" . A   B 2 9  ? -7.095  7.602   -4.477  1.00 32.30 ? 1491 A   B "C5'" 1 
ATOM   512 C "C4'" . A   B 2 9  ? -6.861  8.622   -3.362  1.00 30.05 ? 1491 A   B "C4'" 1 
ATOM   513 O "O4'" . A   B 2 9  ? -8.120  9.177   -2.864  1.00 28.25 ? 1491 A   B "O4'" 1 
ATOM   514 C "C3'" . A   B 2 9  ? -6.144  8.121   -2.112  1.00 28.24 ? 1491 A   B "C3'" 1 
ATOM   515 O "O3'" . A   B 2 9  ? -5.165  9.089   -1.736  1.00 27.13 ? 1491 A   B "O3'" 1 
ATOM   516 C "C2'" . A   B 2 9  ? -7.233  8.163   -1.035  1.00 31.44 ? 1491 A   B "C2'" 1 
ATOM   517 O "O2'" . A   B 2 9  ? -6.659  8.386   0.229   1.00 33.60 ? 1491 A   B "O2'" 1 
ATOM   518 C "C1'" . A   B 2 9  ? -8.047  9.393   -1.461  1.00 29.96 ? 1491 A   B "C1'" 1 
ATOM   519 N N9    . A   B 2 9  ? -9.428  9.664   -0.971  1.00 32.00 ? 1491 A   B N9    1 
ATOM   520 C C8    . A   B 2 9  ? -9.973  10.911  -0.774  1.00 31.27 ? 1491 A   B C8    1 
ATOM   521 N N7    . A   B 2 9  ? -11.243 10.918  -0.379  1.00 28.31 ? 1491 A   B N7    1 
ATOM   522 C C5    . A   B 2 9  ? -11.547 9.554   -0.326  1.00 33.24 ? 1491 A   B C5    1 
ATOM   523 C C6    . A   B 2 9  ? -12.734 8.867   0.032   1.00 34.64 ? 1491 A   B C6    1 
ATOM   524 N N6    . A   B 2 9  ? -13.890 9.482   0.377   1.00 30.67 ? 1491 A   B N6    1 
ATOM   525 N N1    . A   B 2 9  ? -12.713 7.518   -0.008  1.00 36.31 ? 1491 A   B N1    1 
ATOM   526 C C2    . A   B 2 9  ? -11.577 6.896   -0.362  1.00 39.13 ? 1491 A   B C2    1 
ATOM   527 N N3    . A   B 2 9  ? -10.403 7.438   -0.721  1.00 37.13 ? 1491 A   B N3    1 
ATOM   528 C C4    . A   B 2 9  ? -10.448 8.780   -0.678  1.00 31.91 ? 1491 A   B C4    1 
ATOM   529 P P     . A   B 2 10 ? -3.593  8.926   -1.966  1.00 32.77 ? 1492 A   B P     1 
ATOM   530 O OP1   . A   B 2 10 ? -3.033  10.306  -1.877  1.00 31.89 ? 1492 A   B OP1   1 
ATOM   531 O OP2   . A   B 2 10 ? -3.388  8.086   -3.167  1.00 31.73 ? 1492 A   B OP2   1 
ATOM   532 O "O5'" . A   B 2 10 ? -3.066  8.094   -0.675  1.00 29.20 ? 1492 A   B "O5'" 1 
ATOM   533 C "C5'" . A   B 2 10 ? -2.888  8.742   0.589   1.00 29.92 ? 1492 A   B "C5'" 1 
ATOM   534 C "C4'" . A   B 2 10 ? -2.310  7.763   1.583   1.00 29.02 ? 1492 A   B "C4'" 1 
ATOM   535 O "O4'" . A   B 2 10 ? -3.284  6.763   1.946   1.00 29.79 ? 1492 A   B "O4'" 1 
ATOM   536 C "C3'" . A   B 2 10 ? -1.153  7.003   0.985   1.00 31.02 ? 1492 A   B "C3'" 1 
ATOM   537 O "O3'" . A   B 2 10 ? 0.052   7.688   1.270   1.00 30.45 ? 1492 A   B "O3'" 1 
ATOM   538 C "C2'" . A   B 2 10 ? -1.230  5.664   1.693   1.00 30.20 ? 1492 A   B "C2'" 1 
ATOM   539 O "O2'" . A   B 2 10 ? -0.651  5.716   2.980   1.00 32.35 ? 1492 A   B "O2'" 1 
ATOM   540 C "C1'" . A   B 2 10 ? -2.742  5.457   1.776   1.00 29.62 ? 1492 A   B "C1'" 1 
ATOM   541 N N9    . A   B 2 10 ? -3.286  4.894   0.532   1.00 28.01 ? 1492 A   B N9    1 
ATOM   542 C C8    . A   B 2 10 ? -4.343  5.393   -0.171  1.00 28.30 ? 1492 A   B C8    1 
ATOM   543 N N7    . A   B 2 10 ? -4.627  4.724   -1.250  1.00 29.41 ? 1492 A   B N7    1 
ATOM   544 C C5    . A   B 2 10 ? -3.687  3.700   -1.265  1.00 26.92 ? 1492 A   B C5    1 
ATOM   545 C C6    . A   B 2 10 ? -3.442  2.639   -2.171  1.00 29.44 ? 1492 A   B C6    1 
ATOM   546 N N6    . A   B 2 10 ? -4.179  2.429   -3.282  1.00 31.29 ? 1492 A   B N6    1 
ATOM   547 N N1    . A   B 2 10 ? -2.430  1.783   -1.878  1.00 26.98 ? 1492 A   B N1    1 
ATOM   548 C C2    . A   B 2 10 ? -1.705  2.010   -0.775  1.00 25.65 ? 1492 A   B C2    1 
ATOM   549 N N3    . A   B 2 10 ? -1.830  2.969   0.128   1.00 25.36 ? 1492 A   B N3    1 
ATOM   550 C C4    . A   B 2 10 ? -2.850  3.796   -0.180  1.00 28.04 ? 1492 A   B C4    1 
ATOM   551 P P     . A   B 2 11 ? 1.242   7.593   0.210   1.00 30.39 ? 1493 A   B P     1 
ATOM   552 O OP1   . A   B 2 11 ? 0.732   7.941   -1.106  1.00 32.72 ? 1493 A   B OP1   1 
ATOM   553 O OP2   . A   B 2 11 ? 2.016   6.319   0.428   1.00 28.48 ? 1493 A   B OP2   1 
ATOM   554 O "O5'" . A   B 2 11 ? 2.164   8.790   0.725   1.00 32.74 ? 1493 A   B "O5'" 1 
ATOM   555 C "C5'" . A   B 2 11 ? 1.654   10.126  0.806   1.00 37.84 ? 1493 A   B "C5'" 1 
ATOM   556 C "C4'" . A   B 2 11 ? 2.458   10.957  1.783   1.00 38.95 ? 1493 A   B "C4'" 1 
ATOM   557 O "O4'" . A   B 2 11 ? 2.356   10.341  3.088   1.00 38.59 ? 1493 A   B "O4'" 1 
ATOM   558 C "C3'" . A   B 2 11 ? 3.949   11.047  1.499   1.00 40.63 ? 1493 A   B "C3'" 1 
ATOM   559 O "O3'" . A   B 2 11 ? 4.296   12.092  0.578   1.00 41.75 ? 1493 A   B "O3'" 1 
ATOM   560 C "C2'" . A   B 2 11 ? 4.496   11.337  2.887   1.00 41.55 ? 1493 A   B "C2'" 1 
ATOM   561 O "O2'" . A   B 2 11 ? 4.448   12.722  3.213   1.00 41.73 ? 1493 A   B "O2'" 1 
ATOM   562 C "C1'" . A   B 2 11 ? 3.568   10.518  3.796   1.00 40.48 ? 1493 A   B "C1'" 1 
ATOM   563 N N9    . A   B 2 11 ? 4.176   9.235   4.128   1.00 40.16 ? 1493 A   B N9    1 
ATOM   564 C C8    . A   B 2 11 ? 4.261   8.142   3.317   1.00 40.57 ? 1493 A   B C8    1 
ATOM   565 N N7    . A   B 2 11 ? 4.865   7.114   3.850   1.00 37.83 ? 1493 A   B N7    1 
ATOM   566 C C5    . A   B 2 11 ? 5.223   7.575   5.100   1.00 38.98 ? 1493 A   B C5    1 
ATOM   567 C C6    . A   B 2 11 ? 5.926   6.954   6.155   1.00 38.98 ? 1493 A   B C6    1 
ATOM   568 N N6    . A   B 2 11 ? 6.373   5.706   6.055   1.00 35.92 ? 1493 A   B N6    1 
ATOM   569 N N1    . A   B 2 11 ? 6.136   7.667   7.295   1.00 39.40 ? 1493 A   B N1    1 
ATOM   570 C C2    . A   B 2 11 ? 5.662   8.925   7.335   1.00 41.08 ? 1493 A   B C2    1 
ATOM   571 N N3    . A   B 2 11 ? 4.992   9.621   6.403   1.00 42.15 ? 1493 A   B N3    1 
ATOM   572 C C4    . A   B 2 11 ? 4.806   8.872   5.292   1.00 40.05 ? 1493 A   B C4    1 
ATOM   573 P P     . G   B 2 12 ? 4.773   11.753  -0.913  1.00 43.22 ? 1494 G   B P     1 
ATOM   574 O OP1   . G   B 2 12 ? 5.177   12.989  -1.592  1.00 46.67 ? 1494 G   B OP1   1 
ATOM   575 O OP2   . G   B 2 12 ? 3.720   10.898  -1.518  1.00 45.07 ? 1494 G   B OP2   1 
ATOM   576 O "O5'" . G   B 2 12 ? 6.096   10.890  -0.755  1.00 41.96 ? 1494 G   B "O5'" 1 
ATOM   577 C "C5'" . G   B 2 12 ? 7.111   11.238  0.166   1.00 40.12 ? 1494 G   B "C5'" 1 
ATOM   578 C "C4'" . G   B 2 12 ? 7.844   10.006  0.695   1.00 38.09 ? 1494 G   B "C4'" 1 
ATOM   579 O "O4'" . G   B 2 12 ? 6.889   9.047   1.217   1.00 35.47 ? 1494 G   B "O4'" 1 
ATOM   580 C "C3'" . G   B 2 12 ? 8.648   9.214   -0.313  1.00 36.44 ? 1494 G   B "C3'" 1 
ATOM   581 O "O3'" . G   B 2 12 ? 9.932   9.821   -0.558  1.00 34.99 ? 1494 G   B "O3'" 1 
ATOM   582 C "C2'" . G   B 2 12 ? 8.741   7.861   0.393   1.00 34.15 ? 1494 G   B "C2'" 1 
ATOM   583 O "O2'" . G   B 2 12 ? 9.649   7.843   1.494   1.00 32.31 ? 1494 G   B "O2'" 1 
ATOM   584 C "C1'" . G   B 2 12 ? 7.324   7.726   0.945   1.00 33.88 ? 1494 G   B "C1'" 1 
ATOM   585 N N9    . G   B 2 12 ? 6.398   7.111   0.000   1.00 32.23 ? 1494 G   B N9    1 
ATOM   586 C C8    . G   B 2 12 ? 5.353   7.714   -0.666  1.00 30.50 ? 1494 G   B C8    1 
ATOM   587 N N7    . G   B 2 12 ? 4.704   6.898   -1.465  1.00 30.32 ? 1494 G   B N7    1 
ATOM   588 C C5    . G   B 2 12 ? 5.383   5.672   -1.300  1.00 29.59 ? 1494 G   B C5    1 
ATOM   589 C C6    . G   B 2 12 ? 5.151   4.403   -1.890  1.00 27.14 ? 1494 G   B C6    1 
ATOM   590 O O6    . G   B 2 12 ? 4.289   4.092   -2.715  1.00 28.36 ? 1494 G   B O6    1 
ATOM   591 N N1    . G   B 2 12 ? 6.084   3.458   -1.453  1.00 25.58 ? 1494 G   B N1    1 
ATOM   592 C C2    . G   B 2 12 ? 7.096   3.671   -0.547  1.00 28.34 ? 1494 G   B C2    1 
ATOM   593 N N2    . G   B 2 12 ? 7.906   2.633   -0.213  1.00 25.97 ? 1494 G   B N2    1 
ATOM   594 N N3    . G   B 2 12 ? 7.310   4.841   0.023   1.00 28.83 ? 1494 G   B N3    1 
ATOM   595 C C4    . G   B 2 12 ? 6.426   5.792   -0.411  1.00 28.55 ? 1494 G   B C4    1 
ATOM   596 P P     . U   B 2 13 ? 10.601  9.695   -2.005  1.00 36.61 ? 1495 U   B P     1 
ATOM   597 O OP1   . U   B 2 13 ? 11.932  10.361  -1.943  1.00 36.74 ? 1495 U   B OP1   1 
ATOM   598 O OP2   . U   B 2 13 ? 9.642   10.033  -3.079  1.00 31.54 ? 1495 U   B OP2   1 
ATOM   599 O "O5'" . U   B 2 13 ? 10.854  8.126   -2.114  1.00 33.06 ? 1495 U   B "O5'" 1 
ATOM   600 C "C5'" . U   B 2 13 ? 11.664  7.450   -1.197  1.00 32.12 ? 1495 U   B "C5'" 1 
ATOM   601 C "C4'" . U   B 2 13 ? 11.729  5.979   -1.530  1.00 29.66 ? 1495 U   B "C4'" 1 
ATOM   602 O "O4'" . U   B 2 13 ? 10.422  5.358   -1.337  1.00 27.77 ? 1495 U   B "O4'" 1 
ATOM   603 C "C3'" . U   B 2 13 ? 12.056  5.661   -2.970  1.00 29.13 ? 1495 U   B "C3'" 1 
ATOM   604 O "O3'" . U   B 2 13 ? 13.470  5.740   -3.184  1.00 30.34 ? 1495 U   B "O3'" 1 
ATOM   605 C "C2'" . U   B 2 13 ? 11.503  4.263   -3.100  1.00 28.88 ? 1495 U   B "C2'" 1 
ATOM   606 O "O2'" . U   B 2 13 ? 12.269  3.288   -2.385  1.00 28.75 ? 1495 U   B "O2'" 1 
ATOM   607 C "C1'" . U   B 2 13 ? 10.191  4.395   -2.347  1.00 28.12 ? 1495 U   B "C1'" 1 
ATOM   608 N N1    . U   B 2 13 ? 9.018   4.811   -3.135  1.00 25.63 ? 1495 U   B N1    1 
ATOM   609 C C2    . U   B 2 13 ? 8.338   3.862   -3.863  1.00 26.15 ? 1495 U   B C2    1 
ATOM   610 O O2    . U   B 2 13 ? 8.661   2.682   -3.903  1.00 22.32 ? 1495 U   B O2    1 
ATOM   611 N N3    . U   B 2 13 ? 7.251   4.344   -4.538  1.00 24.39 ? 1495 U   B N3    1 
ATOM   612 C C4    . U   B 2 13 ? 6.812   5.674   -4.581  1.00 26.98 ? 1495 U   B C4    1 
ATOM   613 O O4    . U   B 2 13 ? 5.812   5.985   -5.237  1.00 25.59 ? 1495 U   B O4    1 
ATOM   614 C C5    . U   B 2 13 ? 7.566   6.569   -3.784  1.00 26.98 ? 1495 U   B C5    1 
ATOM   615 C C6    . U   B 2 13 ? 8.629   6.110   -3.107  1.00 26.69 ? 1495 U   B C6    1 
ATOM   616 P P     . C   B 2 14 ? 14.066  6.444   -4.510  1.00 29.03 ? 1496 C   B P     1 
ATOM   617 O OP1   . C   B 2 14 ? 15.481  6.705   -4.209  1.00 31.05 ? 1496 C   B OP1   1 
ATOM   618 O OP2   . C   B 2 14 ? 13.147  7.492   -5.049  1.00 28.82 ? 1496 C   B OP2   1 
ATOM   619 O "O5'" . C   B 2 14 ? 14.107  5.289   -5.614  1.00 25.90 ? 1496 C   B "O5'" 1 
ATOM   620 C "C5'" . C   B 2 14 ? 14.885  4.148   -5.405  1.00 26.06 ? 1496 C   B "C5'" 1 
ATOM   621 C "C4'" . C   B 2 14 ? 14.321  2.973   -6.196  1.00 24.67 ? 1496 C   B "C4'" 1 
ATOM   622 O "O4'" . C   B 2 14 ? 13.033  2.640   -5.669  1.00 21.53 ? 1496 C   B "O4'" 1 
ATOM   623 C "C3'" . C   B 2 14 ? 14.076  3.184   -7.683  1.00 24.09 ? 1496 C   B "C3'" 1 
ATOM   624 O "O3'" . C   B 2 14 ? 15.283  3.067   -8.454  1.00 23.92 ? 1496 C   B "O3'" 1 
ATOM   625 C "C2'" . C   B 2 14 ? 13.129  2.033   -7.976  1.00 24.32 ? 1496 C   B "C2'" 1 
ATOM   626 O "O2'" . C   B 2 14 ? 13.765  0.764   -8.113  1.00 23.83 ? 1496 C   B "O2'" 1 
ATOM   627 C "C1'" . C   B 2 14 ? 12.275  2.059   -6.722  1.00 23.04 ? 1496 C   B "C1'" 1 
ATOM   628 N N1    . C   B 2 14 ? 11.063  2.923   -6.939  1.00 22.89 ? 1496 C   B N1    1 
ATOM   629 C C2    . C   B 2 14 ? 9.934   2.326   -7.484  1.00 23.02 ? 1496 C   B C2    1 
ATOM   630 O O2    . C   B 2 14 ? 9.960   1.100   -7.807  1.00 25.61 ? 1496 C   B O2    1 
ATOM   631 N N3    . C   B 2 14 ? 8.851   3.104   -7.653  1.00 23.98 ? 1496 C   B N3    1 
ATOM   632 C C4    . C   B 2 14 ? 8.857   4.409   -7.351  1.00 24.78 ? 1496 C   B C4    1 
ATOM   633 N N4    . C   B 2 14 ? 7.724   5.113   -7.579  1.00 21.91 ? 1496 C   B N4    1 
ATOM   634 C C5    . C   B 2 14 ? 10.013  5.030   -6.791  1.00 20.82 ? 1496 C   B C5    1 
ATOM   635 C C6    . C   B 2 14 ? 11.089  4.258   -6.610  1.00 23.12 ? 1496 C   B C6    1 
ATOM   636 P P     . G   B 2 15 ? 15.438  3.860   -9.799  1.00 27.70 ? 1497 G   B P     1 
ATOM   637 O OP1   . G   B 2 15 ? 16.889  3.838   -10.069 1.00 28.35 ? 1497 G   B OP1   1 
ATOM   638 O OP2   . G   B 2 15 ? 14.739  5.172   -9.680  1.00 25.40 ? 1497 G   B OP2   1 
ATOM   639 O "O5'" . G   B 2 15 ? 14.693  3.005   -10.932 1.00 28.45 ? 1497 G   B "O5'" 1 
ATOM   640 C "C5'" . G   B 2 15 ? 15.016  1.676   -11.217 1.00 29.94 ? 1497 G   B "C5'" 1 
ATOM   641 C "C4'" . G   B 2 15 ? 13.899  1.027   -11.995 1.00 31.22 ? 1497 G   B "C4'" 1 
ATOM   642 O "O4'" . G   B 2 15 ? 12.698  0.945   -11.172 1.00 30.42 ? 1497 G   B "O4'" 1 
ATOM   643 C "C3'" . G   B 2 15 ? 13.426  1.813   -13.209 1.00 30.37 ? 1497 G   B "C3'" 1 
ATOM   644 O "O3'" . G   B 2 15 ? 14.269  1.588   -14.311 1.00 34.15 ? 1497 G   B "O3'" 1 
ATOM   645 C "C2'" . G   B 2 15 ? 12.073  1.200   -13.443 1.00 31.56 ? 1497 G   B "C2'" 1 
ATOM   646 O "O2'" . G   B 2 15 ? 12.202  -0.028  -14.122 1.00 32.42 ? 1497 G   B "O2'" 1 
ATOM   647 C "C1'" . G   B 2 15 ? 11.563  1.019   -12.014 1.00 29.75 ? 1497 G   B "C1'" 1 
ATOM   648 N N9    . G   B 2 15 ? 10.752  2.157   -11.591 1.00 27.10 ? 1497 G   B N9    1 
ATOM   649 C C8    . G   B 2 15 ? 11.122  3.218   -10.809 1.00 26.44 ? 1497 G   B C8    1 
ATOM   650 N N7    . G   B 2 15 ? 10.161  4.091   -10.614 1.00 25.25 ? 1497 G   B N7    1 
ATOM   651 C C5    . G   B 2 15 ? 9.083   3.555   -11.325 1.00 28.32 ? 1497 G   B C5    1 
ATOM   652 C C6    . G   B 2 15 ? 7.761   4.047   -11.507 1.00 28.33 ? 1497 G   B C6    1 
ATOM   653 O O6    . G   B 2 15 ? 7.260   5.053   -11.036 1.00 28.98 ? 1497 G   B O6    1 
ATOM   654 N N1    . G   B 2 15 ? 6.986   3.218   -12.307 1.00 28.97 ? 1497 G   B N1    1 
ATOM   655 C C2    . G   B 2 15 ? 7.439   2.046   -12.857 1.00 28.68 ? 1497 G   B C2    1 
ATOM   656 N N2    . G   B 2 15 ? 6.580   1.368   -13.612 1.00 28.95 ? 1497 G   B N2    1 
ATOM   657 N N3    . G   B 2 15 ? 8.679   1.562   -12.703 1.00 28.16 ? 1497 G   B N3    1 
ATOM   658 C C4    . G   B 2 15 ? 9.430   2.370   -11.922 1.00 26.94 ? 1497 G   B C4    1 
ATOM   659 P P     . C   B 2 16 ? 14.377  2.636   -15.519 1.00 36.41 ? 98   C   B P     1 
ATOM   660 O OP1   . C   B 2 16 ? 15.520  2.141   -16.328 1.00 37.11 ? 98   C   B OP1   1 
ATOM   661 O OP2   . C   B 2 16 ? 14.341  4.032   -15.073 1.00 34.88 ? 98   C   B OP2   1 
ATOM   662 O "O5'" . C   B 2 16 ? 13.020  2.431   -16.325 1.00 39.01 ? 98   C   B "O5'" 1 
ATOM   663 C "C5'" . C   B 2 16 ? 12.673  1.123   -16.774 1.00 40.61 ? 98   C   B "C5'" 1 
ATOM   664 C "C4'" . C   B 2 16 ? 11.277  1.129   -17.345 1.00 41.68 ? 98   C   B "C4'" 1 
ATOM   665 O "O4'" . C   B 2 16 ? 10.292  1.253   -16.296 1.00 41.77 ? 98   C   B "O4'" 1 
ATOM   666 C "C3'" . C   B 2 16 ? 10.995  2.305   -18.255 1.00 43.43 ? 98   C   B "C3'" 1 
ATOM   667 O "O3'" . C   B 2 16 ? 11.535  2.051   -19.546 1.00 46.87 ? 98   C   B "O3'" 1 
ATOM   668 C "C2'" . C   B 2 16 ? 9.482   2.334   -18.239 1.00 43.00 ? 98   C   B "C2'" 1 
ATOM   669 O "O2'" . C   B 2 16 ? 8.941   1.308   -19.041 1.00 43.85 ? 98   C   B "O2'" 1 
ATOM   670 C "C1'" . C   B 2 16 ? 9.187   1.989   -16.785 1.00 41.60 ? 98   C   B "C1'" 1 
ATOM   671 N N1    . C   B 2 16 ? 8.994   3.187   -15.940 1.00 37.59 ? 98   C   B N1    1 
ATOM   672 C C2    . C   B 2 16 ? 7.717   3.725   -15.856 1.00 36.68 ? 98   C   B C2    1 
ATOM   673 O O2    . C   B 2 16 ? 6.817   3.184   -16.500 1.00 37.15 ? 98   C   B O2    1 
ATOM   674 N N3    . C   B 2 16 ? 7.528   4.815   -15.086 1.00 32.60 ? 98   C   B N3    1 
ATOM   675 C C4    . C   B 2 16 ? 8.547   5.345   -14.443 1.00 31.03 ? 98   C   B C4    1 
ATOM   676 N N4    . C   B 2 16 ? 8.316   6.417   -13.699 1.00 32.47 ? 98   C   B N4    1 
ATOM   677 C C5    . C   B 2 16 ? 9.853   4.812   -14.511 1.00 32.62 ? 98   C   B C5    1 
ATOM   678 C C6    . C   B 2 16 ? 10.030  3.742   -15.266 1.00 35.05 ? 98   C   B C6    1 
ATOM   679 P P     . C   B 2 17 ? 11.963  3.284   -20.491 1.00 50.18 ? 99   C   B P     1 
ATOM   680 O OP1   . C   B 2 17 ? 12.714  2.654   -21.607 1.00 52.09 ? 99   C   B OP1   1 
ATOM   681 O OP2   . C   B 2 17 ? 12.610  4.369   -19.695 1.00 50.21 ? 99   C   B OP2   1 
ATOM   682 O "O5'" . C   B 2 17 ? 10.564  3.847   -20.985 1.00 46.78 ? 99   C   B "O5'" 1 
ATOM   683 C "C5'" . C   B 2 17 ? 9.741   3.035   -21.804 1.00 45.61 ? 99   C   B "C5'" 1 
ATOM   684 C "C4'" . C   B 2 17 ? 8.437   3.744   -22.030 1.00 44.81 ? 99   C   B "C4'" 1 
ATOM   685 O "O4'" . C   B 2 17 ? 7.682   3.791   -20.794 1.00 44.15 ? 99   C   B "O4'" 1 
ATOM   686 C "C3'" . C   B 2 17 ? 8.622   5.217   -22.400 1.00 44.81 ? 99   C   B "C3'" 1 
ATOM   687 O "O3'" . C   B 2 17 ? 9.081   5.449   -23.768 1.00 45.91 ? 99   C   B "O3'" 1 
ATOM   688 C "C2'" . C   B 2 17 ? 7.234   5.734   -22.027 1.00 42.48 ? 99   C   B "C2'" 1 
ATOM   689 O "O2'" . C   B 2 17 ? 6.280   5.332   -22.980 1.00 42.20 ? 99   C   B "O2'" 1 
ATOM   690 C "C1'" . C   B 2 17 ? 6.972   5.011   -20.700 1.00 41.11 ? 99   C   B "C1'" 1 
ATOM   691 N N1    . C   B 2 17 ? 7.444   5.794   -19.515 1.00 36.21 ? 99   C   B N1    1 
ATOM   692 C C2    . C   B 2 17 ? 6.574   6.685   -18.891 1.00 33.88 ? 99   C   B C2    1 
ATOM   693 O O2    . C   B 2 17 ? 5.410   6.775   -19.302 1.00 35.21 ? 99   C   B O2    1 
ATOM   694 N N3    . C   B 2 17 ? 7.023   7.414   -17.839 1.00 31.68 ? 99   C   B N3    1 
ATOM   695 C C4    . C   B 2 17 ? 8.276   7.271   -17.401 1.00 31.32 ? 99   C   B C4    1 
ATOM   696 N N4    . C   B 2 17 ? 8.686   8.005   -16.363 1.00 30.85 ? 99   C   B N4    1 
ATOM   697 C C5    . C   B 2 17 ? 9.185   6.380   -18.035 1.00 32.88 ? 99   C   B C5    1 
ATOM   698 C C6    . C   B 2 17 ? 8.731   5.669   -19.082 1.00 35.16 ? 99   C   B C6    1 
HETATM 699 C CA1   . AM2 C 3 .  ? -3.903  -2.230  10.692  1.00 33.04 ? 101  AM2 B CA1   1 
HETATM 700 C CA2   . AM2 C 3 .  ? -4.597  -1.653  9.400   1.00 31.92 ? 101  AM2 B CA2   1 
HETATM 701 C CA3   . AM2 C 3 .  ? -4.196  -2.508  8.180   1.00 28.65 ? 101  AM2 B CA3   1 
HETATM 702 C CA4   . AM2 C 3 .  ? -2.642  -2.417  8.079   1.00 32.31 ? 101  AM2 B CA4   1 
HETATM 703 C CA5   . AM2 C 3 .  ? -1.917  -2.986  9.404   1.00 31.42 ? 101  AM2 B CA5   1 
HETATM 704 C CA6   . AM2 C 3 .  ? -0.366  -2.880  9.319   1.00 33.21 ? 101  AM2 B CA6   1 
HETATM 705 C CA7   . AM2 C 3 .  ? 0.091   -3.688  8.037   1.00 30.42 ? 101  AM2 B CA7   1 
HETATM 706 C CA8   . AM2 C 3 .  ? -0.673  -3.129  6.786   1.00 30.65 ? 101  AM2 B CA8   1 
HETATM 707 C CA9   . AM2 C 3 .  ? 2.529   -4.071  8.934   1.00 35.20 ? 101  AM2 B CA9   1 
HETATM 708 O OA4   . AM2 C 3 .  ? -2.416  -2.232  10.563  1.00 32.20 ? 101  AM2 B OA4   1 
HETATM 709 O OA5   . AM2 C 3 .  ? -2.157  -3.181  6.935   1.00 30.46 ? 101  AM2 B OA5   1 
HETATM 710 N NA2   . AM2 C 3 .  ? -6.086  -1.663  9.555   1.00 25.65 ? 101  AM2 B NA2   1 
HETATM 711 N NA7   . AM2 C 3 .  ? 1.602   -3.604  7.840   1.00 34.17 ? 101  AM2 B NA7   1 
HETATM 712 O OA6   . AM2 C 3 .  ? -0.044  -1.491  9.232   1.00 32.01 ? 101  AM2 B OA6   1 
HETATM 713 O OA8   . AM2 C 3 .  ? -0.322  -3.873  5.677   1.00 26.74 ? 101  AM2 B OA8   1 
HETATM 714 O OA1   . AM2 C 3 .  ? -4.323  -3.573  10.964  1.00 33.33 ? 101  AM2 B OA1   1 
HETATM 715 C CB1   . AM2 C 3 .  ? -0.595  -3.205  4.434   1.00 28.78 ? 101  AM2 B CB1   1 
HETATM 716 C CB2   . AM2 C 3 .  ? -1.128  -4.214  3.388   1.00 26.90 ? 101  AM2 B CB2   1 
HETATM 717 C CB3   . AM2 C 3 .  ? -0.045  -5.262  2.989   1.00 29.15 ? 101  AM2 B CB3   1 
HETATM 718 C CB4   . AM2 C 3 .  ? 1.201   -4.523  2.418   1.00 27.44 ? 101  AM2 B CB4   1 
HETATM 719 C CB5   . AM2 C 3 .  ? 1.739   -3.571  3.566   1.00 28.40 ? 101  AM2 B CB5   1 
HETATM 720 C CB6   . AM2 C 3 .  ? 2.960   -2.772  3.121   1.00 28.26 ? 101  AM2 B CB6   1 
HETATM 721 O OB1   . AM2 C 3 .  ? 0.657   -2.587  3.925   1.00 26.17 ? 101  AM2 B OB1   1 
HETATM 722 N NB4   . AM2 C 3 .  ? 2.239   -5.523  2.036   1.00 27.46 ? 101  AM2 B NB4   1 
HETATM 723 O OB2   . AM2 C 3 .  ? -2.298  -4.836  3.952   1.00 28.40 ? 101  AM2 B OB2   1 
HETATM 724 O OB3   . AM2 C 3 .  ? -0.589  -6.112  2.001   1.00 26.38 ? 101  AM2 B OB3   1 
HETATM 725 O OB6   . AM2 C 3 .  ? 2.698   -2.168  1.882   1.00 33.49 ? 101  AM2 B OB6   1 
HETATM 726 C CC1   . AM2 C 3 .  ? -4.289  -3.911  12.335  1.00 35.35 ? 101  AM2 B CC1   1 
HETATM 727 C CC2   . AM2 C 3 .  ? -5.748  -3.843  12.889  1.00 37.75 ? 101  AM2 B CC2   1 
HETATM 728 C CC3   . AM2 C 3 .  ? -5.722  -4.183  14.408  1.00 38.78 ? 101  AM2 B CC3   1 
HETATM 729 C CC4   . AM2 C 3 .  ? -5.127  -5.605  14.647  1.00 38.97 ? 101  AM2 B CC4   1 
HETATM 730 C CC5   . AM2 C 3 .  ? -3.658  -5.686  14.081  1.00 36.27 ? 101  AM2 B CC5   1 
HETATM 731 C CC6   . AM2 C 3 .  ? -3.690  -5.346  12.534  1.00 36.82 ? 101  AM2 B CC6   1 
HETATM 732 N NC4   . AM2 C 3 .  ? -5.107  -5.904  16.106  1.00 35.43 ? 101  AM2 B NC4   1 
HETATM 733 N NC6   . AM2 C 3 .  ? -2.308  -5.428  12.010  1.00 34.92 ? 101  AM2 B NC6   1 
HETATM 734 O OC2   . AM2 C 3 .  ? -6.290  -2.521  12.712  1.00 40.50 ? 101  AM2 B OC2   1 
HETATM 735 O OC3   . AM2 C 3 .  ? -7.057  -4.121  14.882  1.00 40.70 ? 101  AM2 B OC3   1 
HETATM 736 O O     . HOH D 4 .  ? 0.024   -1.030  1.123   1.00 25.98 ? 103  HOH A O     1 
HETATM 737 O O     . HOH D 4 .  ? 10.633  -0.169  -4.737  1.00 28.57 ? 106  HOH A O     1 
HETATM 738 O O     . HOH D 4 .  ? 7.938   -7.134  -5.930  1.00 31.08 ? 111  HOH A O     1 
HETATM 739 O O     . HOH D 4 .  ? 1.469   0.784   -5.200  1.00 31.63 ? 112  HOH A O     1 
HETATM 740 O O     . HOH D 4 .  ? 0.452   3.952   -2.435  1.00 34.92 ? 115  HOH A O     1 
HETATM 741 O O     . HOH D 4 .  ? 1.703   -0.038  -7.695  1.00 33.28 ? 118  HOH A O     1 
HETATM 742 O O     . HOH D 4 .  ? 1.994   -1.083  6.927   1.00 35.13 ? 126  HOH A O     1 
HETATM 743 O O     . HOH D 4 .  ? -9.619  -11.750 7.051   1.00 35.69 ? 129  HOH A O     1 
HETATM 744 O O     . HOH D 4 .  ? -8.921  -6.841  14.279  1.00 36.61 ? 132  HOH A O     1 
HETATM 745 O O     . HOH D 4 .  ? 1.307   18.697  -11.215 1.00 36.87 ? 133  HOH A O     1 
HETATM 746 O O     . HOH D 4 .  ? 3.982   -4.571  6.184   1.00 37.12 ? 136  HOH A O     1 
HETATM 747 O O     . HOH D 4 .  ? 7.110   4.016   3.592   1.00 36.64 ? 137  HOH A O     1 
HETATM 748 O O     . HOH D 4 .  ? -5.591  0.440   10.944  1.00 37.95 ? 140  HOH A O     1 
HETATM 749 O O     . HOH D 4 .  ? -12.664 -3.150  1.177   1.00 36.00 ? 143  HOH A O     1 
HETATM 750 O O     . HOH D 4 .  ? 0.696   -0.031  -2.380  1.00 37.53 ? 147  HOH A O     1 
HETATM 751 O O     . HOH D 4 .  ? 1.926   -2.542  -5.166  1.00 38.62 ? 149  HOH A O     1 
HETATM 752 O O     . HOH D 4 .  ? -9.034  -5.090  12.117  1.00 38.89 ? 150  HOH A O     1 
HETATM 753 O O     . HOH D 4 .  ? 5.034   5.345   10.110  1.00 38.90 ? 151  HOH A O     1 
HETATM 754 O O     . HOH D 4 .  ? -2.351  7.633   5.406   1.00 38.98 ? 156  HOH A O     1 
HETATM 755 O O     . HOH D 4 .  ? -14.078 -13.372 7.326   1.00 39.38 ? 158  HOH A O     1 
HETATM 756 O O     . HOH D 4 .  ? 6.590   -8.741  -3.671  1.00 39.77 ? 161  HOH A O     1 
HETATM 757 O O     . HOH D 4 .  ? 9.196   -2.691  -10.461 1.00 39.13 ? 162  HOH A O     1 
HETATM 758 O O     . HOH D 4 .  ? 9.622   0.069   5.968   1.00 40.20 ? 163  HOH A O     1 
HETATM 759 O O     . HOH D 4 .  ? 3.555   -8.099  -1.287  1.00 41.72 ? 167  HOH A O     1 
HETATM 760 O O     . HOH D 4 .  ? 2.815   -3.914  -1.575  1.00 43.14 ? 169  HOH A O     1 
HETATM 761 O O     . HOH D 4 .  ? 2.847   7.615   -9.892  1.00 42.36 ? 170  HOH A O     1 
HETATM 762 O O     . HOH D 4 .  ? 1.714   -1.506  -0.959  1.00 40.38 ? 175  HOH A O     1 
HETATM 763 O O     . HOH D 4 .  ? 1.474   4.006   -9.037  1.00 42.87 ? 177  HOH A O     1 
HETATM 764 O O     . HOH D 4 .  ? 3.952   5.439   -7.445  1.00 41.48 ? 180  HOH A O     1 
HETATM 765 O O     . HOH D 4 .  ? 6.655   -3.358  -12.178 1.00 41.88 ? 181  HOH A O     1 
HETATM 766 O O     . HOH D 4 .  ? 8.244   16.838  -7.906  1.00 41.03 ? 182  HOH A O     1 
HETATM 767 O O     . HOH D 4 .  ? 4.321   4.423   12.252  1.00 44.90 ? 186  HOH A O     1 
HETATM 768 O O     . HOH D 4 .  ? -13.988 -8.143  5.121   1.00 43.81 ? 187  HOH A O     1 
HETATM 769 O O     . HOH D 4 .  ? -0.335  1.696   -8.353  1.00 43.83 ? 188  HOH A O     1 
HETATM 770 O O     . HOH D 4 .  ? -2.018  7.475   10.421  1.00 44.61 ? 189  HOH A O     1 
HETATM 771 O O     . HOH D 4 .  ? -1.524  -15.255 14.849  1.00 43.59 ? 190  HOH A O     1 
HETATM 772 O O     . HOH D 4 .  ? -5.298  6.083   4.517   1.00 42.27 ? 194  HOH A O     1 
HETATM 773 O O     . HOH D 4 .  ? 1.158   -7.576  -7.436  1.00 44.01 ? 195  HOH A O     1 
HETATM 774 O O     . HOH D 4 .  ? -3.632  8.929   9.011   1.00 43.27 ? 196  HOH A O     1 
HETATM 775 O O     . HOH D 4 .  ? -17.446 -11.662 11.107  1.00 43.96 ? 197  HOH A O     1 
HETATM 776 O O     . HOH D 4 .  ? -0.447  6.929   12.748  1.00 43.34 ? 198  HOH A O     1 
HETATM 777 O O     . HOH D 4 .  ? -11.066 -6.800  3.782   1.00 43.03 ? 203  HOH A O     1 
HETATM 778 O O     . HOH D 4 .  ? -0.453  -7.290  -3.467  1.00 43.32 ? 205  HOH A O     1 
HETATM 779 O O     . HOH D 4 .  ? 3.627   0.535   -18.938 1.00 43.97 ? 206  HOH A O     1 
HETATM 780 O O     . HOH D 4 .  ? -1.134  4.820   13.684  1.00 44.47 ? 210  HOH A O     1 
HETATM 781 O O     . HOH D 4 .  ? 9.711   14.290  -11.305 1.00 45.64 ? 215  HOH A O     1 
HETATM 782 O O     . HOH D 4 .  ? 0.441   -5.881  -4.920  1.00 46.24 ? 219  HOH A O     1 
HETATM 783 O O     . HOH D 4 .  ? -9.783  -9.490  16.040  1.00 46.39 ? 222  HOH A O     1 
HETATM 784 O O     . HOH D 4 .  ? 3.150   0.037   -15.807 1.00 47.37 ? 224  HOH A O     1 
HETATM 785 O O     . HOH D 4 .  ? -16.873 -0.719  12.386  1.00 46.90 ? 225  HOH A O     1 
HETATM 786 O O     . HOH D 4 .  ? 3.154   -8.967  -6.264  1.00 48.65 ? 228  HOH A O     1 
HETATM 787 O O     . HOH D 4 .  ? -12.936 -17.674 16.687  1.00 47.18 ? 229  HOH A O     1 
HETATM 788 O O     . HOH D 4 .  ? -5.819  9.173   -14.401 1.00 48.78 ? 230  HOH A O     1 
HETATM 789 O O     . HOH D 4 .  ? 9.597   -4.914  -9.395  1.00 49.21 ? 235  HOH A O     1 
HETATM 790 O O     . HOH D 4 .  ? 2.651   3.369   -18.706 1.00 49.80 ? 237  HOH A O     1 
HETATM 791 O O     . HOH D 4 .  ? 1.011   11.680  -18.951 1.00 50.84 ? 241  HOH A O     1 
HETATM 792 O O     . HOH D 4 .  ? -5.493  10.715  -16.225 1.00 51.16 ? 242  HOH A O     1 
HETATM 793 O O     . HOH D 4 .  ? -1.163  0.393   12.346  1.00 52.30 ? 245  HOH A O     1 
HETATM 794 O O     . HOH D 4 .  ? 2.305   13.759  -7.439  1.00 53.16 ? 246  HOH A O     1 
HETATM 795 O O     . HOH D 4 .  ? 6.402   -11.446 -4.108  1.00 54.60 ? 248  HOH A O     1 
HETATM 796 O O     . HOH D 4 .  ? 6.302   12.235  -11.318 1.00 56.48 ? 249  HOH A O     1 
HETATM 797 O O     . HOH D 4 .  ? -15.115 -11.015 5.874   1.00 55.20 ? 250  HOH A O     1 
HETATM 798 O O     . HOH E 4 .  ? 16.440  0.152   -8.169  1.00 24.84 ? 102  HOH B O     1 
HETATM 799 O O     . HOH E 4 .  ? -1.765  -8.180  2.785   1.00 26.19 ? 104  HOH B O     1 
HETATM 800 O O     . HOH E 4 .  ? -3.251  -7.719  -4.222  1.00 26.43 ? 105  HOH B O     1 
HETATM 801 O O     . HOH E 4 .  ? -1.649  -6.412  6.385   1.00 29.24 ? 107  HOH B O     1 
HETATM 802 O O     . HOH E 4 .  ? -5.207  -13.652 8.579   1.00 29.30 ? 108  HOH B O     1 
HETATM 803 O O     . HOH E 4 .  ? 10.640  0.873   -2.350  1.00 28.25 ? 109  HOH B O     1 
HETATM 804 O O     . HOH E 4 .  ? -14.737 5.920   -0.049  1.00 28.87 ? 110  HOH B O     1 
HETATM 805 O O     . HOH E 4 .  ? 8.551   7.857   -7.228  1.00 32.01 ? 113  HOH B O     1 
HETATM 806 O O     . HOH E 4 .  ? 5.749   -0.921  -15.100 1.00 33.49 ? 114  HOH B O     1 
HETATM 807 O O     . HOH E 4 .  ? -3.572  -6.667  -0.746  1.00 33.94 ? 116  HOH B O     1 
HETATM 808 O O     . HOH E 4 .  ? 5.950   -6.257  10.314  1.00 33.85 ? 117  HOH B O     1 
HETATM 809 O O     . HOH E 4 .  ? 11.672  -1.019  -8.771  1.00 33.16 ? 119  HOH B O     1 
HETATM 810 O O     . HOH E 4 .  ? 0.773   -5.967  10.390  1.00 34.53 ? 120  HOH B O     1 
HETATM 811 O O     . HOH E 4 .  ? 12.763  6.995   -8.228  1.00 34.25 ? 121  HOH B O     1 
HETATM 812 O O     . HOH E 4 .  ? 0.908   -6.491  6.945   1.00 34.67 ? 122  HOH B O     1 
HETATM 813 O O     . HOH E 4 .  ? 11.146  -0.675  -20.771 1.00 35.62 ? 123  HOH B O     1 
HETATM 814 O O     . HOH E 4 .  ? -7.634  5.340   1.371   1.00 35.72 ? 124  HOH B O     1 
HETATM 815 O O     . HOH E 4 .  ? 10.463  2.764   1.411   1.00 35.07 ? 125  HOH B O     1 
HETATM 816 O O     . HOH E 4 .  ? -4.535  0.121   -4.916  1.00 35.73 ? 127  HOH B O     1 
HETATM 817 O O     . HOH E 4 .  ? 10.592  6.839   -9.789  1.00 35.59 ? 128  HOH B O     1 
HETATM 818 O O     . HOH E 4 .  ? -1.690  -0.159  -3.429  1.00 35.70 ? 130  HOH B O     1 
HETATM 819 O O     . HOH E 4 .  ? 14.706  3.737   -0.700  1.00 35.86 ? 131  HOH B O     1 
HETATM 820 O O     . HOH E 4 .  ? 7.999   7.356   -10.216 1.00 36.31 ? 134  HOH B O     1 
HETATM 821 O O     . HOH E 4 .  ? -2.481  -15.273 9.032   1.00 35.74 ? 135  HOH B O     1 
HETATM 822 O O     . HOH E 4 .  ? -3.694  5.687   -4.687  1.00 36.04 ? 138  HOH B O     1 
HETATM 823 O O     . HOH E 4 .  ? -0.140  -8.907  -0.651  1.00 37.88 ? 139  HOH B O     1 
HETATM 824 O O     . HOH E 4 .  ? 10.430  8.424   -5.485  1.00 36.31 ? 141  HOH B O     1 
HETATM 825 O O     . HOH E 4 .  ? 16.620  4.844   -2.347  1.00 36.47 ? 142  HOH B O     1 
HETATM 826 O O     . HOH E 4 .  ? 5.708   -6.719  7.540   1.00 38.72 ? 144  HOH B O     1 
HETATM 827 O O     . HOH E 4 .  ? 18.454  6.157   -10.527 1.00 38.84 ? 145  HOH B O     1 
HETATM 828 O O     . HOH E 4 .  ? 16.715  5.358   -13.845 1.00 37.06 ? 146  HOH B O     1 
HETATM 829 O O     . HOH E 4 .  ? 5.946   -8.198  16.385  1.00 37.13 ? 148  HOH B O     1 
HETATM 830 O O     . HOH E 4 .  ? -9.431  -10.197 3.722   1.00 38.52 ? 152  HOH B O     1 
HETATM 831 O O     . HOH E 4 .  ? -9.847  3.636   -7.675  1.00 38.76 ? 153  HOH B O     1 
HETATM 832 O O     . HOH E 4 .  ? -0.612  -11.261 -2.455  1.00 38.43 ? 154  HOH B O     1 
HETATM 833 O O     . HOH E 4 .  ? 2.149   -14.246 9.572   1.00 38.78 ? 155  HOH B O     1 
HETATM 834 O O     . HOH E 4 .  ? -0.404  -3.779  12.928  1.00 39.39 ? 157  HOH B O     1 
HETATM 835 O O     . HOH E 4 .  ? -12.696 -1.879  -3.549  1.00 39.16 ? 159  HOH B O     1 
HETATM 836 O O     . HOH E 4 .  ? -12.006 -0.036  -0.003  1.00 40.52 ? 160  HOH B O     1 
HETATM 837 O O     . HOH E 4 .  ? -5.234  2.338   -6.923  1.00 40.39 ? 164  HOH B O     1 
HETATM 838 O O     . HOH E 4 .  ? -15.714 4.068   1.198   1.00 41.96 ? 165  HOH B O     1 
HETATM 839 O O     . HOH E 4 .  ? -11.148 5.591   -3.523  1.00 41.97 ? 166  HOH B O     1 
HETATM 840 O O     . HOH E 4 .  ? -11.725 -6.232  -0.385  1.00 42.35 ? 168  HOH B O     1 
HETATM 841 O O     . HOH E 4 .  ? 2.271   -7.411  4.682   1.00 41.78 ? 171  HOH B O     1 
HETATM 842 O O     . HOH E 4 .  ? -1.378  3.723   -4.787  1.00 42.59 ? 172  HOH B O     1 
HETATM 843 O O     . HOH E 4 .  ? -3.917  -1.850  -1.872  1.00 42.91 ? 173  HOH B O     1 
HETATM 844 O O     . HOH E 4 .  ? 13.069  4.953   -17.063 1.00 41.34 ? 174  HOH B O     1 
HETATM 845 O O     . HOH E 4 .  ? -7.424  12.742  -1.839  1.00 43.42 ? 176  HOH B O     1 
HETATM 846 O O     . HOH E 4 .  ? -3.456  -3.409  16.777  1.00 40.39 ? 178  HOH B O     1 
HETATM 847 O O     . HOH E 4 .  ? 1.451   -8.591  1.936   1.00 41.63 ? 179  HOH B O     1 
HETATM 848 O O     . HOH E 4 .  ? 1.327   -6.404  -0.604  1.00 43.39 ? 183  HOH B O     1 
HETATM 849 O O     . HOH E 4 .  ? 13.070  4.114   -24.258 1.00 43.85 ? 184  HOH B O     1 
HETATM 850 O O     . HOH E 4 .  ? 9.203   5.301   2.794   1.00 44.63 ? 185  HOH B O     1 
HETATM 851 O O     . HOH E 4 .  ? -4.515  12.441  -0.640  1.00 43.82 ? 191  HOH B O     1 
HETATM 852 O O     . HOH E 4 .  ? 10.558  7.860   -12.528 1.00 43.25 ? 192  HOH B O     1 
HETATM 853 O O     . HOH E 4 .  ? 11.685  8.140   -15.737 1.00 43.90 ? 193  HOH B O     1 
HETATM 854 O O     . HOH E 4 .  ? 2.820   -15.089 6.751   1.00 43.58 ? 199  HOH B O     1 
HETATM 855 O O     . HOH E 4 .  ? 9.297   -2.279  -20.933 1.00 43.84 ? 200  HOH B O     1 
HETATM 856 O O     . HOH E 4 .  ? -17.073 3.603   3.949   1.00 43.73 ? 201  HOH B O     1 
HETATM 857 O O     . HOH E 4 .  ? -8.132  1.469   -7.889  1.00 44.62 ? 202  HOH B O     1 
HETATM 858 O O     . HOH E 4 .  ? -5.304  -2.907  -6.498  1.00 43.52 ? 204  HOH B O     1 
HETATM 859 O O     . HOH E 4 .  ? 2.483   5.296   -4.470  1.00 42.04 ? 207  HOH B O     1 
HETATM 860 O O     . HOH E 4 .  ? -9.928  5.235   -9.513  1.00 42.91 ? 208  HOH B O     1 
HETATM 861 O O     . HOH E 4 .  ? -2.224  -0.710  -6.041  1.00 43.82 ? 209  HOH B O     1 
HETATM 862 O O     . HOH E 4 .  ? 4.293   -9.242  18.913  1.00 44.75 ? 211  HOH B O     1 
HETATM 863 O O     . HOH E 4 .  ? 1.624   1.239   15.716  1.00 44.39 ? 212  HOH B O     1 
HETATM 864 O O     . HOH E 4 .  ? -4.263  11.889  -4.461  1.00 45.90 ? 213  HOH B O     1 
HETATM 865 O O     . HOH E 4 .  ? -5.180  -5.993  -7.036  1.00 45.17 ? 214  HOH B O     1 
HETATM 866 O O     . HOH E 4 .  ? 11.037  -3.014  -7.493  1.00 45.08 ? 216  HOH B O     1 
HETATM 867 O O     . HOH E 4 .  ? 11.836  9.622   2.306   1.00 46.38 ? 217  HOH B O     1 
HETATM 868 O O     . HOH E 4 .  ? -5.067  -0.235  14.101  1.00 45.27 ? 218  HOH B O     1 
HETATM 869 O O     . HOH E 4 .  ? 2.750   7.919   -3.228  1.00 47.08 ? 220  HOH B O     1 
HETATM 870 O O     . HOH E 4 .  ? 7.859   -3.906  10.672  1.00 46.43 ? 221  HOH B O     1 
HETATM 871 O O     . HOH E 4 .  ? 11.532  -2.297  -11.419 1.00 46.78 ? 223  HOH B O     1 
HETATM 872 O O     . HOH E 4 .  ? 3.445   -12.447 3.151   1.00 46.89 ? 226  HOH B O     1 
HETATM 873 O O     . HOH E 4 .  ? 8.598   11.506  -6.814  1.00 48.55 ? 227  HOH B O     1 
HETATM 874 O O     . HOH E 4 .  ? 15.604  -0.538  -17.816 1.00 48.18 ? 231  HOH B O     1 
HETATM 875 O O     . HOH E 4 .  ? -6.117  10.814  1.983   1.00 49.81 ? 232  HOH B O     1 
HETATM 876 O O     . HOH E 4 .  ? -15.701 3.689   -2.179  1.00 48.65 ? 233  HOH B O     1 
HETATM 877 O O     . HOH E 4 .  ? 12.095  6.705   -20.145 1.00 49.12 ? 234  HOH B O     1 
HETATM 878 O O     . HOH E 4 .  ? -9.110  9.782   -9.206  1.00 49.24 ? 236  HOH B O     1 
HETATM 879 O O     . HOH E 4 .  ? -2.040  -2.333  -0.074  1.00 50.55 ? 238  HOH B O     1 
HETATM 880 O O     . HOH E 4 .  ? -2.717  -3.454  -5.140  1.00 51.71 ? 239  HOH B O     1 
HETATM 881 O O     . HOH E 4 .  ? -14.894 0.017   -1.846  1.00 50.16 ? 240  HOH B O     1 
HETATM 882 O O     . HOH E 4 .  ? -8.064  7.133   -10.490 1.00 51.22 ? 243  HOH B O     1 
HETATM 883 O O     . HOH E 4 .  ? 9.462   -2.236  10.795  1.00 51.19 ? 244  HOH B O     1 
HETATM 884 O O     . HOH E 4 .  ? 4.135   6.413   -21.697 1.00 53.49 ? 247  HOH B O     1 
HETATM 885 O O     . HOH E 4 .  ? -13.525 -5.340  -2.470  1.00 57.73 ? 251  HOH B O     1 
HETATM 886 O O     A HOH E 4 .  ? -1.079  -3.904  -3.541  0.50 35.75 ? 252  HOH B O     1 
HETATM 887 O O     B HOH E 4 .  ? -0.107  -1.967  -3.260  0.50 35.15 ? 252  HOH B O     1 
# 
loop_
_pdbx_poly_seq_scheme.asym_id 
_pdbx_poly_seq_scheme.entity_id 
_pdbx_poly_seq_scheme.seq_id 
_pdbx_poly_seq_scheme.mon_id 
_pdbx_poly_seq_scheme.ndb_seq_num 
_pdbx_poly_seq_scheme.pdb_seq_num 
_pdbx_poly_seq_scheme.auth_seq_num 
_pdbx_poly_seq_scheme.pdb_mon_id 
_pdbx_poly_seq_scheme.auth_mon_id 
_pdbx_poly_seq_scheme.pdb_strand_id 
_pdbx_poly_seq_scheme.pdb_ins_code 
_pdbx_poly_seq_scheme.hetero 
A 1 1  G 1  1    1    G G A . n 
A 1 2  G 2  2    2    G G A . n 
A 1 3  G 3  3    3    G G A . n 
A 1 4  C 4  1404 1404 C C A . n 
A 1 5  G 5  1405 1405 G G A . n 
A 1 6  U 6  1406 1406 U U A . n 
A 1 7  C 7  1407 1407 C C A . n 
A 1 8  G 8  1408 1408 G G A . n 
A 1 9  C 9  1409 1409 C C A . n 
A 1 10 U 10 1410 1410 U U A . n 
A 1 11 A 11 1411 1411 A A A . n 
A 1 12 G 12 1412 1412 G G A . n 
A 1 13 U 13 1413 1413 U U A . n 
A 1 14 A 14 14   14   A A A . n 
A 1 15 C 15 15   15   C C A . n 
A 1 16 C 16 16   16   C C A . n 
B 2 1  C 1  83   83   C C B . n 
B 2 2  G 2  84   84   G G B . n 
B 2 3  G 3  85   85   G G B . n 
B 2 4  U 4  86   86   U U B . n 
B 2 5  A 5  1487 1487 A A B . n 
B 2 6  C 6  1488 1488 C C B . n 
B 2 7  U 7  1489 1489 U U B . n 
B 2 8  A 8  1490 1490 A A B . n 
B 2 9  A 9  1491 1491 A A B . n 
B 2 10 A 10 1492 1492 A A B . n 
B 2 11 A 11 1493 1493 A A B . n 
B 2 12 G 12 1494 1494 G G B . n 
B 2 13 U 13 1495 1495 U U B . n 
B 2 14 C 14 1496 1496 C C B . n 
B 2 15 G 15 1497 1497 G G B . n 
B 2 16 C 16 98   98   C C B . n 
B 2 17 C 17 99   99   C C B . n 
# 
loop_
_pdbx_nonpoly_scheme.asym_id 
_pdbx_nonpoly_scheme.entity_id 
_pdbx_nonpoly_scheme.mon_id 
_pdbx_nonpoly_scheme.ndb_seq_num 
_pdbx_nonpoly_scheme.pdb_seq_num 
_pdbx_nonpoly_scheme.auth_seq_num 
_pdbx_nonpoly_scheme.pdb_mon_id 
_pdbx_nonpoly_scheme.auth_mon_id 
_pdbx_nonpoly_scheme.pdb_strand_id 
_pdbx_nonpoly_scheme.pdb_ins_code 
C 3 AM2 1  101 101 AM2 APR B . 
D 4 HOH 1  103 103 HOH HOH A . 
D 4 HOH 2  106 106 HOH HOH A . 
D 4 HOH 3  111 111 HOH HOH A . 
D 4 HOH 4  112 112 HOH HOH A . 
D 4 HOH 5  115 115 HOH HOH A . 
D 4 HOH 6  118 118 HOH HOH A . 
D 4 HOH 7  126 126 HOH HOH A . 
D 4 HOH 8  129 129 HOH HOH A . 
D 4 HOH 9  132 132 HOH HOH A . 
D 4 HOH 10 133 133 HOH HOH A . 
D 4 HOH 11 136 136 HOH HOH A . 
D 4 HOH 12 137 137 HOH HOH A . 
D 4 HOH 13 140 140 HOH HOH A . 
D 4 HOH 14 143 143 HOH HOH A . 
D 4 HOH 15 147 147 HOH HOH A . 
D 4 HOH 16 149 149 HOH HOH A . 
D 4 HOH 17 150 150 HOH HOH A . 
D 4 HOH 18 151 151 HOH HOH A . 
D 4 HOH 19 156 156 HOH HOH A . 
D 4 HOH 20 158 158 HOH HOH A . 
D 4 HOH 21 161 161 HOH HOH A . 
D 4 HOH 22 162 162 HOH HOH A . 
D 4 HOH 23 163 163 HOH HOH A . 
D 4 HOH 24 167 167 HOH HOH A . 
D 4 HOH 25 169 169 HOH HOH A . 
D 4 HOH 26 170 170 HOH HOH A . 
D 4 HOH 27 175 175 HOH HOH A . 
D 4 HOH 28 177 177 HOH HOH A . 
D 4 HOH 29 180 180 HOH HOH A . 
D 4 HOH 30 181 181 HOH HOH A . 
D 4 HOH 31 182 182 HOH HOH A . 
D 4 HOH 32 186 186 HOH HOH A . 
D 4 HOH 33 187 187 HOH HOH A . 
D 4 HOH 34 188 188 HOH HOH A . 
D 4 HOH 35 189 189 HOH HOH A . 
D 4 HOH 36 190 190 HOH HOH A . 
D 4 HOH 37 194 194 HOH HOH A . 
D 4 HOH 38 195 195 HOH HOH A . 
D 4 HOH 39 196 196 HOH HOH A . 
D 4 HOH 40 197 197 HOH HOH A . 
D 4 HOH 41 198 198 HOH HOH A . 
D 4 HOH 42 203 203 HOH HOH A . 
D 4 HOH 43 205 205 HOH HOH A . 
D 4 HOH 44 206 206 HOH HOH A . 
D 4 HOH 45 210 210 HOH HOH A . 
D 4 HOH 46 215 215 HOH HOH A . 
D 4 HOH 47 219 219 HOH HOH A . 
D 4 HOH 48 222 222 HOH HOH A . 
D 4 HOH 49 224 224 HOH HOH A . 
D 4 HOH 50 225 225 HOH HOH A . 
D 4 HOH 51 228 228 HOH HOH A . 
D 4 HOH 52 229 229 HOH HOH A . 
D 4 HOH 53 230 230 HOH HOH A . 
D 4 HOH 54 235 235 HOH HOH A . 
D 4 HOH 55 237 237 HOH HOH A . 
D 4 HOH 56 241 241 HOH HOH A . 
D 4 HOH 57 242 242 HOH HOH A . 
D 4 HOH 58 245 245 HOH HOH A . 
D 4 HOH 59 246 246 HOH HOH A . 
D 4 HOH 60 248 248 HOH HOH A . 
D 4 HOH 61 249 249 HOH HOH A . 
D 4 HOH 62 250 250 HOH HOH A . 
E 4 HOH 1  102 102 HOH HOH B . 
E 4 HOH 2  104 104 HOH HOH B . 
E 4 HOH 3  105 105 HOH HOH B . 
E 4 HOH 4  107 107 HOH HOH B . 
E 4 HOH 5  108 108 HOH HOH B . 
E 4 HOH 6  109 109 HOH HOH B . 
E 4 HOH 7  110 110 HOH HOH B . 
E 4 HOH 8  113 113 HOH HOH B . 
E 4 HOH 9  114 114 HOH HOH B . 
E 4 HOH 10 116 116 HOH HOH B . 
E 4 HOH 11 117 117 HOH HOH B . 
E 4 HOH 12 119 119 HOH HOH B . 
E 4 HOH 13 120 120 HOH HOH B . 
E 4 HOH 14 121 121 HOH HOH B . 
E 4 HOH 15 122 122 HOH HOH B . 
E 4 HOH 16 123 123 HOH HOH B . 
E 4 HOH 17 124 124 HOH HOH B . 
E 4 HOH 18 125 125 HOH HOH B . 
E 4 HOH 19 127 127 HOH HOH B . 
E 4 HOH 20 128 128 HOH HOH B . 
E 4 HOH 21 130 130 HOH HOH B . 
E 4 HOH 22 131 131 HOH HOH B . 
E 4 HOH 23 134 134 HOH HOH B . 
E 4 HOH 24 135 135 HOH HOH B . 
E 4 HOH 25 138 138 HOH HOH B . 
E 4 HOH 26 139 139 HOH HOH B . 
E 4 HOH 27 141 141 HOH HOH B . 
E 4 HOH 28 142 142 HOH HOH B . 
E 4 HOH 29 144 144 HOH HOH B . 
E 4 HOH 30 145 145 HOH HOH B . 
E 4 HOH 31 146 146 HOH HOH B . 
E 4 HOH 32 148 148 HOH HOH B . 
E 4 HOH 33 152 152 HOH HOH B . 
E 4 HOH 34 153 153 HOH HOH B . 
E 4 HOH 35 154 154 HOH HOH B . 
E 4 HOH 36 155 155 HOH HOH B . 
E 4 HOH 37 157 157 HOH HOH B . 
E 4 HOH 38 159 159 HOH HOH B . 
E 4 HOH 39 160 160 HOH HOH B . 
E 4 HOH 40 164 164 HOH HOH B . 
E 4 HOH 41 165 165 HOH HOH B . 
E 4 HOH 42 166 166 HOH HOH B . 
E 4 HOH 43 168 168 HOH HOH B . 
E 4 HOH 44 171 171 HOH HOH B . 
E 4 HOH 45 172 172 HOH HOH B . 
E 4 HOH 46 173 173 HOH HOH B . 
E 4 HOH 47 174 174 HOH HOH B . 
E 4 HOH 48 176 176 HOH HOH B . 
E 4 HOH 49 178 178 HOH HOH B . 
E 4 HOH 50 179 179 HOH HOH B . 
E 4 HOH 51 183 183 HOH HOH B . 
E 4 HOH 52 184 184 HOH HOH B . 
E 4 HOH 53 185 185 HOH HOH B . 
E 4 HOH 54 191 191 HOH HOH B . 
E 4 HOH 55 192 192 HOH HOH B . 
E 4 HOH 56 193 193 HOH HOH B . 
E 4 HOH 57 199 199 HOH HOH B . 
E 4 HOH 58 200 200 HOH HOH B . 
E 4 HOH 59 201 201 HOH HOH B . 
E 4 HOH 60 202 202 HOH HOH B . 
E 4 HOH 61 204 204 HOH HOH B . 
E 4 HOH 62 207 207 HOH HOH B . 
E 4 HOH 63 208 208 HOH HOH B . 
E 4 HOH 64 209 209 HOH HOH B . 
E 4 HOH 65 211 211 HOH HOH B . 
E 4 HOH 66 212 212 HOH HOH B . 
E 4 HOH 67 213 213 HOH HOH B . 
E 4 HOH 68 214 214 HOH HOH B . 
E 4 HOH 69 216 216 HOH HOH B . 
E 4 HOH 70 217 217 HOH HOH B . 
E 4 HOH 71 218 218 HOH HOH B . 
E 4 HOH 72 220 220 HOH HOH B . 
E 4 HOH 73 221 221 HOH HOH B . 
E 4 HOH 74 223 223 HOH HOH B . 
E 4 HOH 75 226 226 HOH HOH B . 
E 4 HOH 76 227 227 HOH HOH B . 
E 4 HOH 77 231 231 HOH HOH B . 
E 4 HOH 78 232 232 HOH HOH B . 
E 4 HOH 79 233 233 HOH HOH B . 
E 4 HOH 80 234 234 HOH HOH B . 
E 4 HOH 81 236 236 HOH HOH B . 
E 4 HOH 82 238 238 HOH HOH B . 
E 4 HOH 83 239 239 HOH HOH B . 
E 4 HOH 84 240 240 HOH HOH B . 
E 4 HOH 85 243 243 HOH HOH B . 
E 4 HOH 86 244 244 HOH HOH B . 
E 4 HOH 87 247 247 HOH HOH B . 
E 4 HOH 88 251 251 HOH HOH B . 
E 4 HOH 89 252 252 HOH HOH B . 
# 
_struct_site_keywords.site_id   1 
_struct_site_keywords.text      'major groove binder' 
# 
_pdbx_struct_assembly.id                   1 
_pdbx_struct_assembly.details              author_defined_assembly 
_pdbx_struct_assembly.method_details       ? 
_pdbx_struct_assembly.oligomeric_details   dimeric 
_pdbx_struct_assembly.oligomeric_count     2 
# 
_pdbx_struct_assembly_gen.assembly_id       1 
_pdbx_struct_assembly_gen.oper_expression   1 
_pdbx_struct_assembly_gen.asym_id_list      A,B,C,D,E 
# 
_pdbx_struct_oper_list.id                   1 
_pdbx_struct_oper_list.type                 'identity operation' 
_pdbx_struct_oper_list.name                 1_555 
_pdbx_struct_oper_list.symmetry_operation   x,y,z 
_pdbx_struct_oper_list.matrix[1][1]         1.0000000000 
_pdbx_struct_oper_list.matrix[1][2]         0.0000000000 
_pdbx_struct_oper_list.matrix[1][3]         0.0000000000 
_pdbx_struct_oper_list.vector[1]            0.0000000000 
_pdbx_struct_oper_list.matrix[2][1]         0.0000000000 
_pdbx_struct_oper_list.matrix[2][2]         1.0000000000 
_pdbx_struct_oper_list.matrix[2][3]         0.0000000000 
_pdbx_struct_oper_list.vector[2]            0.0000000000 
_pdbx_struct_oper_list.matrix[3][1]         0.0000000000 
_pdbx_struct_oper_list.matrix[3][2]         0.0000000000 
_pdbx_struct_oper_list.matrix[3][3]         1.0000000000 
_pdbx_struct_oper_list.vector[3]            0.0000000000 
# 
loop_
_pdbx_audit_revision_history.ordinal 
_pdbx_audit_revision_history.data_content_type 
_pdbx_audit_revision_history.major_revision 
_pdbx_audit_revision_history.minor_revision 
_pdbx_audit_revision_history.revision_date 
1 'Structure model' 1 0 2007-02-13 
2 'Structure model' 1 1 2008-05-01 
3 'Structure model' 1 2 2011-07-13 
4 'Structure model' 1 3 2023-08-30 
# 
_pdbx_audit_revision_details.ordinal             1 
_pdbx_audit_revision_details.revision_ordinal    1 
_pdbx_audit_revision_details.data_content_type   'Structure model' 
_pdbx_audit_revision_details.provider            repository 
_pdbx_audit_revision_details.type                'Initial release' 
_pdbx_audit_revision_details.description         ? 
_pdbx_audit_revision_details.details             ? 
# 
loop_
_pdbx_audit_revision_group.ordinal 
_pdbx_audit_revision_group.revision_ordinal 
_pdbx_audit_revision_group.data_content_type 
_pdbx_audit_revision_group.group 
1 2 'Structure model' 'Version format compliance' 
2 3 'Structure model' Advisory                    
3 3 'Structure model' 'Version format compliance' 
4 4 'Structure model' 'Data collection'           
5 4 'Structure model' 'Database references'       
6 4 'Structure model' 'Derived calculations'      
7 4 'Structure model' 'Refinement description'    
8 4 'Structure model' 'Structure summary'         
# 
loop_
_pdbx_audit_revision_category.ordinal 
_pdbx_audit_revision_category.revision_ordinal 
_pdbx_audit_revision_category.data_content_type 
_pdbx_audit_revision_category.category 
1 4 'Structure model' chem_comp                     
2 4 'Structure model' chem_comp_atom                
3 4 'Structure model' chem_comp_bond                
4 4 'Structure model' database_2                    
5 4 'Structure model' pdbx_initial_refinement_model 
6 4 'Structure model' struct_site                   
# 
loop_
_pdbx_audit_revision_item.ordinal 
_pdbx_audit_revision_item.revision_ordinal 
_pdbx_audit_revision_item.data_content_type 
_pdbx_audit_revision_item.item 
1 4 'Structure model' '_chem_comp.pdbx_synonyms'            
2 4 'Structure model' '_database_2.pdbx_DOI'                
3 4 'Structure model' '_database_2.pdbx_database_accession' 
4 4 'Structure model' '_struct_site.pdbx_auth_asym_id'      
5 4 'Structure model' '_struct_site.pdbx_auth_comp_id'      
6 4 'Structure model' '_struct_site.pdbx_auth_seq_id'       
# 
_pdbx_refine_tls.id               1 
_pdbx_refine_tls.details          ? 
_pdbx_refine_tls.method           refined 
_pdbx_refine_tls.origin_x         -0.0456 
_pdbx_refine_tls.origin_y         -0.0490 
_pdbx_refine_tls.origin_z         0.1654 
_pdbx_refine_tls.T[1][1]          0.0543 
_pdbx_refine_tls.T[2][2]          0.0014 
_pdbx_refine_tls.T[3][3]          0.0811 
_pdbx_refine_tls.T[1][2]          -0.0071 
_pdbx_refine_tls.T[1][3]          -0.0121 
_pdbx_refine_tls.T[2][3]          0.0081 
_pdbx_refine_tls.L[1][1]          1.1165 
_pdbx_refine_tls.L[2][2]          0.6181 
_pdbx_refine_tls.L[3][3]          0.7525 
_pdbx_refine_tls.L[1][2]          0.6649 
_pdbx_refine_tls.L[1][3]          0.1455 
_pdbx_refine_tls.L[2][3]          0.0035 
_pdbx_refine_tls.S[1][1]          0.0080 
_pdbx_refine_tls.S[1][2]          -0.0202 
_pdbx_refine_tls.S[1][3]          0.1689 
_pdbx_refine_tls.S[2][1]          0.0483 
_pdbx_refine_tls.S[2][2]          -0.0703 
_pdbx_refine_tls.S[2][3]          0.0939 
_pdbx_refine_tls.S[3][1]          -0.0449 
_pdbx_refine_tls.S[3][2]          -0.0149 
_pdbx_refine_tls.S[3][3]          0.0623 
_pdbx_refine_tls.pdbx_refine_id   'X-RAY DIFFRACTION' 
# 
loop_
_pdbx_refine_tls_group.id 
_pdbx_refine_tls_group.refine_tls_id 
_pdbx_refine_tls_group.beg_auth_asym_id 
_pdbx_refine_tls_group.beg_auth_seq_id 
_pdbx_refine_tls_group.beg_label_asym_id 
_pdbx_refine_tls_group.beg_label_seq_id 
_pdbx_refine_tls_group.end_auth_asym_id 
_pdbx_refine_tls_group.end_auth_seq_id 
_pdbx_refine_tls_group.end_label_asym_id 
_pdbx_refine_tls_group.end_label_seq_id 
_pdbx_refine_tls_group.selection 
_pdbx_refine_tls_group.pdbx_refine_id 
_pdbx_refine_tls_group.selection_details 
1 1 A 1    A 1  A 3    A 3  ? 'X-RAY DIFFRACTION' ? 
2 1 A 1404 A 4  A 1413 A 13 ? 'X-RAY DIFFRACTION' ? 
3 1 A 14   A 14 A 16   A 16 ? 'X-RAY DIFFRACTION' ? 
4 1 B 83   B 1  B 86   B 4  ? 'X-RAY DIFFRACTION' ? 
5 1 B 1487 B 5  B 1497 B 15 ? 'X-RAY DIFFRACTION' ? 
6 1 B 98   B 16 B 99   B 17 ? 'X-RAY DIFFRACTION' ? 
7 1 B 101  C ?  B 252  E ?  ? 'X-RAY DIFFRACTION' ? 
# 
loop_
_software.name 
_software.classification 
_software.version 
_software.citation_id 
_software.pdbx_ordinal 
REFMAC   refinement        5.0 ? 1 
HKL-2000 'data collection' .   ? 2 
HKL-2000 'data reduction'  .   ? 3 
HKL-2000 'data scaling'    .   ? 4 
AMoRE    phasing           .   ? 5 
# 
_pdbx_database_remark.id     999 
_pdbx_database_remark.text   
;SEQUENCE
THE RESIDUES THAT ARE NATURALLY OCCURING IN THE HUMAN
RIBOSOMAL DECODING A SITE ARE NUMBERED 1404-1413 (CHAIN A)
AND 1487-1497 (CHAIN B). THIS NUMBERING IS ADAPTED FROM
THE BACTERIAL ESCHERICHIA COLI SEQUENCE. IN BOTH STRANDS
TERMINAL RESIDUES ARE DISTINCT FROM HUMAN AND
WERE INCORPORATED FOR CRYSTALLIZATION PURPOSES. THE
INCORPORATED RESIDUES ARE NUMBERED 1-3, 14-16 (CHAIN A)
AND 83-86,98-99 (CHAIN B)
;
# 
_pdbx_validate_rmsd_angle.id                         1 
_pdbx_validate_rmsd_angle.PDB_model_num              1 
_pdbx_validate_rmsd_angle.auth_atom_id_1             N9 
_pdbx_validate_rmsd_angle.auth_asym_id_1             B 
_pdbx_validate_rmsd_angle.auth_comp_id_1             A 
_pdbx_validate_rmsd_angle.auth_seq_id_1              1491 
_pdbx_validate_rmsd_angle.PDB_ins_code_1             ? 
_pdbx_validate_rmsd_angle.label_alt_id_1             ? 
_pdbx_validate_rmsd_angle.auth_atom_id_2             "C1'" 
_pdbx_validate_rmsd_angle.auth_asym_id_2             B 
_pdbx_validate_rmsd_angle.auth_comp_id_2             A 
_pdbx_validate_rmsd_angle.auth_seq_id_2              1491 
_pdbx_validate_rmsd_angle.PDB_ins_code_2             ? 
_pdbx_validate_rmsd_angle.label_alt_id_2             ? 
_pdbx_validate_rmsd_angle.auth_atom_id_3             "C2'" 
_pdbx_validate_rmsd_angle.auth_asym_id_3             B 
_pdbx_validate_rmsd_angle.auth_comp_id_3             A 
_pdbx_validate_rmsd_angle.auth_seq_id_3              1491 
_pdbx_validate_rmsd_angle.PDB_ins_code_3             ? 
_pdbx_validate_rmsd_angle.label_alt_id_3             ? 
_pdbx_validate_rmsd_angle.angle_value                123.06 
_pdbx_validate_rmsd_angle.angle_target_value         114.00 
_pdbx_validate_rmsd_angle.angle_deviation            9.06 
_pdbx_validate_rmsd_angle.angle_standard_deviation   1.30 
_pdbx_validate_rmsd_angle.linker_flag                N 
# 
loop_
_chem_comp_atom.comp_id 
_chem_comp_atom.atom_id 
_chem_comp_atom.type_symbol 
_chem_comp_atom.pdbx_aromatic_flag 
_chem_comp_atom.pdbx_stereo_config 
_chem_comp_atom.pdbx_ordinal 
A   OP3    O N N 1   
A   P      P N N 2   
A   OP1    O N N 3   
A   OP2    O N N 4   
A   "O5'"  O N N 5   
A   "C5'"  C N N 6   
A   "C4'"  C N R 7   
A   "O4'"  O N N 8   
A   "C3'"  C N S 9   
A   "O3'"  O N N 10  
A   "C2'"  C N R 11  
A   "O2'"  O N N 12  
A   "C1'"  C N R 13  
A   N9     N Y N 14  
A   C8     C Y N 15  
A   N7     N Y N 16  
A   C5     C Y N 17  
A   C6     C Y N 18  
A   N6     N N N 19  
A   N1     N Y N 20  
A   C2     C Y N 21  
A   N3     N Y N 22  
A   C4     C Y N 23  
A   HOP3   H N N 24  
A   HOP2   H N N 25  
A   "H5'"  H N N 26  
A   "H5''" H N N 27  
A   "H4'"  H N N 28  
A   "H3'"  H N N 29  
A   "HO3'" H N N 30  
A   "H2'"  H N N 31  
A   "HO2'" H N N 32  
A   "H1'"  H N N 33  
A   H8     H N N 34  
A   H61    H N N 35  
A   H62    H N N 36  
A   H2     H N N 37  
AM2 CA1    C N S 38  
AM2 CA2    C N R 39  
AM2 CA3    C N N 40  
AM2 CA4    C N S 41  
AM2 CA5    C N R 42  
AM2 CA6    C N R 43  
AM2 CA7    C N S 44  
AM2 CA8    C N R 45  
AM2 CA9    C N N 46  
AM2 OA4    O N N 47  
AM2 OA5    O N N 48  
AM2 NA2    N N N 49  
AM2 NA7    N N N 50  
AM2 OA6    O N N 51  
AM2 OA8    O N N 52  
AM2 OA1    O N N 53  
AM2 CB1    C N R 54  
AM2 CB2    C N R 55  
AM2 CB3    C N S 56  
AM2 CB4    C N S 57  
AM2 CB5    C N S 58  
AM2 CB6    C N N 59  
AM2 OB1    O N N 60  
AM2 NB4    N N N 61  
AM2 OB2    O N N 62  
AM2 OB3    O N N 63  
AM2 OB6    O N N 64  
AM2 CC1    C N R 65  
AM2 CC2    C N R 66  
AM2 CC3    C N S 67  
AM2 CC4    C N R 68  
AM2 CC5    C N N 69  
AM2 CC6    C N S 70  
AM2 NC4    N N N 71  
AM2 NC6    N N N 72  
AM2 OC2    O N N 73  
AM2 OC3    O N N 74  
AM2 HA1    H N N 75  
AM2 HA2    H N N 76  
AM2 HA31   H N N 77  
AM2 HA32   H N N 78  
AM2 HA4    H N N 79  
AM2 HA5    H N N 80  
AM2 HA6    H N N 81  
AM2 HA7    H N N 82  
AM2 HA8    H N N 83  
AM2 HA91   H N N 84  
AM2 HA92   H N N 85  
AM2 HA93   H N N 86  
AM2 HA21   H N N 87  
AM2 HA22   H N N 88  
AM2 H2     H N N 89  
AM2 H1     H N N 90  
AM2 HB1    H N N 91  
AM2 HB2    H N N 92  
AM2 HB3    H N N 93  
AM2 HB4    H N N 94  
AM2 HB5    H N N 95  
AM2 HB61   H N N 96  
AM2 HB62   H N N 97  
AM2 HB41   H N N 98  
AM2 HB42   H N N 99  
AM2 H5     H N N 100 
AM2 H6     H N N 101 
AM2 HB6    H N N 102 
AM2 HC1    H N N 103 
AM2 HC2    H N N 104 
AM2 HC3    H N N 105 
AM2 HC4    H N N 106 
AM2 HC51   H N N 107 
AM2 HC52   H N N 108 
AM2 HC6    H N N 109 
AM2 HC41   H N N 110 
AM2 HC42   H N N 111 
AM2 HC61   H N N 112 
AM2 HC62   H N N 113 
AM2 H3     H N N 114 
AM2 H4     H N N 115 
C   OP3    O N N 116 
C   P      P N N 117 
C   OP1    O N N 118 
C   OP2    O N N 119 
C   "O5'"  O N N 120 
C   "C5'"  C N N 121 
C   "C4'"  C N R 122 
C   "O4'"  O N N 123 
C   "C3'"  C N S 124 
C   "O3'"  O N N 125 
C   "C2'"  C N R 126 
C   "O2'"  O N N 127 
C   "C1'"  C N R 128 
C   N1     N N N 129 
C   C2     C N N 130 
C   O2     O N N 131 
C   N3     N N N 132 
C   C4     C N N 133 
C   N4     N N N 134 
C   C5     C N N 135 
C   C6     C N N 136 
C   HOP3   H N N 137 
C   HOP2   H N N 138 
C   "H5'"  H N N 139 
C   "H5''" H N N 140 
C   "H4'"  H N N 141 
C   "H3'"  H N N 142 
C   "HO3'" H N N 143 
C   "H2'"  H N N 144 
C   "HO2'" H N N 145 
C   "H1'"  H N N 146 
C   H41    H N N 147 
C   H42    H N N 148 
C   H5     H N N 149 
C   H6     H N N 150 
G   OP3    O N N 151 
G   P      P N N 152 
G   OP1    O N N 153 
G   OP2    O N N 154 
G   "O5'"  O N N 155 
G   "C5'"  C N N 156 
G   "C4'"  C N R 157 
G   "O4'"  O N N 158 
G   "C3'"  C N S 159 
G   "O3'"  O N N 160 
G   "C2'"  C N R 161 
G   "O2'"  O N N 162 
G   "C1'"  C N R 163 
G   N9     N Y N 164 
G   C8     C Y N 165 
G   N7     N Y N 166 
G   C5     C Y N 167 
G   C6     C N N 168 
G   O6     O N N 169 
G   N1     N N N 170 
G   C2     C N N 171 
G   N2     N N N 172 
G   N3     N N N 173 
G   C4     C Y N 174 
G   HOP3   H N N 175 
G   HOP2   H N N 176 
G   "H5'"  H N N 177 
G   "H5''" H N N 178 
G   "H4'"  H N N 179 
G   "H3'"  H N N 180 
G   "HO3'" H N N 181 
G   "H2'"  H N N 182 
G   "HO2'" H N N 183 
G   "H1'"  H N N 184 
G   H8     H N N 185 
G   H1     H N N 186 
G   H21    H N N 187 
G   H22    H N N 188 
HOH O      O N N 189 
HOH H1     H N N 190 
HOH H2     H N N 191 
U   OP3    O N N 192 
U   P      P N N 193 
U   OP1    O N N 194 
U   OP2    O N N 195 
U   "O5'"  O N N 196 
U   "C5'"  C N N 197 
U   "C4'"  C N R 198 
U   "O4'"  O N N 199 
U   "C3'"  C N S 200 
U   "O3'"  O N N 201 
U   "C2'"  C N R 202 
U   "O2'"  O N N 203 
U   "C1'"  C N R 204 
U   N1     N N N 205 
U   C2     C N N 206 
U   O2     O N N 207 
U   N3     N N N 208 
U   C4     C N N 209 
U   O4     O N N 210 
U   C5     C N N 211 
U   C6     C N N 212 
U   HOP3   H N N 213 
U   HOP2   H N N 214 
U   "H5'"  H N N 215 
U   "H5''" H N N 216 
U   "H4'"  H N N 217 
U   "H3'"  H N N 218 
U   "HO3'" H N N 219 
U   "H2'"  H N N 220 
U   "HO2'" H N N 221 
U   "H1'"  H N N 222 
U   H3     H N N 223 
U   H5     H N N 224 
U   H6     H N N 225 
# 
loop_
_chem_comp_bond.comp_id 
_chem_comp_bond.atom_id_1 
_chem_comp_bond.atom_id_2 
_chem_comp_bond.value_order 
_chem_comp_bond.pdbx_aromatic_flag 
_chem_comp_bond.pdbx_stereo_config 
_chem_comp_bond.pdbx_ordinal 
A   OP3   P      sing N N 1   
A   OP3   HOP3   sing N N 2   
A   P     OP1    doub N N 3   
A   P     OP2    sing N N 4   
A   P     "O5'"  sing N N 5   
A   OP2   HOP2   sing N N 6   
A   "O5'" "C5'"  sing N N 7   
A   "C5'" "C4'"  sing N N 8   
A   "C5'" "H5'"  sing N N 9   
A   "C5'" "H5''" sing N N 10  
A   "C4'" "O4'"  sing N N 11  
A   "C4'" "C3'"  sing N N 12  
A   "C4'" "H4'"  sing N N 13  
A   "O4'" "C1'"  sing N N 14  
A   "C3'" "O3'"  sing N N 15  
A   "C3'" "C2'"  sing N N 16  
A   "C3'" "H3'"  sing N N 17  
A   "O3'" "HO3'" sing N N 18  
A   "C2'" "O2'"  sing N N 19  
A   "C2'" "C1'"  sing N N 20  
A   "C2'" "H2'"  sing N N 21  
A   "O2'" "HO2'" sing N N 22  
A   "C1'" N9     sing N N 23  
A   "C1'" "H1'"  sing N N 24  
A   N9    C8     sing Y N 25  
A   N9    C4     sing Y N 26  
A   C8    N7     doub Y N 27  
A   C8    H8     sing N N 28  
A   N7    C5     sing Y N 29  
A   C5    C6     sing Y N 30  
A   C5    C4     doub Y N 31  
A   C6    N6     sing N N 32  
A   C6    N1     doub Y N 33  
A   N6    H61    sing N N 34  
A   N6    H62    sing N N 35  
A   N1    C2     sing Y N 36  
A   C2    N3     doub Y N 37  
A   C2    H2     sing N N 38  
A   N3    C4     sing Y N 39  
AM2 CA1   CA2    sing N N 40  
AM2 CA1   OA4    sing N N 41  
AM2 CA1   OA1    sing N N 42  
AM2 CA1   HA1    sing N N 43  
AM2 CA2   CA3    sing N N 44  
AM2 CA2   NA2    sing N N 45  
AM2 CA2   HA2    sing N N 46  
AM2 CA3   CA4    sing N N 47  
AM2 CA3   HA31   sing N N 48  
AM2 CA3   HA32   sing N N 49  
AM2 CA4   CA5    sing N N 50  
AM2 CA4   OA5    sing N N 51  
AM2 CA4   HA4    sing N N 52  
AM2 CA5   CA6    sing N N 53  
AM2 CA5   OA4    sing N N 54  
AM2 CA5   HA5    sing N N 55  
AM2 CA6   CA7    sing N N 56  
AM2 CA6   OA6    sing N N 57  
AM2 CA6   HA6    sing N N 58  
AM2 CA7   CA8    sing N N 59  
AM2 CA7   NA7    sing N N 60  
AM2 CA7   HA7    sing N N 61  
AM2 CA8   OA5    sing N N 62  
AM2 CA8   OA8    sing N N 63  
AM2 CA8   HA8    sing N N 64  
AM2 CA9   NA7    sing N N 65  
AM2 CA9   HA91   sing N N 66  
AM2 CA9   HA92   sing N N 67  
AM2 CA9   HA93   sing N N 68  
AM2 NA2   HA21   sing N N 69  
AM2 NA2   HA22   sing N N 70  
AM2 NA7   H2     sing N N 71  
AM2 OA6   H1     sing N N 72  
AM2 OA8   CB1    sing N N 73  
AM2 OA1   CC1    sing N N 74  
AM2 CB1   CB2    sing N N 75  
AM2 CB1   OB1    sing N N 76  
AM2 CB1   HB1    sing N N 77  
AM2 CB2   CB3    sing N N 78  
AM2 CB2   OB2    sing N N 79  
AM2 CB2   HB2    sing N N 80  
AM2 CB3   CB4    sing N N 81  
AM2 CB3   OB3    sing N N 82  
AM2 CB3   HB3    sing N N 83  
AM2 CB4   CB5    sing N N 84  
AM2 CB4   NB4    sing N N 85  
AM2 CB4   HB4    sing N N 86  
AM2 CB5   CB6    sing N N 87  
AM2 CB5   OB1    sing N N 88  
AM2 CB5   HB5    sing N N 89  
AM2 CB6   OB6    sing N N 90  
AM2 CB6   HB61   sing N N 91  
AM2 CB6   HB62   sing N N 92  
AM2 NB4   HB41   sing N N 93  
AM2 NB4   HB42   sing N N 94  
AM2 OB2   H5     sing N N 95  
AM2 OB3   H6     sing N N 96  
AM2 OB6   HB6    sing N N 97  
AM2 CC1   CC2    sing N N 98  
AM2 CC1   CC6    sing N N 99  
AM2 CC1   HC1    sing N N 100 
AM2 CC2   CC3    sing N N 101 
AM2 CC2   OC2    sing N N 102 
AM2 CC2   HC2    sing N N 103 
AM2 CC3   CC4    sing N N 104 
AM2 CC3   OC3    sing N N 105 
AM2 CC3   HC3    sing N N 106 
AM2 CC4   CC5    sing N N 107 
AM2 CC4   NC4    sing N N 108 
AM2 CC4   HC4    sing N N 109 
AM2 CC5   CC6    sing N N 110 
AM2 CC5   HC51   sing N N 111 
AM2 CC5   HC52   sing N N 112 
AM2 CC6   NC6    sing N N 113 
AM2 CC6   HC6    sing N N 114 
AM2 NC4   HC41   sing N N 115 
AM2 NC4   HC42   sing N N 116 
AM2 NC6   HC61   sing N N 117 
AM2 NC6   HC62   sing N N 118 
AM2 OC2   H3     sing N N 119 
AM2 OC3   H4     sing N N 120 
C   OP3   P      sing N N 121 
C   OP3   HOP3   sing N N 122 
C   P     OP1    doub N N 123 
C   P     OP2    sing N N 124 
C   P     "O5'"  sing N N 125 
C   OP2   HOP2   sing N N 126 
C   "O5'" "C5'"  sing N N 127 
C   "C5'" "C4'"  sing N N 128 
C   "C5'" "H5'"  sing N N 129 
C   "C5'" "H5''" sing N N 130 
C   "C4'" "O4'"  sing N N 131 
C   "C4'" "C3'"  sing N N 132 
C   "C4'" "H4'"  sing N N 133 
C   "O4'" "C1'"  sing N N 134 
C   "C3'" "O3'"  sing N N 135 
C   "C3'" "C2'"  sing N N 136 
C   "C3'" "H3'"  sing N N 137 
C   "O3'" "HO3'" sing N N 138 
C   "C2'" "O2'"  sing N N 139 
C   "C2'" "C1'"  sing N N 140 
C   "C2'" "H2'"  sing N N 141 
C   "O2'" "HO2'" sing N N 142 
C   "C1'" N1     sing N N 143 
C   "C1'" "H1'"  sing N N 144 
C   N1    C2     sing N N 145 
C   N1    C6     sing N N 146 
C   C2    O2     doub N N 147 
C   C2    N3     sing N N 148 
C   N3    C4     doub N N 149 
C   C4    N4     sing N N 150 
C   C4    C5     sing N N 151 
C   N4    H41    sing N N 152 
C   N4    H42    sing N N 153 
C   C5    C6     doub N N 154 
C   C5    H5     sing N N 155 
C   C6    H6     sing N N 156 
G   OP3   P      sing N N 157 
G   OP3   HOP3   sing N N 158 
G   P     OP1    doub N N 159 
G   P     OP2    sing N N 160 
G   P     "O5'"  sing N N 161 
G   OP2   HOP2   sing N N 162 
G   "O5'" "C5'"  sing N N 163 
G   "C5'" "C4'"  sing N N 164 
G   "C5'" "H5'"  sing N N 165 
G   "C5'" "H5''" sing N N 166 
G   "C4'" "O4'"  sing N N 167 
G   "C4'" "C3'"  sing N N 168 
G   "C4'" "H4'"  sing N N 169 
G   "O4'" "C1'"  sing N N 170 
G   "C3'" "O3'"  sing N N 171 
G   "C3'" "C2'"  sing N N 172 
G   "C3'" "H3'"  sing N N 173 
G   "O3'" "HO3'" sing N N 174 
G   "C2'" "O2'"  sing N N 175 
G   "C2'" "C1'"  sing N N 176 
G   "C2'" "H2'"  sing N N 177 
G   "O2'" "HO2'" sing N N 178 
G   "C1'" N9     sing N N 179 
G   "C1'" "H1'"  sing N N 180 
G   N9    C8     sing Y N 181 
G   N9    C4     sing Y N 182 
G   C8    N7     doub Y N 183 
G   C8    H8     sing N N 184 
G   N7    C5     sing Y N 185 
G   C5    C6     sing N N 186 
G   C5    C4     doub Y N 187 
G   C6    O6     doub N N 188 
G   C6    N1     sing N N 189 
G   N1    C2     sing N N 190 
G   N1    H1     sing N N 191 
G   C2    N2     sing N N 192 
G   C2    N3     doub N N 193 
G   N2    H21    sing N N 194 
G   N2    H22    sing N N 195 
G   N3    C4     sing N N 196 
HOH O     H1     sing N N 197 
HOH O     H2     sing N N 198 
U   OP3   P      sing N N 199 
U   OP3   HOP3   sing N N 200 
U   P     OP1    doub N N 201 
U   P     OP2    sing N N 202 
U   P     "O5'"  sing N N 203 
U   OP2   HOP2   sing N N 204 
U   "O5'" "C5'"  sing N N 205 
U   "C5'" "C4'"  sing N N 206 
U   "C5'" "H5'"  sing N N 207 
U   "C5'" "H5''" sing N N 208 
U   "C4'" "O4'"  sing N N 209 
U   "C4'" "C3'"  sing N N 210 
U   "C4'" "H4'"  sing N N 211 
U   "O4'" "C1'"  sing N N 212 
U   "C3'" "O3'"  sing N N 213 
U   "C3'" "C2'"  sing N N 214 
U   "C3'" "H3'"  sing N N 215 
U   "O3'" "HO3'" sing N N 216 
U   "C2'" "O2'"  sing N N 217 
U   "C2'" "C1'"  sing N N 218 
U   "C2'" "H2'"  sing N N 219 
U   "O2'" "HO2'" sing N N 220 
U   "C1'" N1     sing N N 221 
U   "C1'" "H1'"  sing N N 222 
U   N1    C2     sing N N 223 
U   N1    C6     sing N N 224 
U   C2    O2     doub N N 225 
U   C2    N3     sing N N 226 
U   N3    C4     sing N N 227 
U   N3    H3     sing N N 228 
U   C4    O4     doub N N 229 
U   C4    C5     sing N N 230 
U   C5    C6     doub N N 231 
U   C5    H5     sing N N 232 
U   C6    H6     sing N N 233 
# 
loop_
_ndb_struct_conf_na.entry_id 
_ndb_struct_conf_na.feature 
2OE8 'double helix'         
2OE8 'a-form double helix'  
2OE8 'bulge loop'           
2OE8 'mismatched base pair' 
# 
loop_
_ndb_struct_na_base_pair.model_number 
_ndb_struct_na_base_pair.i_label_asym_id 
_ndb_struct_na_base_pair.i_label_comp_id 
_ndb_struct_na_base_pair.i_label_seq_id 
_ndb_struct_na_base_pair.i_symmetry 
_ndb_struct_na_base_pair.j_label_asym_id 
_ndb_struct_na_base_pair.j_label_comp_id 
_ndb_struct_na_base_pair.j_label_seq_id 
_ndb_struct_na_base_pair.j_symmetry 
_ndb_struct_na_base_pair.shear 
_ndb_struct_na_base_pair.stretch 
_ndb_struct_na_base_pair.stagger 
_ndb_struct_na_base_pair.buckle 
_ndb_struct_na_base_pair.propeller 
_ndb_struct_na_base_pair.opening 
_ndb_struct_na_base_pair.pair_number 
_ndb_struct_na_base_pair.pair_name 
_ndb_struct_na_base_pair.i_auth_asym_id 
_ndb_struct_na_base_pair.i_auth_seq_id 
_ndb_struct_na_base_pair.i_PDB_ins_code 
_ndb_struct_na_base_pair.j_auth_asym_id 
_ndb_struct_na_base_pair.j_auth_seq_id 
_ndb_struct_na_base_pair.j_PDB_ins_code 
_ndb_struct_na_base_pair.hbond_type_28 
_ndb_struct_na_base_pair.hbond_type_12 
1 A G 2  1_555 B C 17 1_555 -0.078 -0.095 -0.112 -4.730  -11.554 -1.901  1  A_G2:C99_B      A 2    ? B 99   ? 19 1 
1 A G 3  1_555 B C 16 1_555 -0.146 -0.337 -0.241 -4.901  -14.467 1.111   2  A_G3:C98_B      A 3    ? B 98   ? 19 1 
1 A C 4  1_555 B G 15 1_555 0.343  -0.064 -0.005 1.863   -10.803 0.515   3  A_C1404:G1497_B A 1404 ? B 1497 ? 19 1 
1 A G 5  1_555 B C 14 1_555 -0.329 -0.087 -0.226 -6.473  -13.928 2.567   4  A_G1405:C1496_B A 1405 ? B 1496 ? 19 1 
1 A U 6  1_555 B U 13 1_555 -2.374 -1.727 0.078  6.051   -17.426 1.012   5  A_U1406:U1495_B A 1406 ? B 1495 ? 16 1 
1 A C 7  1_555 B G 12 1_555 0.232  -0.185 -0.190 6.251   -14.169 2.249   6  A_C1407:G1494_B A 1407 ? B 1494 ? 19 1 
1 A G 8  1_555 B A 11 1_555 7.862  -4.773 -0.347 -19.035 -21.377 -53.012 7  A_G1408:A1493_B A 1408 ? B 1493 ? ?  ? 
1 A C 9  1_555 B A 10 1_555 -5.392 -0.936 0.546  16.277  -16.896 67.284  8  A_C1409:A1492_B A 1409 ? B 1492 ? ?  5 
1 A U 10 1_555 B A 8  1_555 -0.015 -0.072 0.183  -3.384  -13.802 1.833   9  A_U1410:A1490_B A 1410 ? B 1490 ? 20 1 
1 A A 11 1_555 B U 7  1_555 0.196  -0.213 0.287  1.181   -15.192 2.328   10 A_A1411:U1489_B A 1411 ? B 1489 ? 20 1 
1 A G 12 1_555 B C 6  1_555 -0.234 -0.205 0.164  -2.697  -17.667 -1.777  11 A_G1412:C1488_B A 1412 ? B 1488 ? 19 1 
1 A U 13 1_555 B A 5  1_555 0.057  -0.126 0.220  0.958   -12.410 5.963   12 A_U1413:A1487_B A 1413 ? B 1487 ? 20 1 
1 A A 14 1_555 B U 4  1_555 -0.132 -0.122 0.138  -2.537  -17.038 7.747   13 A_A14:U86_B     A 14   ? B 86   ? 20 1 
1 A C 15 1_555 B G 3  1_555 0.391  -0.201 -0.015 2.972   -14.698 0.696   14 A_C15:G85_B     A 15   ? B 85   ? 19 1 
1 A C 16 1_555 B G 2  1_555 0.582  -0.058 0.086  0.045   -7.811  2.980   15 A_C16:G84_B     A 16   ? B 84   ? 19 1 
# 
loop_
_ndb_struct_na_base_pair_step.model_number 
_ndb_struct_na_base_pair_step.i_label_asym_id_1 
_ndb_struct_na_base_pair_step.i_label_comp_id_1 
_ndb_struct_na_base_pair_step.i_label_seq_id_1 
_ndb_struct_na_base_pair_step.i_symmetry_1 
_ndb_struct_na_base_pair_step.j_label_asym_id_1 
_ndb_struct_na_base_pair_step.j_label_comp_id_1 
_ndb_struct_na_base_pair_step.j_label_seq_id_1 
_ndb_struct_na_base_pair_step.j_symmetry_1 
_ndb_struct_na_base_pair_step.i_label_asym_id_2 
_ndb_struct_na_base_pair_step.i_label_comp_id_2 
_ndb_struct_na_base_pair_step.i_label_seq_id_2 
_ndb_struct_na_base_pair_step.i_symmetry_2 
_ndb_struct_na_base_pair_step.j_label_asym_id_2 
_ndb_struct_na_base_pair_step.j_label_comp_id_2 
_ndb_struct_na_base_pair_step.j_label_seq_id_2 
_ndb_struct_na_base_pair_step.j_symmetry_2 
_ndb_struct_na_base_pair_step.shift 
_ndb_struct_na_base_pair_step.slide 
_ndb_struct_na_base_pair_step.rise 
_ndb_struct_na_base_pair_step.tilt 
_ndb_struct_na_base_pair_step.roll 
_ndb_struct_na_base_pair_step.twist 
_ndb_struct_na_base_pair_step.x_displacement 
_ndb_struct_na_base_pair_step.y_displacement 
_ndb_struct_na_base_pair_step.helical_rise 
_ndb_struct_na_base_pair_step.inclination 
_ndb_struct_na_base_pair_step.tip 
_ndb_struct_na_base_pair_step.helical_twist 
_ndb_struct_na_base_pair_step.step_number 
_ndb_struct_na_base_pair_step.step_name 
_ndb_struct_na_base_pair_step.i_auth_asym_id_1 
_ndb_struct_na_base_pair_step.i_auth_seq_id_1 
_ndb_struct_na_base_pair_step.i_PDB_ins_code_1 
_ndb_struct_na_base_pair_step.j_auth_asym_id_1 
_ndb_struct_na_base_pair_step.j_auth_seq_id_1 
_ndb_struct_na_base_pair_step.j_PDB_ins_code_1 
_ndb_struct_na_base_pair_step.i_auth_asym_id_2 
_ndb_struct_na_base_pair_step.i_auth_seq_id_2 
_ndb_struct_na_base_pair_step.i_PDB_ins_code_2 
_ndb_struct_na_base_pair_step.j_auth_asym_id_2 
_ndb_struct_na_base_pair_step.j_auth_seq_id_2 
_ndb_struct_na_base_pair_step.j_PDB_ins_code_2 
1 A G 2  1_555 B C 17 1_555 A G 3  1_555 B C 16 1_555 0.049  -1.107 3.213 -0.705 10.003 33.742 -3.229 -0.180 2.781 16.778 1.182  
35.159 1  AA_G2G3:C98C99_BB           A 2    ? B 99   ? A 3    ? B 98   ? 
1 A G 3  1_555 B C 16 1_555 A C 4  1_555 B G 15 1_555 0.381  -1.466 3.110 -0.275 4.894  30.786 -3.583 -0.757 2.846 9.146  0.515  
31.164 2  AA_G3C1404:G1497C98_BB      A 3    ? B 98   ? A 1404 ? B 1497 ? 
1 A C 4  1_555 B G 15 1_555 A G 5  1_555 B C 14 1_555 0.110  -1.512 3.320 1.156  14.877 27.792 -5.308 -0.006 2.244 28.517 -2.216 
31.474 3  AA_C1404G1405:C1496G1497_BB A 1404 ? B 1497 ? A 1405 ? B 1496 ? 
1 A G 5  1_555 B C 14 1_555 A U 6  1_555 B U 13 1_555 0.174  -1.823 2.704 -5.013 8.153  22.809 -6.068 -1.518 1.870 19.547 12.020 
24.712 4  AA_G1405U1406:U1495C1496_BB A 1405 ? B 1496 ? A 1406 ? B 1495 ? 
1 A U 6  1_555 B U 13 1_555 A C 7  1_555 B G 12 1_555 0.223  -1.107 3.341 2.058  4.595  46.025 -1.801 -0.107 3.229 5.856  -2.623 
46.285 5  AA_U1406C1407:G1494U1495_BB A 1406 ? B 1495 ? A 1407 ? B 1494 ? 
1 A C 7  1_555 B G 12 1_555 A G 8  1_555 B A 11 1_555 -4.260 -2.001 4.357 2.677  20.098 63.920 -2.799 4.003  3.502 18.501 -2.464 
66.732 6  AA_C1407G1408:A1493G1494_BB A 1407 ? B 1494 ? A 1408 ? B 1493 ? 
1 A C 9  1_555 B A 10 1_555 A U 10 1_555 B A 8  1_555 -0.595 0.726  3.675 -1.540 3.931  75.589 0.458  0.433  3.713 3.205  1.256  
75.689 7  AA_C1409U1410:A1490A1492_BB A 1409 ? B 1492 ? A 1410 ? B 1490 ? 
1 A U 10 1_555 B A 8  1_555 A A 11 1_555 B U 7  1_555 0.171  -1.138 2.998 -1.598 11.518 34.475 -3.214 -0.466 2.492 18.784 2.606  
36.327 8  AA_U1410A1411:U1489A1490_BB A 1410 ? B 1490 ? A 1411 ? B 1489 ? 
1 A A 11 1_555 B U 7  1_555 A G 12 1_555 B C 6  1_555 -0.594 -1.158 3.264 -0.023 9.103  31.529 -3.540 1.048  2.829 16.331 0.042  
32.784 9  AA_A1411G1412:C1488U1489_BB A 1411 ? B 1489 ? A 1412 ? B 1488 ? 
1 A G 12 1_555 B C 6  1_555 A U 13 1_555 B A 5  1_555 0.784  -1.062 3.122 -0.923 11.020 30.929 -3.582 -1.531 2.578 19.883 1.665  
32.801 10 AA_G1412U1413:A1487C1488_BB A 1412 ? B 1488 ? A 1413 ? B 1487 ? 
1 A U 13 1_555 B A 5  1_555 A A 14 1_555 B U 4  1_555 0.408  -1.467 3.044 0.785  16.358 33.183 -4.167 -0.557 2.123 26.715 -1.283 
36.902 11 AA_U1413A14:U86A1487_BB     A 1413 ? B 1487 ? A 14   ? B 86   ? 
1 A A 14 1_555 B U 4  1_555 A C 15 1_555 B G 3  1_555 -0.813 -1.252 3.096 -0.253 6.334  32.746 -3.144 1.379  2.818 11.105 0.444  
33.337 12 AA_A14C15:G85U86_BB         A 14   ? B 86   ? A 15   ? B 85   ? 
1 A C 15 1_555 B G 3  1_555 A C 16 1_555 B G 2  1_555 0.020  -1.350 3.399 -1.633 2.801  35.155 -2.651 -0.280 3.281 4.625  2.697  
35.300 13 AA_C15C16:G84G85_BB         A 15   ? B 85   ? A 16   ? B 84   ? 
# 
loop_
_pdbx_entity_nonpoly.entity_id 
_pdbx_entity_nonpoly.name 
_pdbx_entity_nonpoly.comp_id 
3 APRAMYCIN AM2 
4 water     HOH 
# 
_pdbx_initial_refinement_model.id               1 
_pdbx_initial_refinement_model.entity_id_list   ? 
_pdbx_initial_refinement_model.type             'experimental model' 
_pdbx_initial_refinement_model.source_name      PDB 
_pdbx_initial_refinement_model.accession_code   2OE5 
_pdbx_initial_refinement_model.details          ? 
# 
